data_9QH0
#
_entry.id   9QH0
#
_cell.length_a   1.00
_cell.length_b   1.00
_cell.length_c   1.00
_cell.angle_alpha   90.00
_cell.angle_beta   90.00
_cell.angle_gamma   90.00
#
_symmetry.space_group_name_H-M   'P 1'
#
loop_
_entity.id
_entity.type
_entity.pdbx_description
1 polymer 'Polyribonucleotide nucleotidyltransferase'
2 polymer 'Ribonuclease E'
3 water water
#
loop_
_entity_poly.entity_id
_entity_poly.type
_entity_poly.pdbx_seq_one_letter_code
_entity_poly.pdbx_strand_id
1 'polypeptide(L)'
;MLNPIVRKFQYGQHTVTLETGMMARQATAAVMVSMDDTAVFVTVVGQKKAKPGQDFFPLTVNYQERTYAAGRIPGSFFRR
EGRPSEGETLIARLIDRPIRPLFPEGFVNEVQVIATVVSVNPQVNPDIVAMIGASAALSLSGIPFNGPIGAARVGYINDQ
YVLNPTQDELKESKLDLVVAGTEAAVLMVESEAQLLSEDQMLGAVVFGHEQQQVVIQNINELVKEAGKPRWDWQPEPVNE
ALNARVAALAEARLSDAYRITDKQERYAQVDVIKSETIATLLAEDETLDENELGEILHAIEKNVVRSRVLAGEPRIDGRE
KDMIRGLDVRTGVLPRTHGSALFTRGETQALVTATLGTARDAQVLDELMGERTDTFLFHYNFPPYSVGETGMVGSPKRRE
IGHGRLAKRGVLAVMPDMDKFPYTVRVVSEITESNGSSSMASVCGASLALMDAGVPIKAAVAGIAMGLVKEGDNYVVLSD
ILGDEDHLGDMDFKVAGSRDGISALQMDIKIEGITKEIMQVALNQAKGARLHILGVMEQAINAPRGDIS
;
A,B,C
2 'polypeptide(L)' NHATAPMTRAPAPEYVPEAPRHSDWQRPTFAFEGKGAAGGHTATHHASAAPARPQPVE D
#
# COMPACT_ATOMS: atom_id res chain seq x y z
N MET A 1 -0.05 -20.67 40.31
CA MET A 1 -0.54 -20.28 38.98
C MET A 1 -0.73 -18.77 38.90
N LEU A 2 -1.26 -18.32 37.77
CA LEU A 2 -1.54 -16.90 37.61
C LEU A 2 -2.66 -16.46 38.53
N ASN A 3 -2.49 -15.27 39.12
CA ASN A 3 -3.47 -14.70 40.05
C ASN A 3 -4.04 -13.36 39.57
N PRO A 4 -5.24 -13.35 39.02
CA PRO A 4 -5.82 -12.09 38.54
C PRO A 4 -6.27 -11.21 39.70
N ILE A 5 -6.21 -9.90 39.45
CA ILE A 5 -6.71 -8.89 40.37
C ILE A 5 -7.93 -8.24 39.72
N VAL A 6 -9.06 -8.28 40.42
CA VAL A 6 -10.36 -7.91 39.86
C VAL A 6 -10.98 -6.85 40.74
N ARG A 7 -11.47 -5.78 40.12
CA ARG A 7 -12.23 -4.74 40.82
C ARG A 7 -13.56 -4.55 40.12
N LYS A 8 -14.65 -4.64 40.88
CA LYS A 8 -15.99 -4.51 40.35
C LYS A 8 -16.64 -3.27 40.96
N PHE A 9 -17.32 -2.48 40.12
CA PHE A 9 -18.10 -1.37 40.64
C PHE A 9 -19.36 -1.21 39.80
N GLN A 10 -20.24 -0.32 40.26
CA GLN A 10 -21.53 -0.07 39.61
C GLN A 10 -21.48 1.28 38.92
N TYR A 11 -21.58 1.27 37.61
CA TYR A 11 -21.62 2.49 36.80
C TYR A 11 -23.03 2.63 36.22
N GLY A 12 -23.82 3.48 36.85
CA GLY A 12 -25.20 3.65 36.44
C GLY A 12 -25.96 2.34 36.60
N GLN A 13 -26.51 1.85 35.49
CA GLN A 13 -27.26 0.61 35.48
C GLN A 13 -26.40 -0.59 35.12
N HIS A 14 -25.09 -0.40 34.96
CA HIS A 14 -24.22 -1.46 34.52
C HIS A 14 -23.22 -1.81 35.63
N THR A 15 -22.63 -2.99 35.53
CA THR A 15 -21.56 -3.42 36.42
C THR A 15 -20.28 -3.48 35.60
N VAL A 16 -19.26 -2.74 36.04
CA VAL A 16 -17.99 -2.66 35.35
C VAL A 16 -16.97 -3.47 36.12
N THR A 17 -16.28 -4.37 35.41
CA THR A 17 -15.23 -5.22 35.97
C THR A 17 -13.92 -4.86 35.30
N LEU A 18 -12.92 -4.51 36.11
CA LEU A 18 -11.56 -4.30 35.66
C LEU A 18 -10.73 -5.48 36.13
N GLU A 19 -10.07 -6.17 35.21
CA GLU A 19 -9.26 -7.33 35.52
C GLU A 19 -7.86 -7.13 35.00
N THR A 20 -6.87 -7.43 35.84
CA THR A 20 -5.47 -7.22 35.44
C THR A 20 -4.59 -8.28 36.08
N GLY A 21 -3.39 -8.44 35.52
CA GLY A 21 -2.39 -9.29 36.09
C GLY A 21 -2.34 -10.71 35.56
N MET A 22 -3.29 -11.10 34.71
CA MET A 22 -3.36 -12.45 34.19
C MET A 22 -2.97 -12.57 32.72
N MET A 23 -3.43 -11.64 31.87
CA MET A 23 -3.23 -11.71 30.44
C MET A 23 -2.22 -10.68 29.99
N ALA A 24 -1.42 -11.03 28.98
CA ALA A 24 -0.44 -10.14 28.37
C ALA A 24 0.52 -9.56 29.40
N ARG A 25 1.24 -10.47 30.06
CA ARG A 25 2.16 -10.08 31.13
C ARG A 25 3.49 -9.55 30.62
N GLN A 26 3.71 -9.50 29.31
CA GLN A 26 4.94 -8.97 28.75
C GLN A 26 4.79 -7.56 28.23
N ALA A 27 3.64 -6.94 28.46
CA ALA A 27 3.39 -5.56 28.07
C ALA A 27 3.57 -4.64 29.27
N THR A 28 3.59 -3.34 29.01
CA THR A 28 3.67 -2.39 30.11
C THR A 28 2.43 -2.48 30.99
N ALA A 29 1.26 -2.64 30.37
CA ALA A 29 0.05 -2.88 31.15
C ALA A 29 -1.02 -3.47 30.25
N ALA A 30 -1.91 -4.25 30.85
CA ALA A 30 -2.99 -4.91 30.11
C ALA A 30 -4.19 -5.05 31.04
N VAL A 31 -5.35 -4.60 30.58
CA VAL A 31 -6.57 -4.61 31.38
C VAL A 31 -7.71 -5.18 30.54
N MET A 32 -8.48 -6.09 31.13
CA MET A 32 -9.74 -6.54 30.55
C MET A 32 -10.88 -5.82 31.25
N VAL A 33 -11.64 -5.06 30.49
CA VAL A 33 -12.75 -4.27 31.04
C VAL A 33 -14.04 -4.84 30.50
N SER A 34 -14.94 -5.20 31.40
CA SER A 34 -16.21 -5.81 31.02
C SER A 34 -17.33 -5.00 31.64
N MET A 35 -18.12 -4.35 30.80
CA MET A 35 -19.34 -3.68 31.23
C MET A 35 -20.51 -4.55 30.79
N ASP A 36 -21.25 -5.09 31.76
CA ASP A 36 -22.23 -6.14 31.49
C ASP A 36 -21.53 -7.30 30.79
N ASP A 37 -21.89 -7.55 29.53
CA ASP A 37 -21.27 -8.60 28.75
C ASP A 37 -20.38 -8.08 27.64
N THR A 38 -20.14 -6.77 27.59
CA THR A 38 -19.23 -6.19 26.61
C THR A 38 -17.84 -6.13 27.21
N ALA A 39 -16.93 -6.95 26.70
CA ALA A 39 -15.57 -7.07 27.21
C ALA A 39 -14.58 -6.61 26.15
N VAL A 40 -13.71 -5.68 26.54
CA VAL A 40 -12.65 -5.15 25.69
C VAL A 40 -11.33 -5.36 26.40
N PHE A 41 -10.33 -5.86 25.67
CA PHE A 41 -9.00 -6.08 26.20
C PHE A 41 -8.08 -4.98 25.67
N VAL A 42 -7.55 -4.16 26.57
CA VAL A 42 -6.75 -3.00 26.21
C VAL A 42 -5.32 -3.21 26.72
N THR A 43 -4.35 -2.88 25.87
CA THR A 43 -2.94 -3.10 26.19
C THR A 43 -2.15 -1.84 25.88
N VAL A 44 -1.19 -1.52 26.75
CA VAL A 44 -0.29 -0.39 26.56
C VAL A 44 1.14 -0.91 26.64
N VAL A 45 1.93 -0.61 25.61
CA VAL A 45 3.36 -0.87 25.59
C VAL A 45 4.07 0.47 25.41
N GLY A 46 4.94 0.81 26.34
CA GLY A 46 5.71 2.03 26.22
C GLY A 46 7.20 1.79 26.20
N GLN A 47 7.90 2.40 25.25
CA GLN A 47 9.34 2.20 25.11
C GLN A 47 10.08 3.05 26.14
N LYS A 48 11.08 2.44 26.77
CA LYS A 48 11.75 3.09 27.90
C LYS A 48 12.84 4.05 27.46
N LYS A 49 13.32 3.96 26.23
CA LYS A 49 14.32 4.89 25.70
C LYS A 49 13.73 5.63 24.51
N ALA A 50 13.87 6.95 24.52
CA ALA A 50 13.40 7.77 23.41
C ALA A 50 14.39 7.69 22.25
N LYS A 51 13.86 7.90 21.05
CA LYS A 51 14.73 7.93 19.87
C LYS A 51 15.61 9.18 19.93
N PRO A 52 16.87 9.07 19.49
CA PRO A 52 17.73 10.26 19.46
C PRO A 52 17.20 11.29 18.47
N GLY A 53 17.22 12.55 18.91
CA GLY A 53 16.73 13.64 18.07
C GLY A 53 15.26 13.51 17.70
N GLN A 54 14.42 13.16 18.68
CA GLN A 54 13.00 12.97 18.45
C GLN A 54 12.24 14.20 18.91
N ASP A 55 11.46 14.79 18.00
CA ASP A 55 10.82 16.07 18.24
C ASP A 55 9.37 15.93 18.70
N PHE A 56 8.56 15.19 17.96
CA PHE A 56 7.15 15.04 18.31
C PHE A 56 6.96 13.81 19.18
N PHE A 57 5.80 13.76 19.85
CA PHE A 57 5.43 12.61 20.67
C PHE A 57 4.78 11.56 19.78
N PRO A 58 5.38 10.38 19.61
CA PRO A 58 4.72 9.31 18.85
C PRO A 58 3.73 8.51 19.69
N LEU A 59 2.44 8.78 19.53
CA LEU A 59 1.40 8.03 20.24
C LEU A 59 0.50 7.38 19.21
N THR A 60 0.36 6.06 19.29
CA THR A 60 -0.47 5.30 18.37
C THR A 60 -1.58 4.62 19.15
N VAL A 61 -2.83 4.83 18.72
CA VAL A 61 -3.97 4.15 19.30
C VAL A 61 -4.62 3.32 18.20
N ASN A 62 -4.70 2.02 18.41
CA ASN A 62 -5.40 1.12 17.51
C ASN A 62 -6.62 0.55 18.22
N TYR A 63 -7.76 0.54 17.54
CA TYR A 63 -8.98 -0.05 18.05
C TYR A 63 -9.44 -1.07 17.03
N GLN A 64 -9.57 -2.32 17.46
CA GLN A 64 -9.96 -3.43 16.60
C GLN A 64 -11.18 -4.13 17.18
N GLU A 65 -12.10 -4.49 16.29
CA GLU A 65 -13.30 -5.24 16.63
C GLU A 65 -13.23 -6.63 16.00
N ARG A 66 -13.33 -7.65 16.84
CA ARG A 66 -13.28 -9.05 16.41
C ARG A 66 -14.69 -9.56 16.24
N THR A 67 -14.96 -10.18 15.08
CA THR A 67 -16.31 -10.59 14.76
C THR A 67 -16.81 -11.68 15.70
N TYR A 68 -15.93 -12.54 16.18
CA TYR A 68 -16.34 -13.59 17.11
C TYR A 68 -16.89 -13.02 18.42
N ALA A 69 -16.64 -11.74 18.70
CA ALA A 69 -17.24 -11.10 19.85
C ALA A 69 -18.75 -11.11 19.75
N ALA A 70 -19.28 -10.98 18.53
CA ALA A 70 -20.72 -11.03 18.30
C ALA A 70 -21.21 -12.45 18.03
N GLY A 71 -20.34 -13.44 18.12
CA GLY A 71 -20.72 -14.81 17.81
C GLY A 71 -21.02 -15.02 16.34
N ARG A 72 -20.29 -14.36 15.45
CA ARG A 72 -20.53 -14.47 14.02
C ARG A 72 -19.23 -14.74 13.29
N ILE A 73 -19.32 -15.46 12.18
CA ILE A 73 -18.19 -15.68 11.29
C ILE A 73 -18.18 -14.52 10.30
N PRO A 74 -17.07 -13.81 10.14
CA PRO A 74 -17.06 -12.61 9.29
C PRO A 74 -17.44 -12.95 7.85
N GLY A 75 -18.23 -12.07 7.25
CA GLY A 75 -18.78 -12.28 5.93
C GLY A 75 -17.90 -11.85 4.78
N SER A 76 -16.69 -11.41 5.05
CA SER A 76 -15.78 -11.04 3.98
C SER A 76 -15.41 -12.26 3.15
N PHE A 77 -14.81 -12.00 1.99
CA PHE A 77 -14.46 -13.08 1.07
C PHE A 77 -13.49 -14.07 1.72
N PHE A 78 -12.52 -13.56 2.47
CA PHE A 78 -11.55 -14.40 3.15
C PHE A 78 -12.04 -14.87 4.52
N ARG A 79 -13.25 -14.48 4.92
CA ARG A 79 -13.82 -14.85 6.21
C ARG A 79 -12.89 -14.48 7.36
N ARG A 80 -12.31 -13.28 7.27
CA ARG A 80 -11.36 -12.81 8.27
C ARG A 80 -11.42 -11.29 8.37
N GLU A 81 -11.21 -10.78 9.57
CA GLU A 81 -11.19 -9.33 9.77
C GLU A 81 -9.95 -8.76 9.11
N GLY A 82 -10.07 -7.55 8.57
CA GLY A 82 -8.99 -6.94 7.81
C GLY A 82 -8.70 -5.53 8.29
N ARG A 83 -8.26 -4.71 7.33
CA ARG A 83 -7.90 -3.33 7.62
C ARG A 83 -9.01 -2.63 8.40
N PRO A 84 -8.66 -1.78 9.37
CA PRO A 84 -9.67 -1.12 10.19
C PRO A 84 -10.71 -0.41 9.33
N SER A 85 -11.98 -0.56 9.71
CA SER A 85 -13.06 0.09 9.01
C SER A 85 -13.08 1.57 9.39
N GLU A 86 -14.09 2.30 8.91
CA GLU A 86 -14.19 3.71 9.30
C GLU A 86 -14.61 3.86 10.74
N GLY A 87 -15.58 3.07 11.19
CA GLY A 87 -16.01 3.15 12.58
C GLY A 87 -14.91 2.83 13.57
N GLU A 88 -14.09 1.83 13.27
CA GLU A 88 -12.98 1.49 14.15
C GLU A 88 -11.96 2.61 14.21
N THR A 89 -11.64 3.21 13.06
CA THR A 89 -10.74 4.35 13.03
C THR A 89 -11.30 5.52 13.82
N LEU A 90 -12.61 5.76 13.71
CA LEU A 90 -13.24 6.85 14.43
C LEU A 90 -13.19 6.62 15.93
N ILE A 91 -13.41 5.38 16.37
CA ILE A 91 -13.35 5.10 17.81
C ILE A 91 -11.91 5.18 18.32
N ALA A 92 -10.94 4.78 17.50
CA ALA A 92 -9.54 4.94 17.89
C ALA A 92 -9.17 6.41 18.03
N ARG A 93 -9.63 7.26 17.11
CA ARG A 93 -9.45 8.70 17.24
C ARG A 93 -10.15 9.23 18.50
N LEU A 94 -11.34 8.71 18.78
CA LEU A 94 -12.09 9.11 19.97
C LEU A 94 -11.29 8.82 21.24
N ILE A 95 -10.65 7.64 21.29
CA ILE A 95 -9.84 7.28 22.44
C ILE A 95 -8.56 8.11 22.49
N ASP A 96 -8.00 8.43 21.33
CA ASP A 96 -6.74 9.15 21.28
C ASP A 96 -6.88 10.60 21.72
N ARG A 97 -7.95 11.27 21.30
CA ARG A 97 -8.14 12.68 21.60
C ARG A 97 -7.96 13.07 23.07
N PRO A 98 -8.54 12.36 24.06
CA PRO A 98 -8.39 12.81 25.45
C PRO A 98 -7.05 12.48 26.07
N ILE A 99 -6.49 11.31 25.76
CA ILE A 99 -5.29 10.85 26.43
C ILE A 99 -4.07 11.63 25.97
N ARG A 100 -3.98 11.95 24.68
CA ARG A 100 -2.80 12.59 24.09
C ARG A 100 -2.38 13.82 24.90
N PRO A 101 -3.25 14.82 25.12
CA PRO A 101 -2.80 16.02 25.86
C PRO A 101 -2.29 15.75 27.27
N LEU A 102 -2.46 14.54 27.80
CA LEU A 102 -2.19 14.27 29.20
C LEU A 102 -0.81 13.67 29.42
N PHE A 103 -0.02 13.58 28.41
CA PHE A 103 1.36 13.16 28.62
C PHE A 103 2.23 14.39 28.85
N PRO A 104 3.10 14.38 29.87
CA PRO A 104 3.85 15.58 30.21
C PRO A 104 4.61 16.14 29.01
N GLU A 105 4.78 17.46 28.99
CA GLU A 105 5.54 18.08 27.93
C GLU A 105 6.98 17.56 27.93
N GLY A 106 7.55 17.42 26.74
CA GLY A 106 8.87 16.84 26.61
C GLY A 106 8.91 15.33 26.61
N PHE A 107 7.76 14.66 26.77
CA PHE A 107 7.70 13.21 26.70
C PHE A 107 7.63 12.80 25.22
N VAL A 108 8.62 12.03 24.77
CA VAL A 108 8.69 11.68 23.35
C VAL A 108 8.91 10.19 23.17
N ASN A 109 8.80 9.41 24.24
CA ASN A 109 8.89 7.98 24.09
C ASN A 109 7.69 7.47 23.31
N GLU A 110 7.84 6.30 22.70
CA GLU A 110 6.80 5.75 21.84
C GLU A 110 5.83 4.94 22.69
N VAL A 111 4.54 5.22 22.53
CA VAL A 111 3.47 4.56 23.27
C VAL A 111 2.42 4.09 22.29
N GLN A 112 2.07 2.80 22.37
CA GLN A 112 1.01 2.22 21.55
C GLN A 112 -0.04 1.61 22.46
N VAL A 113 -1.28 2.08 22.32
CA VAL A 113 -2.43 1.53 23.02
C VAL A 113 -3.23 0.72 22.01
N ILE A 114 -3.46 -0.55 22.31
CA ILE A 114 -4.24 -1.45 21.46
C ILE A 114 -5.47 -1.90 22.23
N ALA A 115 -6.64 -1.59 21.71
CA ALA A 115 -7.90 -2.03 22.27
C ALA A 115 -8.51 -3.07 21.33
N THR A 116 -8.94 -4.20 21.89
CA THR A 116 -9.54 -5.29 21.13
C THR A 116 -10.87 -5.65 21.76
N VAL A 117 -11.94 -5.61 20.97
CA VAL A 117 -13.26 -5.99 21.46
C VAL A 117 -13.37 -7.52 21.39
N VAL A 118 -13.31 -8.16 22.56
CA VAL A 118 -13.35 -9.62 22.61
C VAL A 118 -14.74 -10.18 22.88
N SER A 119 -15.66 -9.37 23.40
CA SER A 119 -17.04 -9.82 23.53
C SER A 119 -17.94 -8.59 23.47
N VAL A 120 -19.11 -8.73 22.87
CA VAL A 120 -20.01 -7.60 22.70
C VAL A 120 -21.42 -7.98 23.16
N ASN A 121 -22.02 -7.12 23.96
CA ASN A 121 -23.44 -7.17 24.24
C ASN A 121 -24.15 -6.24 23.27
N PRO A 122 -25.12 -6.71 22.49
CA PRO A 122 -25.69 -5.86 21.44
C PRO A 122 -26.28 -4.54 21.95
N GLN A 123 -26.64 -4.46 23.22
CA GLN A 123 -27.21 -3.25 23.78
C GLN A 123 -26.19 -2.37 24.48
N VAL A 124 -24.92 -2.77 24.51
CA VAL A 124 -23.88 -1.99 25.16
C VAL A 124 -22.81 -1.69 24.12
N ASN A 125 -22.56 -0.41 23.89
CA ASN A 125 -21.55 0.00 22.93
C ASN A 125 -20.16 -0.25 23.52
N PRO A 126 -19.21 -0.75 22.73
CA PRO A 126 -17.87 -1.03 23.26
C PRO A 126 -16.90 0.15 23.28
N ASP A 127 -17.26 1.32 22.75
CA ASP A 127 -16.30 2.41 22.67
C ASP A 127 -16.06 3.05 24.04
N ILE A 128 -17.10 3.20 24.85
CA ILE A 128 -16.92 3.72 26.20
C ILE A 128 -16.11 2.74 27.04
N VAL A 129 -16.37 1.44 26.88
CA VAL A 129 -15.59 0.41 27.55
C VAL A 129 -14.14 0.49 27.12
N ALA A 130 -13.89 0.72 25.83
CA ALA A 130 -12.53 0.85 25.34
C ALA A 130 -11.83 2.06 25.93
N MET A 131 -12.56 3.18 26.07
CA MET A 131 -11.97 4.37 26.68
C MET A 131 -11.62 4.13 28.14
N ILE A 132 -12.50 3.48 28.88
CA ILE A 132 -12.21 3.15 30.28
C ILE A 132 -11.01 2.24 30.36
N GLY A 133 -10.93 1.26 29.45
CA GLY A 133 -9.79 0.36 29.45
C GLY A 133 -8.49 1.07 29.13
N ALA A 134 -8.52 2.01 28.18
CA ALA A 134 -7.32 2.77 27.84
C ALA A 134 -6.85 3.58 29.04
N SER A 135 -7.77 4.25 29.73
CA SER A 135 -7.38 5.02 30.91
C SER A 135 -6.81 4.12 32.00
N ALA A 136 -7.46 2.97 32.25
CA ALA A 136 -6.96 2.07 33.29
C ALA A 136 -5.60 1.51 32.94
N ALA A 137 -5.38 1.17 31.67
CA ALA A 137 -4.10 0.61 31.27
C ALA A 137 -3.01 1.67 31.33
N LEU A 138 -3.34 2.92 31.01
CA LEU A 138 -2.32 3.96 31.05
C LEU A 138 -2.06 4.42 32.46
N SER A 139 -2.96 4.11 33.38
CA SER A 139 -2.75 4.46 34.78
C SER A 139 -2.04 3.35 35.54
N LEU A 140 -2.14 2.11 35.07
CA LEU A 140 -1.47 0.99 35.70
C LEU A 140 -0.10 0.72 35.11
N SER A 141 0.28 1.42 34.03
CA SER A 141 1.51 1.13 33.31
C SER A 141 2.74 1.69 34.01
N GLY A 142 2.63 2.90 34.58
CA GLY A 142 3.76 3.61 35.13
C GLY A 142 4.24 4.75 34.28
N ILE A 143 4.01 4.67 32.97
CA ILE A 143 4.35 5.72 32.01
C ILE A 143 3.85 7.06 32.55
N PRO A 144 4.67 8.10 32.58
CA PRO A 144 4.20 9.42 33.02
C PRO A 144 2.90 9.83 32.33
N PHE A 145 1.83 9.86 33.11
CA PHE A 145 0.49 10.13 32.60
C PHE A 145 -0.22 10.92 33.69
N ASN A 146 -0.88 12.02 33.32
CA ASN A 146 -1.44 12.92 34.32
C ASN A 146 -2.92 12.60 34.55
N GLY A 147 -3.15 11.63 35.42
CA GLY A 147 -4.47 11.36 35.92
C GLY A 147 -5.26 10.40 35.06
N PRO A 148 -6.04 9.53 35.70
CA PRO A 148 -7.02 8.74 34.95
C PRO A 148 -8.08 9.65 34.34
N ILE A 149 -8.62 9.23 33.21
CA ILE A 149 -9.76 9.90 32.62
C ILE A 149 -10.96 8.98 32.74
N GLY A 150 -12.15 9.58 32.79
CA GLY A 150 -13.38 8.85 32.68
C GLY A 150 -13.95 8.98 31.27
N ALA A 151 -15.05 8.28 31.05
CA ALA A 151 -15.76 8.39 29.78
C ALA A 151 -17.23 8.12 30.04
N ALA A 152 -18.09 8.96 29.48
CA ALA A 152 -19.52 8.76 29.65
C ALA A 152 -20.22 9.11 28.35
N ARG A 153 -21.34 8.45 28.11
CA ARG A 153 -22.25 8.81 27.03
C ARG A 153 -23.58 9.22 27.64
N VAL A 154 -24.09 10.35 27.17
CA VAL A 154 -25.29 10.97 27.70
C VAL A 154 -26.32 11.06 26.58
N GLY A 155 -27.56 10.74 26.91
CA GLY A 155 -28.66 10.93 25.99
C GLY A 155 -29.72 11.76 26.67
N TYR A 156 -30.61 12.33 25.87
CA TYR A 156 -31.67 13.19 26.38
C TYR A 156 -32.99 12.52 26.03
N ILE A 157 -33.65 11.93 27.03
CA ILE A 157 -34.91 11.22 26.85
C ILE A 157 -35.93 11.73 27.84
N ASN A 158 -37.13 12.04 27.35
CA ASN A 158 -38.22 12.57 28.17
C ASN A 158 -37.77 13.80 28.96
N ASP A 159 -36.99 14.66 28.30
CA ASP A 159 -36.47 15.88 28.89
C ASP A 159 -35.61 15.61 30.11
N GLN A 160 -34.92 14.46 30.12
CA GLN A 160 -34.04 14.11 31.22
C GLN A 160 -32.76 13.52 30.66
N TYR A 161 -31.67 13.68 31.42
CA TYR A 161 -30.38 13.14 31.04
C TYR A 161 -30.26 11.69 31.48
N VAL A 162 -29.88 10.81 30.56
CA VAL A 162 -29.68 9.40 30.85
C VAL A 162 -28.22 9.06 30.55
N LEU A 163 -27.63 8.23 31.41
CA LEU A 163 -26.21 7.91 31.32
C LEU A 163 -26.00 6.56 30.66
N ASN A 164 -25.15 6.53 29.66
CA ASN A 164 -24.86 5.32 28.88
C ASN A 164 -26.13 4.63 28.39
N PRO A 165 -26.98 5.30 27.63
CA PRO A 165 -28.22 4.67 27.19
C PRO A 165 -27.94 3.53 26.24
N THR A 166 -28.80 2.51 26.31
CA THR A 166 -28.67 1.37 25.43
C THR A 166 -29.05 1.77 24.01
N GLN A 167 -28.91 0.83 23.07
CA GLN A 167 -29.28 1.13 21.69
C GLN A 167 -30.79 1.34 21.57
N ASP A 168 -31.56 0.59 22.35
CA ASP A 168 -33.01 0.79 22.34
C ASP A 168 -33.37 2.15 22.91
N GLU A 169 -32.66 2.58 23.96
CA GLU A 169 -32.90 3.92 24.48
C GLU A 169 -32.32 4.97 23.54
N LEU A 170 -31.25 4.64 22.83
CA LEU A 170 -30.65 5.59 21.90
C LEU A 170 -31.53 5.81 20.67
N LYS A 171 -32.48 4.91 20.42
CA LYS A 171 -33.38 5.12 19.29
C LYS A 171 -34.48 6.14 19.58
N GLU A 172 -34.75 6.43 20.86
CA GLU A 172 -35.72 7.43 21.25
C GLU A 172 -35.09 8.68 21.86
N SER A 173 -33.78 8.86 21.70
CA SER A 173 -33.05 9.94 22.32
C SER A 173 -32.78 11.06 21.32
N LYS A 174 -32.88 12.30 21.80
CA LYS A 174 -32.59 13.47 20.99
C LYS A 174 -31.14 13.93 21.11
N LEU A 175 -30.29 13.14 21.77
CA LEU A 175 -28.91 13.52 22.02
C LEU A 175 -28.06 12.26 22.08
N ASP A 176 -26.80 12.42 21.69
CA ASP A 176 -25.78 11.38 21.84
C ASP A 176 -24.44 12.10 22.06
N LEU A 177 -24.09 12.28 23.33
CA LEU A 177 -22.90 13.04 23.69
C LEU A 177 -21.90 12.12 24.39
N VAL A 178 -20.65 12.14 23.92
CA VAL A 178 -19.55 11.46 24.59
C VAL A 178 -18.71 12.54 25.27
N VAL A 179 -18.59 12.45 26.59
CA VAL A 179 -17.77 13.37 27.37
C VAL A 179 -16.68 12.59 28.11
N ALA A 180 -15.44 13.01 27.92
CA ALA A 180 -14.31 12.45 28.64
C ALA A 180 -13.58 13.57 29.35
N GLY A 181 -13.08 13.28 30.55
CA GLY A 181 -12.34 14.26 31.32
C GLY A 181 -11.70 13.62 32.52
N THR A 182 -10.77 14.35 33.13
CA THR A 182 -10.12 13.92 34.36
C THR A 182 -10.99 14.28 35.55
N GLU A 183 -10.43 14.16 36.75
CA GLU A 183 -11.16 14.52 37.95
C GLU A 183 -11.40 16.02 38.03
N ALA A 184 -10.45 16.83 37.57
CA ALA A 184 -10.55 18.27 37.72
C ALA A 184 -11.31 18.95 36.59
N ALA A 185 -11.06 18.55 35.34
CA ALA A 185 -11.62 19.27 34.20
C ALA A 185 -12.03 18.31 33.11
N VAL A 186 -12.92 18.79 32.25
CA VAL A 186 -13.36 18.05 31.07
C VAL A 186 -12.29 18.21 29.99
N LEU A 187 -12.13 17.20 29.16
CA LEU A 187 -11.06 17.24 28.16
C LEU A 187 -11.54 17.05 26.73
N MET A 188 -12.64 16.34 26.52
CA MET A 188 -13.08 16.08 25.16
C MET A 188 -14.58 15.89 25.17
N VAL A 189 -15.25 16.47 24.17
CA VAL A 189 -16.69 16.31 24.02
C VAL A 189 -16.99 16.12 22.55
N GLU A 190 -17.64 15.01 22.20
CA GLU A 190 -18.10 14.80 20.83
C GLU A 190 -19.57 14.45 20.88
N SER A 191 -20.40 15.20 20.19
CA SER A 191 -21.83 15.01 20.38
C SER A 191 -22.58 15.27 19.10
N GLU A 192 -23.79 14.71 19.06
CA GLU A 192 -24.76 14.93 17.99
C GLU A 192 -26.12 15.09 18.64
N ALA A 193 -26.87 16.09 18.21
CA ALA A 193 -28.15 16.40 18.83
C ALA A 193 -29.18 16.76 17.78
N GLN A 194 -30.45 16.64 18.17
CA GLN A 194 -31.56 17.03 17.31
C GLN A 194 -32.01 18.44 17.65
N LEU A 195 -31.19 19.40 17.20
CA LEU A 195 -31.48 20.83 17.33
C LEU A 195 -31.79 21.24 18.78
N LEU A 196 -30.83 20.97 19.66
CA LEU A 196 -30.97 21.31 21.07
C LEU A 196 -30.28 22.63 21.38
N SER A 197 -30.73 23.27 22.47
CA SER A 197 -30.23 24.58 22.87
C SER A 197 -28.82 24.45 23.47
N GLU A 198 -28.24 25.61 23.81
CA GLU A 198 -26.89 25.63 24.37
C GLU A 198 -26.90 25.21 25.84
N ASP A 199 -27.94 25.59 26.58
CA ASP A 199 -28.05 25.16 27.96
C ASP A 199 -28.29 23.66 28.04
N GLN A 200 -29.08 23.14 27.10
CA GLN A 200 -29.37 21.72 27.08
C GLN A 200 -28.12 20.92 26.75
N MET A 201 -27.24 21.49 25.91
CA MET A 201 -26.05 20.77 25.49
C MET A 201 -24.90 20.96 26.47
N LEU A 202 -24.99 21.95 27.36
CA LEU A 202 -23.98 22.09 28.40
C LEU A 202 -24.36 21.34 29.66
N GLY A 203 -25.66 21.14 29.87
CA GLY A 203 -26.10 20.33 30.99
C GLY A 203 -25.65 18.89 30.82
N ALA A 204 -25.64 18.40 29.58
CA ALA A 204 -25.20 17.03 29.33
C ALA A 204 -23.72 16.86 29.62
N VAL A 205 -22.91 17.85 29.22
CA VAL A 205 -21.48 17.79 29.50
C VAL A 205 -21.22 17.81 31.00
N VAL A 206 -21.94 18.66 31.73
CA VAL A 206 -21.77 18.71 33.17
C VAL A 206 -22.23 17.40 33.80
N PHE A 207 -23.36 16.85 33.34
CA PHE A 207 -23.91 15.64 33.92
C PHE A 207 -22.96 14.48 33.72
N GLY A 208 -22.41 14.33 32.51
CA GLY A 208 -21.53 13.20 32.24
C GLY A 208 -20.19 13.34 32.93
N HIS A 209 -19.71 14.59 33.10
CA HIS A 209 -18.50 14.79 33.87
C HIS A 209 -18.72 14.42 35.33
N GLU A 210 -19.88 14.75 35.88
CA GLU A 210 -20.15 14.38 37.27
C GLU A 210 -20.33 12.89 37.41
N GLN A 211 -20.89 12.22 36.41
CA GLN A 211 -21.15 10.79 36.51
C GLN A 211 -19.94 9.92 36.25
N GLN A 212 -18.88 10.43 35.64
CA GLN A 212 -17.73 9.59 35.34
C GLN A 212 -16.70 9.57 36.47
N GLN A 213 -16.99 10.27 37.58
CA GLN A 213 -16.09 10.27 38.71
C GLN A 213 -16.03 8.92 39.40
N VAL A 214 -17.08 8.11 39.28
CA VAL A 214 -17.03 6.75 39.81
C VAL A 214 -15.96 5.94 39.09
N VAL A 215 -15.92 6.06 37.76
CA VAL A 215 -14.89 5.37 36.99
C VAL A 215 -13.51 5.86 37.40
N ILE A 216 -13.36 7.17 37.54
CA ILE A 216 -12.04 7.70 37.89
C ILE A 216 -11.60 7.20 39.26
N GLN A 217 -12.51 7.24 40.24
CA GLN A 217 -12.16 6.77 41.59
C GLN A 217 -11.81 5.29 41.61
N ASN A 218 -12.57 4.46 40.89
CA ASN A 218 -12.29 3.03 40.91
C ASN A 218 -11.00 2.71 40.18
N ILE A 219 -10.68 3.44 39.12
CA ILE A 219 -9.39 3.26 38.46
C ILE A 219 -8.27 3.65 39.41
N ASN A 220 -8.46 4.72 40.19
CA ASN A 220 -7.44 5.10 41.17
C ASN A 220 -7.24 4.00 42.21
N GLU A 221 -8.33 3.41 42.70
CA GLU A 221 -8.21 2.32 43.66
C GLU A 221 -7.51 1.10 43.05
N LEU A 222 -7.84 0.77 41.80
CA LEU A 222 -7.16 -0.35 41.14
C LEU A 222 -5.67 -0.08 40.99
N VAL A 223 -5.31 1.17 40.66
CA VAL A 223 -3.91 1.52 40.54
C VAL A 223 -3.21 1.43 41.89
N LYS A 224 -3.91 1.82 42.95
CA LYS A 224 -3.35 1.68 44.29
C LYS A 224 -3.06 0.22 44.61
N GLU A 225 -3.99 -0.68 44.29
CA GLU A 225 -3.79 -2.09 44.62
C GLU A 225 -2.72 -2.73 43.74
N ALA A 226 -2.78 -2.51 42.43
CA ALA A 226 -2.03 -3.34 41.48
C ALA A 226 -1.35 -2.49 40.42
N GLY A 227 -0.79 -1.34 40.82
CA GLY A 227 -0.14 -0.44 39.89
C GLY A 227 1.35 -0.67 39.85
N LYS A 228 1.93 -0.57 38.64
CA LYS A 228 3.36 -0.68 38.49
C LYS A 228 4.04 0.58 39.03
N PRO A 229 5.28 0.45 39.50
CA PRO A 229 6.03 1.64 39.94
C PRO A 229 6.11 2.69 38.86
N ARG A 230 6.16 3.96 39.29
CA ARG A 230 6.11 5.07 38.36
C ARG A 230 7.45 5.29 37.70
N TRP A 231 7.44 5.53 36.39
CA TRP A 231 8.68 5.69 35.64
C TRP A 231 9.49 6.86 36.18
N ASP A 232 10.79 6.68 36.27
CA ASP A 232 11.70 7.76 36.65
C ASP A 232 12.14 8.52 35.41
N TRP A 233 11.18 9.23 34.83
CA TRP A 233 11.39 10.03 33.64
C TRP A 233 11.44 11.51 34.02
N GLN A 234 12.45 12.21 33.53
CA GLN A 234 12.60 13.63 33.75
C GLN A 234 12.66 14.35 32.41
N PRO A 235 11.91 15.44 32.23
CA PRO A 235 12.00 16.17 30.96
C PRO A 235 13.41 16.69 30.73
N GLU A 236 13.81 16.71 29.47
CA GLU A 236 15.15 17.17 29.13
C GLU A 236 15.31 18.63 29.55
N PRO A 237 16.40 18.99 30.23
CA PRO A 237 16.53 20.36 30.75
C PRO A 237 16.49 21.38 29.62
N VAL A 238 15.84 22.50 29.89
CA VAL A 238 15.71 23.58 28.92
C VAL A 238 16.96 24.42 28.94
N ASN A 239 17.38 24.89 27.76
CA ASN A 239 18.56 25.76 27.65
C ASN A 239 18.11 27.19 27.89
N GLU A 240 18.10 27.59 29.16
CA GLU A 240 17.62 28.93 29.52
C GLU A 240 18.53 30.00 28.96
N ALA A 241 19.84 29.75 28.89
CA ALA A 241 20.77 30.73 28.37
C ALA A 241 20.49 31.02 26.90
N LEU A 242 20.29 29.95 26.10
CA LEU A 242 20.00 30.15 24.69
C LEU A 242 18.67 30.86 24.49
N ASN A 243 17.66 30.48 25.30
CA ASN A 243 16.37 31.16 25.22
C ASN A 243 16.51 32.64 25.54
N ALA A 244 17.37 32.98 26.51
CA ALA A 244 17.63 34.38 26.80
C ALA A 244 18.26 35.05 25.60
N ARG A 245 19.38 34.52 25.13
CA ARG A 245 20.09 35.05 23.97
C ARG A 245 19.10 35.42 22.87
N VAL A 246 18.32 34.43 22.42
CA VAL A 246 17.42 34.65 21.30
C VAL A 246 16.32 35.64 21.67
N ALA A 247 15.83 35.60 22.90
CA ALA A 247 14.82 36.58 23.32
C ALA A 247 15.35 37.99 23.17
N ALA A 248 16.52 38.26 23.76
CA ALA A 248 17.11 39.59 23.69
C ALA A 248 17.43 39.98 22.26
N LEU A 249 17.70 39.01 21.39
CA LEU A 249 17.98 39.34 20.01
C LEU A 249 16.72 39.70 19.23
N ALA A 250 15.63 38.96 19.40
CA ALA A 250 14.54 39.01 18.44
C ALA A 250 13.15 39.26 18.99
N GLU A 251 12.93 39.21 20.32
CA GLU A 251 11.58 39.26 20.85
C GLU A 251 10.94 40.62 20.59
N ALA A 252 11.64 41.69 20.95
CA ALA A 252 11.09 43.04 20.75
C ALA A 252 10.95 43.34 19.27
N ARG A 253 11.89 42.89 18.46
CA ARG A 253 11.80 43.12 17.02
C ARG A 253 10.58 42.42 16.42
N LEU A 254 10.31 41.19 16.85
CA LEU A 254 9.12 40.49 16.37
C LEU A 254 7.85 41.15 16.86
N SER A 255 7.84 41.60 18.13
CA SER A 255 6.67 42.30 18.64
C SER A 255 6.39 43.56 17.84
N ASP A 256 7.42 44.32 17.50
CA ASP A 256 7.24 45.50 16.65
C ASP A 256 6.81 45.11 15.24
N ALA A 257 7.34 44.00 14.72
CA ALA A 257 6.97 43.56 13.38
C ALA A 257 5.52 43.17 13.31
N TYR A 258 4.95 42.72 14.43
CA TYR A 258 3.55 42.28 14.41
C TYR A 258 2.55 43.44 14.45
N ARG A 259 3.02 44.69 14.55
CA ARG A 259 2.13 45.82 14.38
C ARG A 259 1.93 46.20 12.91
N ILE A 260 2.57 45.47 12.00
CA ILE A 260 2.43 45.71 10.57
C ILE A 260 1.11 45.14 10.09
N THR A 261 0.33 45.97 9.38
CA THR A 261 -1.03 45.63 9.00
C THR A 261 -1.15 44.89 7.67
N ASP A 262 -0.04 44.58 7.02
CA ASP A 262 -0.07 43.85 5.75
C ASP A 262 0.63 42.51 5.92
N LYS A 263 0.03 41.47 5.32
CA LYS A 263 0.51 40.11 5.55
C LYS A 263 1.87 39.86 4.88
N GLN A 264 2.00 40.24 3.61
CA GLN A 264 3.20 39.89 2.85
C GLN A 264 4.44 40.58 3.44
N GLU A 265 4.35 41.89 3.67
CA GLU A 265 5.47 42.62 4.23
C GLU A 265 5.77 42.13 5.65
N ARG A 266 4.74 41.86 6.46
CA ARG A 266 5.00 41.44 7.83
C ARG A 266 5.73 40.10 7.86
N TYR A 267 5.28 39.14 7.03
CA TYR A 267 5.96 37.85 7.00
C TYR A 267 7.37 37.97 6.43
N ALA A 268 7.57 38.82 5.43
CA ALA A 268 8.91 39.03 4.92
C ALA A 268 9.83 39.61 5.99
N GLN A 269 9.35 40.58 6.75
CA GLN A 269 10.13 41.17 7.82
C GLN A 269 10.41 40.15 8.92
N VAL A 270 9.43 39.30 9.22
CA VAL A 270 9.63 38.26 10.23
C VAL A 270 10.72 37.28 9.78
N ASP A 271 10.68 36.87 8.51
CA ASP A 271 11.72 36.01 7.98
C ASP A 271 13.08 36.68 8.03
N VAL A 272 13.12 37.98 7.73
CA VAL A 272 14.39 38.72 7.80
C VAL A 272 14.92 38.72 9.22
N ILE A 273 14.06 38.97 10.21
CA ILE A 273 14.48 38.96 11.60
C ILE A 273 15.03 37.59 11.99
N LYS A 274 14.32 36.53 11.59
CA LYS A 274 14.75 35.18 11.91
C LYS A 274 16.12 34.89 11.29
N SER A 275 16.28 35.24 10.01
CA SER A 275 17.54 34.98 9.33
C SER A 275 18.69 35.73 9.98
N GLU A 276 18.48 37.01 10.31
CA GLU A 276 19.55 37.78 10.93
C GLU A 276 19.93 37.21 12.29
N THR A 277 18.94 36.85 13.12
CA THR A 277 19.23 36.30 14.43
C THR A 277 19.96 34.96 14.32
N ILE A 278 19.48 34.08 13.43
CA ILE A 278 20.12 32.78 13.30
C ILE A 278 21.53 32.94 12.74
N ALA A 279 21.74 33.91 11.85
CA ALA A 279 23.08 34.20 11.37
C ALA A 279 23.98 34.55 12.53
N THR A 280 23.62 35.61 13.24
CA THR A 280 24.44 36.10 14.35
C THR A 280 24.81 34.95 15.28
N LEU A 281 23.79 34.30 15.86
CA LEU A 281 24.05 33.25 16.84
C LEU A 281 24.89 32.14 16.24
N LEU A 282 24.57 31.70 15.02
CA LEU A 282 25.27 30.57 14.45
C LEU A 282 26.75 30.91 14.32
N ALA A 283 27.04 32.15 13.90
CA ALA A 283 28.42 32.56 13.72
C ALA A 283 29.15 32.62 15.05
N GLU A 284 28.48 33.08 16.11
CA GLU A 284 29.16 33.21 17.40
C GLU A 284 29.71 31.87 17.88
N ASP A 285 28.88 30.83 17.83
CA ASP A 285 29.31 29.48 18.18
C ASP A 285 28.77 28.52 17.13
N GLU A 286 29.67 27.81 16.44
CA GLU A 286 29.24 26.84 15.44
C GLU A 286 28.52 25.66 16.04
N THR A 287 28.75 25.35 17.33
CA THR A 287 28.12 24.20 17.95
C THR A 287 26.60 24.30 17.89
N LEU A 288 26.07 25.51 18.07
CA LEU A 288 24.63 25.73 18.13
C LEU A 288 23.92 25.13 16.93
N ASP A 289 22.86 24.38 17.20
CA ASP A 289 22.05 23.79 16.14
C ASP A 289 21.07 24.82 15.61
N GLU A 290 20.84 24.79 14.29
CA GLU A 290 19.92 25.76 13.69
C GLU A 290 18.46 25.38 13.89
N ASN A 291 18.15 24.08 13.95
CA ASN A 291 16.76 23.67 14.15
C ASN A 291 16.25 24.10 15.52
N GLU A 292 17.07 23.95 16.55
CA GLU A 292 16.67 24.40 17.88
C GLU A 292 16.46 25.91 17.92
N LEU A 293 17.33 26.66 17.24
CA LEU A 293 17.15 28.11 17.18
C LEU A 293 15.85 28.46 16.45
N GLY A 294 15.54 27.74 15.38
CA GLY A 294 14.27 27.97 14.70
C GLY A 294 13.08 27.67 15.61
N GLU A 295 13.17 26.61 16.39
CA GLU A 295 12.10 26.30 17.34
C GLU A 295 11.95 27.39 18.39
N ILE A 296 13.06 27.91 18.90
CA ILE A 296 12.99 28.99 19.89
C ILE A 296 12.36 30.23 19.27
N LEU A 297 12.73 30.55 18.02
CA LEU A 297 12.13 31.69 17.35
C LEU A 297 10.62 31.50 17.16
N HIS A 298 10.22 30.28 16.79
CA HIS A 298 8.80 29.98 16.65
C HIS A 298 8.07 30.14 17.97
N ALA A 299 8.67 29.68 19.06
CA ALA A 299 8.05 29.82 20.38
C ALA A 299 7.91 31.29 20.76
N ILE A 300 8.93 32.11 20.48
CA ILE A 300 8.85 33.53 20.78
C ILE A 300 7.74 34.18 19.96
N GLU A 301 7.64 33.84 18.68
CA GLU A 301 6.58 34.36 17.84
C GLU A 301 5.20 33.99 18.38
N LYS A 302 5.04 32.73 18.79
CA LYS A 302 3.77 32.27 19.33
C LYS A 302 3.42 33.02 20.62
N ASN A 303 4.41 33.25 21.47
CA ASN A 303 4.17 33.98 22.71
C ASN A 303 3.77 35.42 22.42
N VAL A 304 4.38 36.03 21.41
CA VAL A 304 4.01 37.39 21.02
C VAL A 304 2.56 37.42 20.56
N VAL A 305 2.18 36.46 19.72
CA VAL A 305 0.80 36.41 19.23
C VAL A 305 -0.18 36.22 20.38
N ARG A 306 0.15 35.33 21.32
CA ARG A 306 -0.72 35.12 22.46
C ARG A 306 -0.85 36.39 23.29
N SER A 307 0.26 37.12 23.46
CA SER A 307 0.20 38.34 24.27
C SER A 307 -0.65 39.38 23.58
N ARG A 308 -0.62 39.42 22.25
CA ARG A 308 -1.38 40.44 21.56
C ARG A 308 -2.85 40.12 21.66
N VAL A 309 -3.21 38.88 21.33
CA VAL A 309 -4.61 38.47 21.39
C VAL A 309 -5.18 38.76 22.76
N LEU A 310 -4.45 38.37 23.81
CA LEU A 310 -4.94 38.54 25.17
C LEU A 310 -4.87 39.99 25.65
N ALA A 311 -4.13 40.85 24.96
CA ALA A 311 -4.07 42.26 25.33
C ALA A 311 -5.16 43.07 24.64
N GLY A 312 -5.89 42.46 23.72
CA GLY A 312 -6.97 43.11 23.01
C GLY A 312 -6.60 43.66 21.65
N GLU A 313 -5.39 43.42 21.18
CA GLU A 313 -4.94 43.94 19.90
C GLU A 313 -5.53 43.12 18.76
N PRO A 314 -5.60 43.69 17.55
CA PRO A 314 -6.04 42.93 16.38
C PRO A 314 -5.36 41.58 16.23
N ARG A 315 -6.00 40.66 15.51
CA ARG A 315 -5.43 39.34 15.29
C ARG A 315 -4.42 39.41 14.14
N ILE A 316 -3.83 38.26 13.81
CA ILE A 316 -2.78 38.19 12.79
C ILE A 316 -3.33 38.45 11.39
N ASP A 317 -4.63 38.67 11.28
CA ASP A 317 -5.27 39.01 10.02
C ASP A 317 -5.99 40.35 10.10
N GLY A 318 -5.84 41.05 11.22
CA GLY A 318 -6.43 42.36 11.44
C GLY A 318 -7.80 42.32 12.07
N ARG A 319 -8.41 41.14 12.18
CA ARG A 319 -9.74 40.98 12.69
C ARG A 319 -9.76 41.12 14.21
N GLU A 320 -10.95 41.32 14.75
CA GLU A 320 -11.10 41.35 16.19
C GLU A 320 -11.53 39.96 16.65
N LYS A 321 -11.93 39.83 17.92
CA LYS A 321 -12.22 38.51 18.43
C LYS A 321 -13.57 37.98 17.96
N ASP A 322 -14.52 38.86 17.69
CA ASP A 322 -15.88 38.45 17.35
C ASP A 322 -16.21 38.63 15.87
N MET A 323 -15.20 38.81 15.02
CA MET A 323 -15.41 39.08 13.60
C MET A 323 -15.26 37.81 12.78
N ILE A 324 -16.18 37.62 11.83
CA ILE A 324 -16.13 36.47 10.94
C ILE A 324 -15.55 36.92 9.61
N ARG A 325 -14.87 36.01 8.91
CA ARG A 325 -14.24 36.33 7.64
C ARG A 325 -15.31 36.56 6.57
N GLY A 326 -14.87 36.81 5.35
CA GLY A 326 -15.80 37.14 4.28
C GLY A 326 -16.47 35.88 3.75
N LEU A 327 -17.74 36.01 3.38
CA LEU A 327 -18.52 34.86 2.93
C LEU A 327 -18.90 35.01 1.46
N ASP A 328 -18.87 33.90 0.74
CA ASP A 328 -19.29 33.84 -0.65
C ASP A 328 -20.03 32.52 -0.86
N VAL A 329 -21.28 32.61 -1.28
CA VAL A 329 -22.14 31.44 -1.41
C VAL A 329 -22.60 31.35 -2.87
N ARG A 330 -22.40 30.19 -3.48
CA ARG A 330 -22.87 29.95 -4.83
C ARG A 330 -23.55 28.60 -4.88
N THR A 331 -24.64 28.50 -5.63
CA THR A 331 -25.34 27.23 -5.82
C THR A 331 -25.65 27.05 -7.30
N GLY A 332 -25.40 25.84 -7.80
CA GLY A 332 -25.69 25.55 -9.18
C GLY A 332 -24.44 25.65 -10.04
N VAL A 333 -23.30 25.21 -9.49
CA VAL A 333 -22.04 25.40 -10.18
C VAL A 333 -21.80 24.28 -11.19
N LEU A 334 -22.07 23.05 -10.82
CA LEU A 334 -21.77 21.97 -11.75
C LEU A 334 -22.99 21.67 -12.61
N PRO A 335 -22.80 21.41 -13.91
CA PRO A 335 -23.93 21.31 -14.84
C PRO A 335 -24.69 19.99 -14.79
N ARG A 336 -24.04 18.88 -14.44
CA ARG A 336 -24.68 17.58 -14.51
C ARG A 336 -24.78 16.88 -13.17
N THR A 337 -24.57 17.59 -12.08
CA THR A 337 -24.77 17.03 -10.76
C THR A 337 -26.20 17.30 -10.30
N HIS A 338 -26.68 16.48 -9.37
CA HIS A 338 -28.02 16.68 -8.87
C HIS A 338 -28.11 17.96 -8.04
N GLY A 339 -27.11 18.22 -7.21
CA GLY A 339 -27.03 19.47 -6.48
C GLY A 339 -25.60 19.84 -6.22
N SER A 340 -25.27 21.13 -6.26
CA SER A 340 -23.88 21.55 -6.06
C SER A 340 -23.86 22.91 -5.41
N ALA A 341 -22.77 23.19 -4.70
CA ALA A 341 -22.61 24.47 -4.02
C ALA A 341 -21.13 24.74 -3.78
N LEU A 342 -20.75 26.00 -3.93
CA LEU A 342 -19.42 26.47 -3.58
C LEU A 342 -19.55 27.44 -2.42
N PHE A 343 -18.96 27.08 -1.28
CA PHE A 343 -19.01 27.90 -0.08
C PHE A 343 -17.60 28.36 0.26
N THR A 344 -17.43 29.67 0.38
CA THR A 344 -16.13 30.27 0.69
C THR A 344 -16.29 31.12 1.95
N ARG A 345 -15.42 30.87 2.92
CA ARG A 345 -15.32 31.67 4.13
C ARG A 345 -13.88 32.13 4.23
N GLY A 346 -13.63 33.40 3.88
CA GLY A 346 -12.28 33.90 3.85
C GLY A 346 -11.42 33.13 2.87
N GLU A 347 -10.49 32.33 3.39
CA GLU A 347 -9.62 31.52 2.56
C GLU A 347 -9.88 30.04 2.72
N THR A 348 -11.04 29.66 3.25
CA THR A 348 -11.45 28.27 3.32
C THR A 348 -12.60 28.06 2.35
N GLN A 349 -12.40 27.20 1.35
CA GLN A 349 -13.39 26.98 0.32
C GLN A 349 -13.70 25.49 0.24
N ALA A 350 -14.98 25.20 0.03
CA ALA A 350 -15.50 23.84 -0.12
C ALA A 350 -16.46 23.79 -1.30
N LEU A 351 -16.25 22.83 -2.19
CA LEU A 351 -17.17 22.52 -3.28
C LEU A 351 -17.89 21.23 -2.94
N VAL A 352 -19.19 21.32 -2.64
CA VAL A 352 -19.96 20.23 -2.10
C VAL A 352 -21.04 19.84 -3.11
N THR A 353 -21.22 18.54 -3.31
CA THR A 353 -22.21 18.00 -4.23
C THR A 353 -23.15 17.04 -3.51
N ALA A 354 -24.37 16.96 -4.02
CA ALA A 354 -25.39 16.07 -3.49
C ALA A 354 -25.96 15.24 -4.64
N THR A 355 -26.03 13.94 -4.43
CA THR A 355 -26.52 12.97 -5.40
C THR A 355 -27.66 12.16 -4.82
N LEU A 356 -28.69 11.93 -5.63
CA LEU A 356 -29.84 11.14 -5.22
C LEU A 356 -29.80 9.77 -5.87
N GLY A 357 -30.27 8.77 -5.13
CA GLY A 357 -30.30 7.41 -5.60
C GLY A 357 -31.50 6.70 -5.02
N THR A 358 -31.64 5.43 -5.37
CA THR A 358 -32.74 4.62 -4.90
C THR A 358 -32.31 3.78 -3.69
N ALA A 359 -33.17 2.85 -3.27
CA ALA A 359 -32.87 2.05 -2.10
C ALA A 359 -31.69 1.10 -2.34
N ARG A 360 -31.46 0.71 -3.59
CA ARG A 360 -30.35 -0.18 -3.90
C ARG A 360 -28.98 0.45 -3.62
N ASP A 361 -28.91 1.77 -3.56
CA ASP A 361 -27.66 2.47 -3.33
C ASP A 361 -27.36 2.71 -1.86
N ALA A 362 -28.27 2.36 -0.96
CA ALA A 362 -28.02 2.53 0.47
C ALA A 362 -26.92 1.59 0.91
N GLN A 363 -25.97 2.10 1.67
CA GLN A 363 -24.87 1.27 2.14
C GLN A 363 -25.37 0.30 3.20
N VAL A 364 -24.82 -0.92 3.19
CA VAL A 364 -25.14 -1.94 4.19
C VAL A 364 -23.87 -2.23 4.97
N LEU A 365 -23.89 -1.91 6.27
CA LEU A 365 -22.75 -2.13 7.14
C LEU A 365 -23.02 -3.31 8.06
N ASP A 366 -22.10 -4.27 8.07
CA ASP A 366 -22.15 -5.40 8.99
C ASP A 366 -21.30 -5.02 10.19
N GLU A 367 -21.96 -4.70 11.30
CA GLU A 367 -21.30 -4.27 12.52
C GLU A 367 -21.47 -5.32 13.60
N LEU A 368 -20.62 -5.24 14.61
CA LEU A 368 -20.70 -6.17 15.73
C LEU A 368 -22.04 -6.03 16.45
N MET A 369 -22.52 -4.80 16.59
CA MET A 369 -23.73 -4.56 17.35
C MET A 369 -24.99 -4.84 16.54
N GLY A 370 -24.87 -4.93 15.23
CA GLY A 370 -25.98 -5.30 14.36
C GLY A 370 -25.80 -4.73 12.98
N GLU A 371 -26.45 -5.35 12.01
CA GLU A 371 -26.43 -4.86 10.65
C GLU A 371 -27.20 -3.56 10.55
N ARG A 372 -26.66 -2.60 9.80
CA ARG A 372 -27.27 -1.29 9.67
C ARG A 372 -27.33 -0.91 8.20
N THR A 373 -28.36 -0.13 7.84
CA THR A 373 -28.54 0.38 6.49
C THR A 373 -28.42 1.90 6.53
N ASP A 374 -27.35 2.42 5.94
CA ASP A 374 -27.07 3.84 5.91
C ASP A 374 -27.61 4.40 4.59
N THR A 375 -28.65 5.23 4.68
CA THR A 375 -29.24 5.89 3.52
C THR A 375 -28.75 7.32 3.32
N PHE A 376 -27.93 7.83 4.23
CA PHE A 376 -27.29 9.14 4.07
C PHE A 376 -25.79 8.92 4.14
N LEU A 377 -25.10 9.19 3.04
CA LEU A 377 -23.68 8.91 2.93
C LEU A 377 -22.92 10.22 2.77
N PHE A 378 -22.11 10.58 3.76
CA PHE A 378 -21.31 11.79 3.69
C PHE A 378 -19.84 11.42 3.47
N HIS A 379 -19.22 12.02 2.46
CA HIS A 379 -17.84 11.75 2.14
C HIS A 379 -17.07 13.05 2.03
N TYR A 380 -15.80 12.99 2.44
CA TYR A 380 -14.97 14.17 2.68
C TYR A 380 -13.64 13.98 1.98
N ASN A 381 -13.23 14.96 1.17
CA ASN A 381 -12.02 14.86 0.37
C ASN A 381 -11.15 16.08 0.62
N PHE A 382 -9.98 15.86 1.21
CA PHE A 382 -9.03 16.93 1.56
C PHE A 382 -7.75 16.75 0.74
N PRO A 383 -7.72 17.24 -0.48
CA PRO A 383 -6.55 17.06 -1.34
C PRO A 383 -5.40 17.97 -0.91
N PRO A 384 -4.17 17.66 -1.31
CA PRO A 384 -3.03 18.48 -0.89
C PRO A 384 -3.11 19.94 -1.33
N TYR A 385 -3.61 20.21 -2.54
CA TYR A 385 -3.59 21.58 -3.03
C TYR A 385 -4.47 22.51 -2.22
N SER A 386 -5.34 21.95 -1.37
CA SER A 386 -6.13 22.79 -0.48
C SER A 386 -5.25 23.61 0.45
N VAL A 387 -4.05 23.12 0.77
CA VAL A 387 -3.12 23.86 1.60
C VAL A 387 -1.91 24.33 0.81
N GLY A 388 -1.98 24.29 -0.52
CA GLY A 388 -0.86 24.72 -1.33
C GLY A 388 0.34 23.82 -1.28
N GLU A 389 0.15 22.54 -1.02
CA GLU A 389 1.24 21.60 -0.87
C GLU A 389 1.12 20.48 -1.90
N THR A 390 2.17 19.68 -1.97
CA THR A 390 2.23 18.50 -2.83
C THR A 390 2.21 17.25 -1.97
N GLY A 391 1.37 16.30 -2.32
CA GLY A 391 1.31 15.07 -1.55
C GLY A 391 0.57 13.98 -2.30
N MET A 392 0.31 12.90 -1.57
CA MET A 392 -0.40 11.75 -2.12
C MET A 392 -1.90 11.97 -2.01
N VAL A 393 -2.62 11.57 -3.06
CA VAL A 393 -4.08 11.69 -3.11
C VAL A 393 -4.76 10.33 -3.02
N GLY A 394 -6.01 10.37 -2.57
CA GLY A 394 -6.86 9.20 -2.41
C GLY A 394 -6.58 8.32 -1.21
N SER A 395 -5.82 8.80 -0.23
CA SER A 395 -5.50 8.02 0.96
C SER A 395 -5.87 8.85 2.19
N PRO A 396 -7.16 8.91 2.53
CA PRO A 396 -7.57 9.74 3.66
C PRO A 396 -6.89 9.34 4.95
N LYS A 397 -6.45 10.34 5.70
CA LYS A 397 -5.87 10.12 7.02
C LYS A 397 -6.98 10.01 8.06
N ARG A 398 -6.59 9.83 9.32
CA ARG A 398 -7.56 9.81 10.40
C ARG A 398 -8.18 11.17 10.65
N ARG A 399 -7.45 12.26 10.38
CA ARG A 399 -8.02 13.59 10.55
C ARG A 399 -9.20 13.80 9.60
N GLU A 400 -9.03 13.43 8.32
CA GLU A 400 -10.09 13.61 7.34
C GLU A 400 -11.28 12.69 7.55
N ILE A 401 -11.12 11.65 8.36
CA ILE A 401 -12.26 10.80 8.69
C ILE A 401 -12.99 11.35 9.89
N GLY A 402 -12.27 11.82 10.90
CA GLY A 402 -12.95 12.48 12.00
C GLY A 402 -13.69 13.71 11.51
N HIS A 403 -13.09 14.44 10.57
CA HIS A 403 -13.74 15.63 10.00
C HIS A 403 -14.96 15.27 9.17
N GLY A 404 -14.88 14.21 8.36
CA GLY A 404 -16.05 13.78 7.61
C GLY A 404 -17.18 13.36 8.52
N ARG A 405 -16.87 12.63 9.59
CA ARG A 405 -17.90 12.24 10.54
C ARG A 405 -18.50 13.44 11.25
N LEU A 406 -17.67 14.42 11.61
CA LEU A 406 -18.20 15.61 12.27
C LEU A 406 -19.14 16.38 11.35
N ALA A 407 -18.77 16.52 10.07
CA ALA A 407 -19.67 17.19 9.13
C ALA A 407 -20.96 16.41 8.95
N LYS A 408 -20.87 15.08 8.86
CA LYS A 408 -22.08 14.27 8.75
C LYS A 408 -22.96 14.42 9.98
N ARG A 409 -22.37 14.45 11.16
CA ARG A 409 -23.14 14.66 12.39
C ARG A 409 -23.82 16.03 12.38
N GLY A 410 -23.13 17.04 11.87
CA GLY A 410 -23.73 18.36 11.79
C GLY A 410 -24.92 18.41 10.86
N VAL A 411 -24.84 17.74 9.71
CA VAL A 411 -25.94 17.79 8.75
C VAL A 411 -27.05 16.78 9.06
N LEU A 412 -26.78 15.75 9.86
CA LEU A 412 -27.72 14.64 10.01
C LEU A 412 -29.02 15.05 10.68
N ALA A 413 -29.02 16.10 11.50
CA ALA A 413 -30.21 16.40 12.29
C ALA A 413 -31.34 16.96 11.43
N VAL A 414 -31.02 17.60 10.30
CA VAL A 414 -32.04 18.24 9.49
C VAL A 414 -32.46 17.41 8.30
N MET A 415 -31.93 16.20 8.15
CA MET A 415 -32.24 15.41 6.97
C MET A 415 -33.69 14.92 7.05
N PRO A 416 -34.39 14.84 5.93
CA PRO A 416 -35.78 14.39 5.95
C PRO A 416 -35.89 12.93 6.35
N ASP A 417 -37.00 12.60 7.01
CA ASP A 417 -37.27 11.23 7.40
C ASP A 417 -37.72 10.42 6.18
N MET A 418 -37.53 9.10 6.26
CA MET A 418 -37.72 8.23 5.11
C MET A 418 -39.11 8.31 4.48
N ASP A 419 -40.16 8.45 5.28
CA ASP A 419 -41.51 8.44 4.68
C ASP A 419 -41.70 9.61 3.72
N LYS A 420 -41.24 10.81 4.10
CA LYS A 420 -41.40 11.96 3.22
C LYS A 420 -40.47 11.88 2.01
N PHE A 421 -39.21 11.53 2.23
CA PHE A 421 -38.24 11.45 1.14
C PHE A 421 -37.69 10.02 1.10
N PRO A 422 -38.25 9.15 0.25
CA PRO A 422 -37.81 7.75 0.22
C PRO A 422 -36.61 7.44 -0.66
N TYR A 423 -35.61 8.32 -0.70
CA TYR A 423 -34.44 8.09 -1.52
C TYR A 423 -33.17 8.10 -0.69
N THR A 424 -32.09 7.63 -1.32
CA THR A 424 -30.77 7.63 -0.71
C THR A 424 -30.02 8.87 -1.18
N VAL A 425 -29.37 9.55 -0.25
CA VAL A 425 -28.66 10.79 -0.54
C VAL A 425 -27.18 10.60 -0.22
N ARG A 426 -26.34 10.94 -1.18
CA ARG A 426 -24.89 10.95 -0.98
C ARG A 426 -24.41 12.38 -1.16
N VAL A 427 -23.73 12.90 -0.14
CA VAL A 427 -23.10 14.21 -0.18
C VAL A 427 -21.60 13.99 -0.22
N VAL A 428 -20.93 14.65 -1.16
CA VAL A 428 -19.48 14.62 -1.27
C VAL A 428 -18.98 16.04 -1.16
N SER A 429 -18.02 16.26 -0.27
CA SER A 429 -17.48 17.58 0.00
C SER A 429 -15.99 17.57 -0.28
N GLU A 430 -15.58 18.33 -1.29
CA GLU A 430 -14.19 18.51 -1.64
C GLU A 430 -13.71 19.84 -1.11
N ILE A 431 -12.64 19.82 -0.32
CA ILE A 431 -12.09 21.05 0.23
C ILE A 431 -11.08 21.57 -0.77
N THR A 432 -11.37 22.73 -1.34
CA THR A 432 -10.51 23.33 -2.34
C THR A 432 -9.53 24.31 -1.72
N GLU A 433 -9.90 24.95 -0.61
CA GLU A 433 -8.96 25.77 0.14
C GLU A 433 -9.16 25.51 1.62
N SER A 434 -8.07 25.48 2.39
CA SER A 434 -8.16 25.25 3.82
C SER A 434 -7.25 26.22 4.54
N ASN A 435 -7.86 27.22 5.20
CA ASN A 435 -7.15 28.12 6.10
C ASN A 435 -8.01 28.30 7.34
N GLY A 436 -8.48 27.19 7.90
CA GLY A 436 -9.36 27.23 9.03
C GLY A 436 -10.04 25.90 9.26
N SER A 437 -11.32 25.92 9.59
CA SER A 437 -12.10 24.70 9.76
C SER A 437 -12.79 24.37 8.45
N SER A 438 -12.20 23.44 7.70
CA SER A 438 -12.83 22.99 6.47
C SER A 438 -14.08 22.16 6.73
N SER A 439 -14.20 21.53 7.90
CA SER A 439 -15.37 20.72 8.20
C SER A 439 -16.62 21.57 8.39
N MET A 440 -16.49 22.78 8.93
CA MET A 440 -17.68 23.60 9.12
C MET A 440 -18.12 24.23 7.81
N ALA A 441 -17.17 24.57 6.94
CA ALA A 441 -17.54 24.94 5.58
C ALA A 441 -18.13 23.76 4.84
N SER A 442 -17.71 22.54 5.19
CA SER A 442 -18.32 21.35 4.64
C SER A 442 -19.77 21.25 5.04
N VAL A 443 -20.09 21.60 6.29
CA VAL A 443 -21.47 21.54 6.75
C VAL A 443 -22.33 22.57 6.01
N CYS A 444 -21.82 23.81 5.89
CA CYS A 444 -22.59 24.83 5.17
C CYS A 444 -22.77 24.45 3.70
N GLY A 445 -21.70 23.98 3.06
CA GLY A 445 -21.82 23.54 1.67
C GLY A 445 -22.77 22.37 1.51
N ALA A 446 -22.78 21.46 2.47
CA ALA A 446 -23.71 20.33 2.42
C ALA A 446 -25.15 20.81 2.50
N SER A 447 -25.42 21.77 3.38
CA SER A 447 -26.78 22.31 3.45
C SER A 447 -27.18 22.96 2.13
N LEU A 448 -26.28 23.77 1.55
CA LEU A 448 -26.61 24.45 0.30
C LEU A 448 -26.81 23.46 -0.84
N ALA A 449 -25.94 22.44 -0.92
CA ALA A 449 -26.08 21.45 -1.98
C ALA A 449 -27.34 20.63 -1.79
N LEU A 450 -27.71 20.34 -0.55
CA LEU A 450 -28.91 19.54 -0.31
C LEU A 450 -30.15 20.32 -0.66
N MET A 451 -30.08 21.65 -0.54
CA MET A 451 -31.26 22.43 -0.93
C MET A 451 -31.31 22.59 -2.44
N ASP A 452 -30.14 22.72 -3.07
CA ASP A 452 -30.08 22.86 -4.52
C ASP A 452 -30.56 21.59 -5.21
N ALA A 453 -30.22 20.43 -4.65
CA ALA A 453 -30.66 19.16 -5.22
C ALA A 453 -32.17 18.99 -5.11
N GLY A 454 -32.77 19.52 -4.06
CA GLY A 454 -34.21 19.42 -3.85
C GLY A 454 -34.59 18.63 -2.61
N VAL A 455 -33.63 18.15 -1.85
CA VAL A 455 -33.93 17.34 -0.67
C VAL A 455 -34.71 18.18 0.32
N PRO A 456 -35.88 17.74 0.78
CA PRO A 456 -36.69 18.59 1.67
C PRO A 456 -36.18 18.59 3.11
N ILE A 457 -35.04 19.24 3.32
CA ILE A 457 -34.43 19.28 4.64
C ILE A 457 -35.27 20.16 5.57
N LYS A 458 -35.13 19.91 6.87
CA LYS A 458 -35.98 20.61 7.84
C LYS A 458 -35.57 22.07 7.96
N ALA A 459 -34.27 22.35 7.97
CA ALA A 459 -33.78 23.71 8.02
C ALA A 459 -32.33 23.72 7.56
N ALA A 460 -31.83 24.91 7.25
CA ALA A 460 -30.45 25.08 6.84
C ALA A 460 -29.54 25.05 8.06
N VAL A 461 -28.40 24.39 7.91
CA VAL A 461 -27.43 24.25 8.99
C VAL A 461 -26.11 24.86 8.57
N ALA A 462 -25.47 25.57 9.49
CA ALA A 462 -24.15 26.13 9.29
C ALA A 462 -23.30 25.80 10.51
N GLY A 463 -21.99 25.81 10.33
CA GLY A 463 -21.08 25.52 11.40
C GLY A 463 -20.03 26.61 11.57
N ILE A 464 -19.56 26.74 12.82
CA ILE A 464 -18.54 27.71 13.19
C ILE A 464 -17.51 27.04 14.08
N ALA A 465 -16.24 27.30 13.81
CA ALA A 465 -15.13 26.80 14.61
C ALA A 465 -14.61 27.96 15.44
N MET A 466 -14.59 27.80 16.75
CA MET A 466 -14.22 28.86 17.65
C MET A 466 -13.05 28.41 18.50
N GLY A 467 -12.47 29.37 19.22
CA GLY A 467 -11.34 29.09 20.08
C GLY A 467 -11.41 29.91 21.35
N LEU A 468 -10.73 29.44 22.39
CA LEU A 468 -10.66 30.18 23.63
C LEU A 468 -9.24 30.16 24.15
N VAL A 469 -8.69 31.34 24.44
CA VAL A 469 -7.35 31.49 25.00
C VAL A 469 -7.47 32.01 26.43
N LYS A 470 -6.98 31.22 27.39
CA LYS A 470 -7.02 31.58 28.80
C LYS A 470 -5.62 31.71 29.42
N GLU A 471 -5.47 32.72 30.26
CA GLU A 471 -4.25 32.96 31.05
C GLU A 471 -4.66 33.55 32.39
N GLY A 472 -4.55 32.75 33.45
CA GLY A 472 -5.03 33.21 34.74
C GLY A 472 -6.53 33.30 34.72
N ASP A 473 -7.05 34.47 35.07
CA ASP A 473 -8.47 34.72 35.02
C ASP A 473 -8.89 35.43 33.75
N ASN A 474 -7.95 35.74 32.85
CA ASN A 474 -8.29 36.49 31.65
C ASN A 474 -8.45 35.51 30.49
N TYR A 475 -9.56 35.62 29.76
CA TYR A 475 -9.78 34.76 28.61
C TYR A 475 -10.35 35.58 27.45
N VAL A 476 -10.05 35.12 26.24
CA VAL A 476 -10.58 35.73 25.02
C VAL A 476 -11.14 34.63 24.11
N VAL A 477 -12.39 34.79 23.69
CA VAL A 477 -13.02 33.87 22.74
C VAL A 477 -12.84 34.42 21.34
N LEU A 478 -12.31 33.59 20.44
CA LEU A 478 -11.99 34.00 19.08
C LEU A 478 -12.93 33.29 18.11
N SER A 479 -13.66 34.08 17.31
CA SER A 479 -14.60 33.55 16.34
C SER A 479 -13.92 33.31 15.00
N ASP A 480 -14.27 32.20 14.35
CA ASP A 480 -13.74 31.86 13.03
C ASP A 480 -12.21 31.76 13.09
N ILE A 481 -11.75 30.77 13.85
CA ILE A 481 -10.32 30.61 14.02
C ILE A 481 -9.67 30.18 12.71
N LEU A 482 -8.45 30.65 12.48
CA LEU A 482 -7.65 30.28 11.32
C LEU A 482 -6.85 29.03 11.61
N GLY A 483 -6.05 28.62 10.64
CA GLY A 483 -5.23 27.44 10.82
C GLY A 483 -3.89 27.76 11.41
N ASP A 484 -3.54 29.05 11.39
CA ASP A 484 -2.29 29.55 11.93
C ASP A 484 -2.47 30.01 13.36
N GLU A 485 -3.68 29.89 13.89
CA GLU A 485 -4.05 30.30 15.24
C GLU A 485 -4.33 29.11 16.12
N ASP A 486 -3.93 27.91 15.70
CA ASP A 486 -4.22 26.71 16.48
C ASP A 486 -3.53 26.79 17.83
N HIS A 487 -2.25 27.20 17.84
CA HIS A 487 -1.52 27.27 19.10
C HIS A 487 -2.27 28.14 20.10
N LEU A 488 -3.14 29.02 19.63
CA LEU A 488 -3.85 29.95 20.51
C LEU A 488 -5.05 29.31 21.16
N GLY A 489 -5.36 28.08 20.78
CA GLY A 489 -6.55 27.42 21.28
C GLY A 489 -6.36 26.63 22.54
N ASP A 490 -6.66 27.23 23.69
CA ASP A 490 -6.69 26.45 24.92
C ASP A 490 -7.95 25.58 24.92
N MET A 491 -9.04 26.11 24.38
CA MET A 491 -10.23 25.33 24.09
C MET A 491 -10.54 25.51 22.62
N ASP A 492 -10.77 24.41 21.90
CA ASP A 492 -11.08 24.46 20.47
C ASP A 492 -12.42 23.77 20.24
N PHE A 493 -13.48 24.56 20.02
CA PHE A 493 -14.79 23.94 19.87
C PHE A 493 -15.34 24.21 18.48
N LYS A 494 -16.10 23.26 17.95
CA LYS A 494 -16.76 23.40 16.66
C LYS A 494 -18.24 23.14 16.85
N VAL A 495 -19.07 24.16 16.64
CA VAL A 495 -20.51 24.06 16.83
C VAL A 495 -21.20 24.18 15.48
N ALA A 496 -22.11 23.26 15.21
CA ALA A 496 -22.93 23.29 14.00
C ALA A 496 -24.39 23.32 14.40
N GLY A 497 -25.23 23.88 13.55
CA GLY A 497 -26.65 23.88 13.85
C GLY A 497 -27.42 24.79 12.93
N SER A 498 -28.71 24.85 13.19
CA SER A 498 -29.62 25.71 12.44
C SER A 498 -29.91 26.96 13.26
N ARG A 499 -30.92 27.72 12.82
CA ARG A 499 -31.36 28.90 13.57
C ARG A 499 -31.96 28.55 14.92
N ASP A 500 -32.33 27.29 15.16
CA ASP A 500 -33.05 26.94 16.38
C ASP A 500 -32.28 26.08 17.36
N GLY A 501 -31.24 25.37 16.93
CA GLY A 501 -30.51 24.58 17.91
C GLY A 501 -29.22 24.01 17.36
N ILE A 502 -28.43 23.46 18.27
CA ILE A 502 -27.17 22.81 17.93
C ILE A 502 -27.46 21.41 17.42
N SER A 503 -26.81 21.03 16.33
CA SER A 503 -26.94 19.70 15.76
C SER A 503 -25.71 18.83 15.97
N ALA A 504 -24.56 19.44 16.24
CA ALA A 504 -23.33 18.70 16.55
C ALA A 504 -22.42 19.61 17.34
N LEU A 505 -21.74 19.06 18.34
CA LEU A 505 -20.79 19.84 19.12
C LEU A 505 -19.52 19.04 19.36
N GLN A 506 -18.37 19.65 19.08
CA GLN A 506 -17.08 19.01 19.35
C GLN A 506 -16.16 19.98 20.07
N MET A 507 -15.82 19.66 21.32
CA MET A 507 -14.88 20.42 22.13
C MET A 507 -13.63 19.60 22.40
N ASP A 508 -12.50 20.31 22.55
CA ASP A 508 -11.20 19.69 22.87
C ASP A 508 -10.49 20.62 23.85
N ILE A 509 -10.76 20.45 25.13
CA ILE A 509 -10.15 21.27 26.17
C ILE A 509 -8.80 20.69 26.55
N LYS A 510 -7.81 21.57 26.72
CA LYS A 510 -6.46 21.13 27.06
C LYS A 510 -5.90 21.80 28.31
N ILE A 511 -6.68 22.65 28.99
CA ILE A 511 -6.24 23.30 30.21
C ILE A 511 -7.33 23.17 31.27
N GLU A 512 -6.95 23.43 32.52
CA GLU A 512 -7.86 23.36 33.65
C GLU A 512 -8.24 24.77 34.09
N GLY A 513 -9.54 25.02 34.18
CA GLY A 513 -10.02 26.33 34.60
C GLY A 513 -11.27 26.77 33.87
N ILE A 514 -11.64 26.06 32.80
CA ILE A 514 -12.76 26.46 31.96
C ILE A 514 -14.04 26.01 32.66
N THR A 515 -14.67 26.92 33.39
CA THR A 515 -15.87 26.65 34.14
C THR A 515 -17.08 26.60 33.20
N LYS A 516 -18.25 26.33 33.77
CA LYS A 516 -19.48 26.31 32.98
C LYS A 516 -19.81 27.68 32.42
N GLU A 517 -19.59 28.74 33.19
CA GLU A 517 -19.96 30.08 32.74
C GLU A 517 -19.14 30.49 31.52
N ILE A 518 -17.85 30.13 31.53
CA ILE A 518 -17.00 30.41 30.38
C ILE A 518 -17.53 29.68 29.16
N MET A 519 -18.04 28.47 29.36
CA MET A 519 -18.57 27.69 28.24
C MET A 519 -19.85 28.33 27.72
N GLN A 520 -20.64 28.96 28.60
CA GLN A 520 -21.85 29.63 28.14
C GLN A 520 -21.51 30.87 27.35
N VAL A 521 -20.47 31.60 27.77
CA VAL A 521 -20.04 32.77 27.02
C VAL A 521 -19.55 32.35 25.63
N ALA A 522 -18.85 31.22 25.59
CA ALA A 522 -18.28 30.79 24.33
C ALA A 522 -19.36 30.24 23.40
N LEU A 523 -20.38 29.59 23.96
CA LEU A 523 -21.38 29.02 23.08
C LEU A 523 -22.40 30.07 22.68
N ASN A 524 -22.44 31.21 23.38
CA ASN A 524 -23.31 32.28 22.95
C ASN A 524 -22.63 33.06 21.83
N GLN A 525 -21.30 33.15 21.88
CA GLN A 525 -20.60 33.84 20.81
C GLN A 525 -20.62 32.98 19.56
N ALA A 526 -20.50 31.65 19.73
CA ALA A 526 -20.61 30.76 18.60
C ALA A 526 -22.02 30.77 18.02
N LYS A 527 -23.05 30.89 18.88
CA LYS A 527 -24.40 31.00 18.36
C LYS A 527 -24.54 32.25 17.50
N GLY A 528 -24.01 33.38 17.96
CA GLY A 528 -24.11 34.60 17.17
C GLY A 528 -23.42 34.45 15.82
N ALA A 529 -22.25 33.79 15.82
CA ALA A 529 -21.52 33.60 14.57
C ALA A 529 -22.30 32.72 13.62
N ARG A 530 -22.84 31.61 14.13
CA ARG A 530 -23.60 30.70 13.30
C ARG A 530 -24.81 31.39 12.70
N LEU A 531 -25.49 32.23 13.49
CA LEU A 531 -26.67 32.90 12.99
C LEU A 531 -26.32 33.93 11.93
N HIS A 532 -25.16 34.58 12.05
CA HIS A 532 -24.69 35.45 10.98
C HIS A 532 -24.46 34.66 9.69
N ILE A 533 -23.74 33.55 9.79
CA ILE A 533 -23.46 32.75 8.60
C ILE A 533 -24.76 32.24 7.97
N LEU A 534 -25.70 31.82 8.81
CA LEU A 534 -26.99 31.32 8.31
C LEU A 534 -27.78 32.42 7.63
N GLY A 535 -27.75 33.64 8.17
CA GLY A 535 -28.40 34.75 7.50
C GLY A 535 -27.82 35.00 6.13
N VAL A 536 -26.49 34.97 6.02
CA VAL A 536 -25.87 35.18 4.72
C VAL A 536 -26.26 34.05 3.76
N MET A 537 -26.27 32.80 4.25
CA MET A 537 -26.64 31.66 3.42
C MET A 537 -28.08 31.72 2.91
N GLU A 538 -29.03 32.11 3.76
CA GLU A 538 -30.43 32.15 3.34
C GLU A 538 -30.65 33.17 2.23
N GLN A 539 -29.83 34.22 2.15
CA GLN A 539 -29.96 35.19 1.07
C GLN A 539 -29.74 34.59 -0.31
N ALA A 540 -29.13 33.41 -0.42
CA ALA A 540 -28.95 32.78 -1.73
C ALA A 540 -30.10 31.82 -2.03
N ILE A 541 -30.12 30.68 -1.35
CA ILE A 541 -31.18 29.69 -1.48
C ILE A 541 -31.96 29.65 -0.18
N ASN A 542 -33.28 29.70 -0.27
CA ASN A 542 -34.12 29.79 0.91
C ASN A 542 -35.07 28.60 1.06
N ALA A 543 -35.17 27.73 0.06
CA ALA A 543 -36.00 26.54 0.18
C ALA A 543 -35.54 25.52 -0.85
N PRO A 544 -35.81 24.24 -0.63
CA PRO A 544 -35.42 23.21 -1.61
C PRO A 544 -35.89 23.53 -3.02
N ARG A 545 -34.96 23.47 -3.97
CA ARG A 545 -35.27 23.64 -5.38
C ARG A 545 -35.67 22.29 -5.96
N GLY A 546 -36.97 22.12 -6.26
CA GLY A 546 -37.46 20.84 -6.74
C GLY A 546 -36.70 20.35 -7.96
N ASP A 547 -36.37 19.06 -8.00
CA ASP A 547 -35.54 18.54 -9.08
C ASP A 547 -35.80 17.04 -9.20
N ILE A 548 -35.14 16.43 -10.18
CA ILE A 548 -35.37 15.04 -10.57
C ILE A 548 -34.65 14.09 -9.61
N SER A 549 -35.00 12.81 -9.66
CA SER A 549 -34.38 11.80 -8.82
C SER A 549 -33.33 11.00 -9.59
N MET B 1 -15.65 40.45 -3.72
CA MET B 1 -15.19 39.28 -2.98
C MET B 1 -14.41 38.34 -3.88
N LEU B 2 -15.12 37.54 -4.66
CA LEU B 2 -14.52 36.60 -5.59
C LEU B 2 -14.88 37.03 -7.00
N ASN B 3 -13.85 37.23 -7.84
CA ASN B 3 -14.04 37.61 -9.24
C ASN B 3 -13.29 36.69 -10.20
N PRO B 4 -13.99 35.74 -10.83
CA PRO B 4 -13.34 34.81 -11.75
C PRO B 4 -13.15 35.37 -13.14
N ILE B 5 -12.06 34.94 -13.77
CA ILE B 5 -11.77 35.25 -15.18
C ILE B 5 -12.22 34.09 -16.03
N VAL B 6 -13.04 34.38 -17.04
CA VAL B 6 -13.68 33.37 -17.88
C VAL B 6 -13.31 33.63 -19.34
N ARG B 7 -12.96 32.55 -20.05
CA ARG B 7 -12.66 32.62 -21.47
C ARG B 7 -13.42 31.50 -22.18
N LYS B 8 -14.27 31.87 -23.13
CA LYS B 8 -15.08 30.92 -23.89
C LYS B 8 -14.67 30.96 -25.36
N PHE B 9 -14.58 29.78 -25.97
CA PHE B 9 -14.28 29.71 -27.40
C PHE B 9 -14.93 28.45 -27.97
N GLN B 10 -14.82 28.31 -29.29
CA GLN B 10 -15.44 27.20 -30.01
C GLN B 10 -14.37 26.23 -30.46
N TYR B 11 -14.49 24.97 -30.03
CA TYR B 11 -13.59 23.90 -30.40
C TYR B 11 -14.40 22.90 -31.22
N GLY B 12 -14.25 22.94 -32.53
CA GLY B 12 -15.03 22.10 -33.40
C GLY B 12 -16.52 22.35 -33.25
N GLN B 13 -17.23 21.35 -32.74
CA GLN B 13 -18.67 21.44 -32.53
C GLN B 13 -19.04 21.81 -31.10
N HIS B 14 -18.08 22.00 -30.21
CA HIS B 14 -18.36 22.22 -28.81
C HIS B 14 -17.87 23.60 -28.37
N THR B 15 -18.35 24.02 -27.21
CA THR B 15 -17.95 25.27 -26.59
C THR B 15 -17.07 24.93 -25.40
N VAL B 16 -15.85 25.48 -25.38
CA VAL B 16 -14.91 25.27 -24.29
C VAL B 16 -14.87 26.53 -23.45
N THR B 17 -15.06 26.36 -22.14
CA THR B 17 -15.00 27.44 -21.17
C THR B 17 -13.88 27.16 -20.19
N LEU B 18 -12.98 28.13 -20.03
CA LEU B 18 -11.90 28.07 -19.06
C LEU B 18 -12.15 29.15 -18.01
N GLU B 19 -12.28 28.74 -16.75
CA GLU B 19 -12.48 29.68 -15.66
C GLU B 19 -11.37 29.53 -14.63
N THR B 20 -10.81 30.66 -14.20
CA THR B 20 -9.71 30.65 -13.26
C THR B 20 -9.84 31.82 -12.31
N GLY B 21 -9.15 31.73 -11.18
CA GLY B 21 -9.01 32.84 -10.28
C GLY B 21 -9.98 32.87 -9.12
N MET B 22 -10.83 31.87 -8.99
CA MET B 22 -11.81 31.86 -7.90
C MET B 22 -11.76 30.61 -7.04
N MET B 23 -11.54 29.44 -7.62
CA MET B 23 -11.45 28.20 -6.88
C MET B 23 -10.00 27.79 -6.68
N ALA B 24 -9.70 27.21 -5.53
CA ALA B 24 -8.37 26.72 -5.19
C ALA B 24 -7.31 27.81 -5.36
N ARG B 25 -7.48 28.89 -4.60
CA ARG B 25 -6.57 30.02 -4.73
C ARG B 25 -5.26 29.83 -3.97
N GLN B 26 -5.14 28.74 -3.20
CA GLN B 26 -3.88 28.44 -2.53
C GLN B 26 -2.96 27.56 -3.35
N ALA B 27 -3.45 27.01 -4.47
CA ALA B 27 -2.61 26.28 -5.39
C ALA B 27 -1.84 27.24 -6.29
N THR B 28 -0.80 26.73 -6.94
CA THR B 28 -0.06 27.56 -7.89
C THR B 28 -0.97 28.00 -9.05
N ALA B 29 -1.80 27.09 -9.55
CA ALA B 29 -2.84 27.48 -10.49
C ALA B 29 -3.97 26.48 -10.43
N ALA B 30 -5.17 26.94 -10.77
CA ALA B 30 -6.36 26.09 -10.80
C ALA B 30 -7.28 26.58 -11.89
N VAL B 31 -7.75 25.66 -12.73
CA VAL B 31 -8.62 25.97 -13.85
C VAL B 31 -9.79 25.00 -13.86
N MET B 32 -10.98 25.52 -14.11
CA MET B 32 -12.15 24.70 -14.40
C MET B 32 -12.39 24.75 -15.91
N VAL B 33 -12.39 23.59 -16.54
CA VAL B 33 -12.54 23.49 -17.99
C VAL B 33 -13.82 22.74 -18.28
N SER B 34 -14.66 23.31 -19.13
CA SER B 34 -15.93 22.71 -19.51
C SER B 34 -16.04 22.66 -21.02
N MET B 35 -16.11 21.45 -21.57
CA MET B 35 -16.39 21.26 -22.99
C MET B 35 -17.78 20.64 -23.06
N ASP B 36 -18.73 21.38 -23.62
CA ASP B 36 -20.15 21.04 -23.52
C ASP B 36 -20.45 20.91 -22.04
N ASP B 37 -20.94 19.75 -21.60
CA ASP B 37 -21.25 19.61 -20.18
C ASP B 37 -20.20 18.81 -19.42
N THR B 38 -19.12 18.39 -20.08
CA THR B 38 -18.03 17.71 -19.39
C THR B 38 -17.15 18.74 -18.72
N ALA B 39 -16.98 18.64 -17.40
CA ALA B 39 -16.22 19.60 -16.62
C ALA B 39 -15.15 18.88 -15.81
N VAL B 40 -13.91 19.37 -15.93
CA VAL B 40 -12.76 18.86 -15.20
C VAL B 40 -12.10 20.03 -14.48
N PHE B 41 -11.81 19.84 -13.20
CA PHE B 41 -11.12 20.84 -12.38
C PHE B 41 -9.67 20.41 -12.20
N VAL B 42 -8.74 21.19 -12.75
CA VAL B 42 -7.34 20.82 -12.82
C VAL B 42 -6.51 21.83 -12.02
N THR B 43 -5.66 21.33 -11.14
CA THR B 43 -4.87 22.16 -10.24
C THR B 43 -3.41 21.74 -10.34
N VAL B 44 -2.52 22.72 -10.43
CA VAL B 44 -1.09 22.47 -10.45
C VAL B 44 -0.46 23.20 -9.26
N VAL B 45 0.37 22.47 -8.51
CA VAL B 45 1.13 23.01 -7.40
C VAL B 45 2.59 22.69 -7.65
N GLY B 46 3.43 23.73 -7.62
CA GLY B 46 4.85 23.52 -7.78
C GLY B 46 5.65 24.05 -6.61
N GLN B 47 6.57 23.25 -6.11
CA GLN B 47 7.40 23.69 -5.00
C GLN B 47 8.42 24.71 -5.50
N LYS B 48 8.72 25.70 -4.67
CA LYS B 48 9.57 26.80 -5.12
C LYS B 48 11.05 26.55 -4.83
N LYS B 49 11.38 25.55 -4.02
CA LYS B 49 12.77 25.20 -3.74
C LYS B 49 12.98 23.73 -4.06
N ALA B 50 14.06 23.43 -4.75
CA ALA B 50 14.37 22.05 -5.08
C ALA B 50 14.91 21.32 -3.85
N LYS B 51 14.77 20.01 -3.86
CA LYS B 51 15.26 19.21 -2.75
C LYS B 51 16.79 19.16 -2.79
N PRO B 52 17.48 19.36 -1.66
CA PRO B 52 18.95 19.27 -1.64
C PRO B 52 19.50 18.09 -2.43
N GLY B 53 20.31 18.38 -3.44
CA GLY B 53 20.94 17.34 -4.23
C GLY B 53 19.92 16.41 -4.87
N GLN B 54 19.03 16.97 -5.67
CA GLN B 54 18.07 16.18 -6.43
C GLN B 54 18.54 16.05 -7.87
N ASP B 55 18.49 14.82 -8.39
CA ASP B 55 19.02 14.53 -9.73
C ASP B 55 17.94 14.46 -10.80
N PHE B 56 16.78 13.85 -10.52
CA PHE B 56 15.75 13.71 -11.53
C PHE B 56 14.59 14.65 -11.24
N PHE B 57 13.71 14.79 -12.22
CA PHE B 57 12.57 15.71 -12.13
C PHE B 57 11.35 14.97 -11.60
N PRO B 58 10.90 15.23 -10.38
CA PRO B 58 9.69 14.58 -9.85
C PRO B 58 8.43 15.27 -10.34
N LEU B 59 7.75 14.63 -11.28
CA LEU B 59 6.47 15.10 -11.78
C LEU B 59 5.41 14.05 -11.52
N THR B 60 4.31 14.46 -10.89
CA THR B 60 3.21 13.56 -10.57
C THR B 60 1.94 14.10 -11.20
N VAL B 61 1.24 13.25 -11.94
CA VAL B 61 -0.06 13.59 -12.51
C VAL B 61 -1.09 12.60 -11.97
N ASN B 62 -2.11 13.12 -11.30
CA ASN B 62 -3.16 12.30 -10.71
C ASN B 62 -4.49 12.65 -11.36
N TYR B 63 -5.10 11.67 -12.01
CA TYR B 63 -6.39 11.83 -12.66
C TYR B 63 -7.46 11.10 -11.84
N GLN B 64 -8.51 11.81 -11.47
CA GLN B 64 -9.58 11.28 -10.64
C GLN B 64 -10.91 11.42 -11.35
N GLU B 65 -11.70 10.35 -11.32
CA GLU B 65 -13.06 10.36 -11.84
C GLU B 65 -14.01 10.19 -10.67
N ARG B 66 -14.92 11.14 -10.51
CA ARG B 66 -15.88 11.12 -9.43
C ARG B 66 -17.23 10.65 -9.95
N THR B 67 -17.82 9.66 -9.28
CA THR B 67 -19.06 9.07 -9.77
C THR B 67 -20.22 10.05 -9.74
N TYR B 68 -20.21 10.99 -8.79
CA TYR B 68 -21.27 11.99 -8.75
C TYR B 68 -21.28 12.87 -9.99
N ALA B 69 -20.17 12.90 -10.74
CA ALA B 69 -20.16 13.63 -12.00
C ALA B 69 -21.20 13.09 -12.96
N ALA B 70 -21.46 11.78 -12.92
CA ALA B 70 -22.45 11.15 -13.75
C ALA B 70 -23.82 11.07 -13.07
N GLY B 71 -23.98 11.68 -11.91
CA GLY B 71 -25.22 11.59 -11.17
C GLY B 71 -25.51 10.20 -10.65
N ARG B 72 -24.48 9.49 -10.20
CA ARG B 72 -24.61 8.12 -9.74
C ARG B 72 -23.90 7.95 -8.42
N ILE B 73 -24.43 7.05 -7.59
CA ILE B 73 -23.79 6.69 -6.33
C ILE B 73 -22.93 5.46 -6.60
N PRO B 74 -21.65 5.46 -6.23
CA PRO B 74 -20.77 4.36 -6.63
C PRO B 74 -21.24 3.03 -6.06
N GLY B 75 -21.04 1.97 -6.84
CA GLY B 75 -21.50 0.64 -6.52
C GLY B 75 -20.51 -0.23 -5.79
N SER B 76 -19.37 0.31 -5.38
CA SER B 76 -18.45 -0.46 -4.55
C SER B 76 -19.06 -0.71 -3.18
N PHE B 77 -18.45 -1.65 -2.45
CA PHE B 77 -19.02 -2.06 -1.16
C PHE B 77 -19.08 -0.90 -0.18
N PHE B 78 -18.04 -0.06 -0.17
CA PHE B 78 -17.99 1.12 0.68
C PHE B 78 -18.72 2.32 0.10
N ARG B 79 -19.28 2.21 -1.11
CA ARG B 79 -19.98 3.33 -1.76
C ARG B 79 -19.08 4.56 -1.84
N ARG B 80 -17.80 4.32 -2.15
CA ARG B 80 -16.82 5.39 -2.27
C ARG B 80 -15.79 5.02 -3.33
N GLU B 81 -15.34 6.04 -4.07
CA GLU B 81 -14.29 5.81 -5.06
C GLU B 81 -12.98 5.51 -4.34
N GLY B 82 -12.30 4.45 -4.77
CA GLY B 82 -11.10 4.03 -4.05
C GLY B 82 -9.84 4.30 -4.82
N ARG B 83 -8.97 3.29 -4.93
CA ARG B 83 -7.72 3.47 -5.63
C ARG B 83 -8.00 3.70 -7.12
N PRO B 84 -7.12 4.44 -7.81
CA PRO B 84 -7.36 4.71 -9.23
C PRO B 84 -7.40 3.43 -10.04
N SER B 85 -8.33 3.39 -11.00
CA SER B 85 -8.50 2.23 -11.84
C SER B 85 -7.48 2.23 -12.98
N GLU B 86 -7.60 1.26 -13.87
CA GLU B 86 -6.71 1.20 -15.03
C GLU B 86 -6.96 2.35 -15.98
N GLY B 87 -8.23 2.69 -16.21
CA GLY B 87 -8.54 3.79 -17.11
C GLY B 87 -8.05 5.13 -16.61
N GLU B 88 -8.22 5.39 -15.31
CA GLU B 88 -7.73 6.64 -14.74
C GLU B 88 -6.22 6.72 -14.81
N THR B 89 -5.54 5.60 -14.53
CA THR B 89 -4.08 5.56 -14.65
C THR B 89 -3.64 5.83 -16.07
N LEU B 90 -4.33 5.24 -17.05
CA LEU B 90 -3.98 5.46 -18.46
C LEU B 90 -4.20 6.90 -18.87
N ILE B 91 -5.28 7.52 -18.41
CA ILE B 91 -5.52 8.92 -18.76
C ILE B 91 -4.49 9.83 -18.09
N ALA B 92 -4.11 9.51 -16.85
CA ALA B 92 -3.06 10.28 -16.19
C ALA B 92 -1.74 10.17 -16.96
N ARG B 93 -1.42 8.97 -17.45
CA ARG B 93 -0.21 8.81 -18.26
C ARG B 93 -0.34 9.59 -19.58
N LEU B 94 -1.53 9.61 -20.17
CA LEU B 94 -1.74 10.41 -21.37
C LEU B 94 -1.46 11.88 -21.11
N ILE B 95 -1.90 12.39 -19.95
CA ILE B 95 -1.62 13.77 -19.59
C ILE B 95 -0.14 13.98 -19.33
N ASP B 96 0.52 12.99 -18.70
CA ASP B 96 1.91 13.13 -18.29
C ASP B 96 2.86 13.14 -19.48
N ARG B 97 2.60 12.30 -20.48
CA ARG B 97 3.56 12.14 -21.57
C ARG B 97 3.88 13.41 -22.36
N PRO B 98 2.91 14.28 -22.70
CA PRO B 98 3.26 15.46 -23.50
C PRO B 98 3.91 16.58 -22.70
N ILE B 99 3.63 16.66 -21.39
CA ILE B 99 4.07 17.81 -20.62
C ILE B 99 5.46 17.59 -20.02
N ARG B 100 5.85 16.35 -19.75
CA ARG B 100 7.14 16.13 -19.09
C ARG B 100 8.30 16.70 -19.89
N PRO B 101 8.37 16.57 -21.22
CA PRO B 101 9.53 17.09 -21.95
C PRO B 101 9.57 18.60 -22.06
N LEU B 102 8.55 19.32 -21.59
CA LEU B 102 8.44 20.74 -21.80
C LEU B 102 8.93 21.55 -20.61
N PHE B 103 9.45 20.89 -19.60
CA PHE B 103 10.06 21.65 -18.53
C PHE B 103 11.55 21.83 -18.84
N PRO B 104 12.12 23.00 -18.57
CA PRO B 104 13.50 23.27 -18.99
C PRO B 104 14.47 22.29 -18.36
N GLU B 105 15.59 22.06 -19.06
CA GLU B 105 16.61 21.18 -18.55
C GLU B 105 17.20 21.73 -17.27
N GLY B 106 17.40 20.85 -16.28
CA GLY B 106 17.87 21.25 -14.99
C GLY B 106 16.78 21.59 -13.99
N PHE B 107 15.53 21.62 -14.42
CA PHE B 107 14.41 21.91 -13.53
C PHE B 107 14.06 20.65 -12.74
N VAL B 108 14.21 20.71 -11.42
CA VAL B 108 14.01 19.51 -10.60
C VAL B 108 13.04 19.77 -9.46
N ASN B 109 12.41 20.94 -9.43
CA ASN B 109 11.39 21.19 -8.43
C ASN B 109 10.21 20.25 -8.63
N GLU B 110 9.51 19.94 -7.54
CA GLU B 110 8.43 18.98 -7.60
C GLU B 110 7.15 19.64 -8.09
N VAL B 111 6.47 18.99 -9.03
CA VAL B 111 5.24 19.50 -9.61
C VAL B 111 4.18 18.40 -9.57
N GLN B 112 3.03 18.71 -9.00
CA GLN B 112 1.88 17.81 -8.97
C GLN B 112 0.72 18.45 -9.71
N VAL B 113 0.13 17.70 -10.63
CA VAL B 113 -1.04 18.13 -11.40
C VAL B 113 -2.18 17.17 -11.07
N ILE B 114 -3.23 17.69 -10.46
CA ILE B 114 -4.40 16.89 -10.10
C ILE B 114 -5.57 17.33 -10.96
N ALA B 115 -6.13 16.40 -11.72
CA ALA B 115 -7.27 16.64 -12.59
C ALA B 115 -8.45 15.84 -12.09
N THR B 116 -9.44 16.51 -11.51
CA THR B 116 -10.64 15.87 -11.00
C THR B 116 -11.79 16.12 -11.96
N VAL B 117 -12.46 15.04 -12.37
CA VAL B 117 -13.62 15.16 -13.25
C VAL B 117 -14.84 15.42 -12.36
N VAL B 118 -15.43 16.60 -12.52
CA VAL B 118 -16.55 17.01 -11.68
C VAL B 118 -17.88 16.98 -12.40
N SER B 119 -17.90 16.85 -13.72
CA SER B 119 -19.17 16.67 -14.41
C SER B 119 -18.91 15.95 -15.73
N VAL B 120 -19.85 15.12 -16.14
CA VAL B 120 -19.70 14.32 -17.35
C VAL B 120 -20.94 14.45 -18.22
N ASN B 121 -20.73 14.84 -19.47
CA ASN B 121 -21.70 14.62 -20.53
C ASN B 121 -21.41 13.26 -21.12
N PRO B 122 -22.38 12.33 -21.15
CA PRO B 122 -22.07 10.96 -21.58
C PRO B 122 -21.51 10.86 -22.98
N GLN B 123 -21.74 11.86 -23.83
CA GLN B 123 -21.25 11.85 -25.20
C GLN B 123 -19.92 12.56 -25.37
N VAL B 124 -19.35 13.11 -24.29
CA VAL B 124 -18.10 13.87 -24.36
C VAL B 124 -17.09 13.22 -23.42
N ASN B 125 -15.96 12.81 -23.97
CA ASN B 125 -14.92 12.18 -23.18
C ASN B 125 -14.21 13.24 -22.33
N PRO B 126 -13.94 12.96 -21.05
CA PRO B 126 -13.25 13.95 -20.21
C PRO B 126 -11.74 14.01 -20.36
N ASP B 127 -11.10 13.11 -21.12
CA ASP B 127 -9.65 13.09 -21.15
C ASP B 127 -9.07 14.28 -21.90
N ILE B 128 -9.68 14.65 -23.03
CA ILE B 128 -9.23 15.85 -23.75
C ILE B 128 -9.42 17.08 -22.89
N VAL B 129 -10.55 17.17 -22.18
CA VAL B 129 -10.77 18.29 -21.27
C VAL B 129 -9.71 18.29 -20.17
N ALA B 130 -9.25 17.11 -19.76
CA ALA B 130 -8.27 17.06 -18.69
C ALA B 130 -6.90 17.47 -19.19
N MET B 131 -6.64 17.27 -20.48
CA MET B 131 -5.33 17.64 -20.99
C MET B 131 -5.30 19.10 -21.42
N ILE B 132 -6.47 19.69 -21.64
CA ILE B 132 -6.51 21.11 -21.93
C ILE B 132 -6.59 21.87 -20.62
N GLY B 133 -6.96 21.21 -19.53
CA GLY B 133 -7.00 21.90 -18.26
C GLY B 133 -5.65 21.76 -17.62
N ALA B 134 -4.91 20.71 -17.99
CA ALA B 134 -3.55 20.63 -17.47
C ALA B 134 -2.65 21.59 -18.23
N SER B 135 -2.88 21.75 -19.54
CA SER B 135 -2.13 22.75 -20.28
C SER B 135 -2.42 24.16 -19.75
N ALA B 136 -3.69 24.45 -19.47
CA ALA B 136 -4.05 25.78 -18.99
C ALA B 136 -3.48 26.04 -17.60
N ALA B 137 -3.67 25.09 -16.68
CA ALA B 137 -3.10 25.26 -15.34
C ALA B 137 -1.59 25.45 -15.41
N LEU B 138 -0.88 24.61 -16.17
CA LEU B 138 0.57 24.74 -16.22
C LEU B 138 1.00 26.04 -16.87
N SER B 139 0.16 26.62 -17.73
CA SER B 139 0.53 27.86 -18.39
C SER B 139 0.23 29.09 -17.55
N LEU B 140 -0.78 29.02 -16.68
CA LEU B 140 -1.10 30.16 -15.83
C LEU B 140 -0.27 30.20 -14.57
N SER B 141 0.25 29.04 -14.13
CA SER B 141 0.97 28.97 -12.86
C SER B 141 2.20 29.85 -12.85
N GLY B 142 2.88 30.00 -13.97
CA GLY B 142 4.15 30.68 -14.02
C GLY B 142 5.34 29.76 -13.86
N ILE B 143 5.12 28.49 -13.55
CA ILE B 143 6.22 27.51 -13.53
C ILE B 143 6.86 27.46 -14.90
N PRO B 144 8.20 27.39 -15.01
CA PRO B 144 8.83 27.29 -16.33
C PRO B 144 8.30 26.14 -17.15
N PHE B 145 7.60 26.48 -18.23
CA PHE B 145 6.89 25.51 -19.07
C PHE B 145 6.96 26.05 -20.48
N ASN B 146 7.58 25.31 -21.39
CA ASN B 146 7.86 25.82 -22.73
C ASN B 146 6.67 25.62 -23.67
N GLY B 147 5.58 26.30 -23.36
CA GLY B 147 4.51 26.43 -24.31
C GLY B 147 3.21 25.81 -23.86
N PRO B 148 2.08 26.44 -24.20
CA PRO B 148 0.80 25.76 -24.01
C PRO B 148 0.64 24.65 -25.04
N ILE B 149 0.15 23.51 -24.59
CA ILE B 149 -0.11 22.39 -25.48
C ILE B 149 -1.60 22.27 -25.71
N GLY B 150 -1.97 21.75 -26.88
CA GLY B 150 -3.35 21.45 -27.16
C GLY B 150 -3.47 19.94 -27.27
N ALA B 151 -4.72 19.49 -27.29
CA ALA B 151 -5.04 18.08 -27.46
C ALA B 151 -6.22 17.96 -28.40
N ALA B 152 -6.20 16.94 -29.22
CA ALA B 152 -7.32 16.68 -30.12
C ALA B 152 -7.47 15.19 -30.31
N ARG B 153 -8.71 14.72 -30.33
CA ARG B 153 -8.99 13.34 -30.69
C ARG B 153 -9.56 13.36 -32.09
N VAL B 154 -9.10 12.41 -32.90
CA VAL B 154 -9.47 12.30 -34.30
C VAL B 154 -10.07 10.93 -34.54
N GLY B 155 -11.14 10.91 -35.35
CA GLY B 155 -11.77 9.68 -35.77
C GLY B 155 -11.84 9.70 -37.28
N TYR B 156 -12.23 8.56 -37.85
CA TYR B 156 -12.26 8.42 -39.30
C TYR B 156 -13.59 7.78 -39.70
N ILE B 157 -14.53 8.60 -40.16
CA ILE B 157 -15.85 8.13 -40.53
C ILE B 157 -16.12 8.52 -41.97
N ASN B 158 -16.62 7.58 -42.77
CA ASN B 158 -16.95 7.82 -44.17
C ASN B 158 -15.78 8.44 -44.91
N ASP B 159 -14.58 7.93 -44.65
CA ASP B 159 -13.37 8.35 -45.33
C ASP B 159 -13.06 9.82 -45.09
N GLN B 160 -13.55 10.37 -43.98
CA GLN B 160 -13.30 11.74 -43.59
C GLN B 160 -12.86 11.81 -42.14
N TYR B 161 -11.87 12.66 -41.87
CA TYR B 161 -11.42 12.92 -40.52
C TYR B 161 -12.47 13.69 -39.73
N VAL B 162 -12.68 13.29 -38.48
CA VAL B 162 -13.68 13.87 -37.60
C VAL B 162 -12.99 14.34 -36.34
N LEU B 163 -13.18 15.61 -35.99
CA LEU B 163 -12.55 16.20 -34.82
C LEU B 163 -13.39 15.91 -33.59
N ASN B 164 -12.76 15.32 -32.57
CA ASN B 164 -13.39 15.06 -31.28
C ASN B 164 -14.73 14.32 -31.43
N PRO B 165 -14.73 13.11 -31.98
CA PRO B 165 -16.00 12.41 -32.17
C PRO B 165 -16.67 12.06 -30.85
N THR B 166 -17.99 12.10 -30.86
CA THR B 166 -18.76 11.69 -29.70
C THR B 166 -18.67 10.18 -29.53
N GLN B 167 -19.30 9.67 -28.47
CA GLN B 167 -19.25 8.23 -28.22
C GLN B 167 -20.19 7.44 -29.10
N ASP B 168 -21.13 8.09 -29.77
CA ASP B 168 -21.94 7.42 -30.77
C ASP B 168 -21.28 7.41 -32.14
N GLU B 169 -20.45 8.41 -32.43
CA GLU B 169 -19.68 8.42 -33.66
C GLU B 169 -18.50 7.46 -33.60
N LEU B 170 -17.93 7.24 -32.41
CA LEU B 170 -16.78 6.35 -32.29
C LEU B 170 -17.13 4.90 -32.60
N LYS B 171 -18.40 4.53 -32.54
CA LYS B 171 -18.78 3.17 -32.94
C LYS B 171 -18.67 2.97 -34.44
N GLU B 172 -18.90 4.00 -35.24
CA GLU B 172 -18.78 3.91 -36.68
C GLU B 172 -17.43 4.39 -37.18
N SER B 173 -16.51 4.73 -36.29
CA SER B 173 -15.20 5.23 -36.67
C SER B 173 -14.24 4.07 -36.89
N LYS B 174 -13.38 4.22 -37.90
CA LYS B 174 -12.29 3.29 -38.13
C LYS B 174 -11.02 3.68 -37.37
N LEU B 175 -11.05 4.78 -36.63
CA LEU B 175 -9.86 5.31 -36.00
C LEU B 175 -10.22 5.93 -34.66
N ASP B 176 -9.24 5.97 -33.76
CA ASP B 176 -9.35 6.68 -32.49
C ASP B 176 -7.94 7.13 -32.13
N LEU B 177 -7.63 8.39 -32.40
CA LEU B 177 -6.28 8.90 -32.25
C LEU B 177 -6.28 10.12 -31.37
N VAL B 178 -5.29 10.22 -30.47
CA VAL B 178 -5.09 11.38 -29.61
C VAL B 178 -3.77 12.04 -29.94
N VAL B 179 -3.83 13.24 -30.53
CA VAL B 179 -2.64 14.05 -30.80
C VAL B 179 -2.55 15.13 -29.76
N ALA B 180 -1.37 15.28 -29.14
CA ALA B 180 -1.12 16.41 -28.24
C ALA B 180 0.13 17.10 -28.75
N GLY B 181 0.05 18.42 -28.89
CA GLY B 181 1.19 19.14 -29.43
C GLY B 181 1.28 20.59 -29.00
N THR B 182 2.41 21.21 -29.29
CA THR B 182 2.60 22.62 -29.00
C THR B 182 2.19 23.42 -30.24
N GLU B 183 2.59 24.68 -30.32
CA GLU B 183 2.26 25.47 -31.50
C GLU B 183 3.19 25.17 -32.67
N ALA B 184 4.37 24.61 -32.40
CA ALA B 184 5.34 24.37 -33.45
C ALA B 184 5.50 22.91 -33.84
N ALA B 185 5.34 21.97 -32.90
CA ALA B 185 5.60 20.58 -33.21
C ALA B 185 4.65 19.66 -32.46
N VAL B 186 4.43 18.49 -33.05
CA VAL B 186 3.62 17.45 -32.43
C VAL B 186 4.46 16.77 -31.36
N LEU B 187 3.84 16.37 -30.26
CA LEU B 187 4.60 15.82 -29.16
C LEU B 187 4.19 14.43 -28.74
N MET B 188 2.91 14.09 -28.85
CA MET B 188 2.44 12.77 -28.42
C MET B 188 1.33 12.31 -29.34
N VAL B 189 1.44 11.08 -29.84
CA VAL B 189 0.35 10.46 -30.59
C VAL B 189 0.05 9.11 -29.95
N GLU B 190 -1.23 8.86 -29.69
CA GLU B 190 -1.67 7.57 -29.16
C GLU B 190 -2.91 7.16 -29.93
N SER B 191 -2.83 6.09 -30.72
CA SER B 191 -3.92 5.80 -31.62
C SER B 191 -4.13 4.30 -31.80
N GLU B 192 -5.40 3.94 -31.96
CA GLU B 192 -5.78 2.62 -32.44
C GLU B 192 -6.64 2.77 -33.69
N ALA B 193 -6.57 1.76 -34.56
CA ALA B 193 -7.24 1.85 -35.86
C ALA B 193 -7.56 0.46 -36.36
N GLN B 194 -8.47 0.39 -37.32
CA GLN B 194 -8.85 -0.87 -37.95
C GLN B 194 -8.11 -1.05 -39.26
N LEU B 195 -6.81 -1.27 -39.14
CA LEU B 195 -5.92 -1.61 -40.26
C LEU B 195 -5.94 -0.52 -41.33
N LEU B 196 -5.57 0.69 -40.93
CA LEU B 196 -5.49 1.82 -41.84
C LEU B 196 -4.06 1.97 -42.37
N SER B 197 -3.95 2.63 -43.52
CA SER B 197 -2.66 2.84 -44.15
C SER B 197 -1.88 3.91 -43.38
N GLU B 198 -0.63 4.12 -43.80
CA GLU B 198 0.23 5.07 -43.11
C GLU B 198 -0.07 6.52 -43.50
N ASP B 199 -0.57 6.72 -44.72
CA ASP B 199 -0.97 8.06 -45.12
C ASP B 199 -2.25 8.46 -44.40
N GLN B 200 -3.11 7.49 -44.11
CA GLN B 200 -4.36 7.78 -43.44
C GLN B 200 -4.12 8.17 -42.00
N MET B 201 -3.00 7.74 -41.43
CA MET B 201 -2.68 7.96 -40.03
C MET B 201 -1.89 9.25 -39.89
N LEU B 202 -1.02 9.52 -40.87
CA LEU B 202 -0.29 10.78 -40.83
C LEU B 202 -1.23 11.94 -41.10
N GLY B 203 -2.18 11.78 -42.04
CA GLY B 203 -3.16 12.82 -42.24
C GLY B 203 -3.99 13.08 -41.00
N ALA B 204 -4.08 12.10 -40.11
CA ALA B 204 -4.83 12.27 -38.87
C ALA B 204 -4.00 13.03 -37.85
N VAL B 205 -2.70 12.80 -37.86
CA VAL B 205 -1.85 13.53 -36.92
C VAL B 205 -1.75 14.98 -37.36
N VAL B 206 -1.82 15.21 -38.67
CA VAL B 206 -1.74 16.58 -39.20
C VAL B 206 -3.08 17.27 -39.01
N PHE B 207 -4.19 16.54 -39.09
CA PHE B 207 -5.49 17.13 -38.83
C PHE B 207 -5.60 17.53 -37.37
N GLY B 208 -5.29 16.61 -36.45
CA GLY B 208 -5.41 16.95 -35.04
C GLY B 208 -4.49 18.09 -34.68
N HIS B 209 -3.33 18.17 -35.34
CA HIS B 209 -2.40 19.23 -34.98
C HIS B 209 -2.91 20.55 -35.52
N GLU B 210 -3.63 20.54 -36.65
CA GLU B 210 -4.06 21.79 -37.23
C GLU B 210 -5.38 22.23 -36.62
N GLN B 211 -5.95 21.41 -35.73
CA GLN B 211 -7.13 21.78 -34.95
C GLN B 211 -6.77 22.26 -33.55
N GLN B 212 -5.66 21.78 -32.99
CA GLN B 212 -5.29 22.16 -31.63
C GLN B 212 -4.97 23.64 -31.51
N GLN B 213 -4.51 24.25 -32.61
CA GLN B 213 -4.09 25.65 -32.61
C GLN B 213 -5.10 26.57 -31.93
N VAL B 214 -6.39 26.40 -32.23
CA VAL B 214 -7.42 27.20 -31.57
C VAL B 214 -7.23 27.17 -30.05
N VAL B 215 -7.28 25.96 -29.48
CA VAL B 215 -7.09 25.76 -28.04
C VAL B 215 -5.83 26.47 -27.56
N ILE B 216 -4.72 26.30 -28.29
CA ILE B 216 -3.46 26.90 -27.86
C ILE B 216 -3.56 28.43 -27.84
N GLN B 217 -4.17 29.01 -28.88
CA GLN B 217 -4.27 30.46 -28.97
C GLN B 217 -5.13 31.01 -27.84
N ASN B 218 -6.22 30.31 -27.52
CA ASN B 218 -7.11 30.80 -26.47
C ASN B 218 -6.45 30.67 -25.11
N ILE B 219 -5.69 29.60 -24.88
CA ILE B 219 -4.95 29.49 -23.62
C ILE B 219 -3.91 30.60 -23.52
N ASN B 220 -3.27 30.96 -24.64
CA ASN B 220 -2.32 32.06 -24.62
C ASN B 220 -3.00 33.38 -24.26
N GLU B 221 -4.22 33.59 -24.77
CA GLU B 221 -4.96 34.80 -24.42
C GLU B 221 -5.35 34.80 -22.95
N LEU B 222 -5.81 33.65 -22.44
CA LEU B 222 -6.16 33.57 -21.03
C LEU B 222 -4.95 33.85 -20.15
N VAL B 223 -3.78 33.31 -20.53
CA VAL B 223 -2.57 33.55 -19.75
C VAL B 223 -2.20 35.02 -19.77
N LYS B 224 -2.35 35.69 -20.92
CA LYS B 224 -2.11 37.13 -20.95
C LYS B 224 -3.08 37.86 -20.03
N GLU B 225 -4.35 37.46 -20.01
CA GLU B 225 -5.34 38.16 -19.20
C GLU B 225 -5.09 37.96 -17.71
N ALA B 226 -4.94 36.71 -17.27
CA ALA B 226 -4.96 36.38 -15.85
C ALA B 226 -3.86 35.39 -15.49
N GLY B 227 -2.64 35.63 -15.98
CA GLY B 227 -1.52 34.74 -15.73
C GLY B 227 -0.63 35.27 -14.62
N LYS B 228 -0.15 34.35 -13.79
CA LYS B 228 0.75 34.71 -12.70
C LYS B 228 2.11 35.12 -13.25
N PRO B 229 2.84 35.97 -12.53
CA PRO B 229 4.19 36.33 -12.97
C PRO B 229 5.09 35.10 -13.04
N ARG B 230 5.94 35.07 -14.05
CA ARG B 230 6.74 33.88 -14.33
C ARG B 230 7.85 33.74 -13.29
N TRP B 231 8.16 32.49 -12.93
CA TRP B 231 9.19 32.25 -11.93
C TRP B 231 10.54 32.75 -12.42
N ASP B 232 11.37 33.16 -11.46
CA ASP B 232 12.72 33.62 -11.74
C ASP B 232 13.72 32.48 -11.73
N TRP B 233 13.26 31.24 -11.94
CA TRP B 233 14.12 30.08 -11.89
C TRP B 233 15.20 30.17 -12.97
N GLN B 234 16.43 29.84 -12.59
CA GLN B 234 17.55 29.75 -13.51
C GLN B 234 18.25 28.41 -13.31
N PRO B 235 18.69 27.77 -14.39
CA PRO B 235 19.33 26.47 -14.26
C PRO B 235 20.63 26.58 -13.48
N GLU B 236 20.96 25.51 -12.76
CA GLU B 236 22.22 25.47 -12.03
C GLU B 236 23.37 25.59 -13.03
N PRO B 237 24.35 26.45 -12.76
CA PRO B 237 25.46 26.60 -13.72
C PRO B 237 26.24 25.30 -13.87
N VAL B 238 26.66 25.03 -15.09
CA VAL B 238 27.40 23.82 -15.40
C VAL B 238 28.88 24.07 -15.15
N ASN B 239 29.57 23.02 -14.72
CA ASN B 239 31.01 23.12 -14.46
C ASN B 239 31.72 22.91 -15.79
N GLU B 240 31.88 24.00 -16.53
CA GLU B 240 32.50 23.91 -17.86
C GLU B 240 33.93 23.41 -17.76
N ALA B 241 34.69 23.88 -16.76
CA ALA B 241 36.07 23.43 -16.61
C ALA B 241 36.12 21.93 -16.33
N LEU B 242 35.28 21.45 -15.42
CA LEU B 242 35.29 20.02 -15.10
C LEU B 242 34.92 19.19 -16.31
N ASN B 243 33.89 19.61 -17.05
CA ASN B 243 33.49 18.88 -18.25
C ASN B 243 34.62 18.87 -19.28
N ALA B 244 35.29 20.00 -19.47
CA ALA B 244 36.39 20.06 -20.42
C ALA B 244 37.53 19.12 -20.02
N ARG B 245 37.88 19.09 -18.73
CA ARG B 245 38.94 18.21 -18.27
C ARG B 245 38.56 16.74 -18.48
N VAL B 246 37.34 16.36 -18.07
CA VAL B 246 36.92 14.98 -18.24
C VAL B 246 36.90 14.59 -19.71
N ALA B 247 36.43 15.50 -20.57
CA ALA B 247 36.40 15.24 -22.01
C ALA B 247 37.82 15.02 -22.54
N ALA B 248 38.71 15.97 -22.26
CA ALA B 248 40.08 15.83 -22.75
C ALA B 248 40.75 14.58 -22.21
N LEU B 249 40.30 14.06 -21.07
CA LEU B 249 40.92 12.87 -20.50
C LEU B 249 40.33 11.58 -21.03
N ALA B 250 39.04 11.56 -21.39
CA ALA B 250 38.36 10.29 -21.68
C ALA B 250 37.67 10.18 -23.03
N GLU B 251 37.50 11.27 -23.78
CA GLU B 251 36.66 11.23 -24.97
C GLU B 251 37.28 10.36 -26.05
N ALA B 252 38.57 10.57 -26.35
CA ALA B 252 39.22 9.77 -27.38
C ALA B 252 39.25 8.30 -26.99
N ARG B 253 39.48 8.01 -25.71
CA ARG B 253 39.51 6.62 -25.27
C ARG B 253 38.15 5.96 -25.43
N LEU B 254 37.07 6.68 -25.10
CA LEU B 254 35.73 6.10 -25.28
C LEU B 254 35.40 5.92 -26.75
N SER B 255 35.80 6.88 -27.60
CA SER B 255 35.57 6.76 -29.03
C SER B 255 36.31 5.56 -29.60
N ASP B 256 37.53 5.32 -29.12
CA ASP B 256 38.28 4.13 -29.54
C ASP B 256 37.61 2.86 -29.02
N ALA B 257 37.10 2.89 -27.79
CA ALA B 257 36.47 1.68 -27.24
C ALA B 257 35.24 1.30 -28.05
N TYR B 258 34.49 2.28 -28.53
CA TYR B 258 33.28 1.93 -29.28
C TYR B 258 33.55 1.41 -30.69
N ARG B 259 34.80 1.45 -31.17
CA ARG B 259 35.08 0.79 -32.44
C ARG B 259 35.24 -0.72 -32.30
N ILE B 260 35.28 -1.24 -31.08
CA ILE B 260 35.43 -2.67 -30.85
C ILE B 260 34.11 -3.37 -31.13
N THR B 261 34.16 -4.49 -31.85
CA THR B 261 32.94 -5.19 -32.22
C THR B 261 32.36 -6.01 -31.07
N ASP B 262 33.22 -6.61 -30.23
CA ASP B 262 32.74 -7.45 -29.15
C ASP B 262 32.18 -6.58 -28.02
N LYS B 263 31.14 -7.09 -27.37
CA LYS B 263 30.45 -6.32 -26.33
C LYS B 263 31.13 -6.41 -24.98
N GLN B 264 31.41 -7.63 -24.50
CA GLN B 264 31.95 -7.80 -23.15
C GLN B 264 33.30 -7.10 -22.97
N GLU B 265 34.21 -7.28 -23.93
CA GLU B 265 35.51 -6.61 -23.82
C GLU B 265 35.38 -5.10 -23.94
N ARG B 266 34.42 -4.62 -24.75
CA ARG B 266 34.18 -3.18 -24.84
C ARG B 266 33.68 -2.62 -23.51
N TYR B 267 32.76 -3.34 -22.86
CA TYR B 267 32.30 -2.92 -21.54
C TYR B 267 33.42 -2.94 -20.52
N ALA B 268 34.28 -3.96 -20.58
CA ALA B 268 35.41 -4.02 -19.66
C ALA B 268 36.35 -2.83 -19.86
N GLN B 269 36.66 -2.50 -21.11
CA GLN B 269 37.54 -1.36 -21.36
C GLN B 269 36.88 -0.05 -20.94
N VAL B 270 35.57 0.09 -21.17
CA VAL B 270 34.87 1.31 -20.75
C VAL B 270 34.92 1.45 -19.24
N ASP B 271 34.70 0.35 -18.52
CA ASP B 271 34.80 0.41 -17.06
C ASP B 271 36.22 0.75 -16.61
N VAL B 272 37.22 0.21 -17.30
CA VAL B 272 38.62 0.55 -16.99
C VAL B 272 38.86 2.04 -17.18
N ILE B 273 38.38 2.58 -18.30
CA ILE B 273 38.56 4.01 -18.59
C ILE B 273 37.88 4.85 -17.51
N LYS B 274 36.65 4.48 -17.15
CA LYS B 274 35.93 5.23 -16.14
C LYS B 274 36.65 5.21 -14.80
N SER B 275 37.10 4.03 -14.38
CA SER B 275 37.78 3.92 -13.10
C SER B 275 39.09 4.71 -13.09
N GLU B 276 39.87 4.63 -14.17
CA GLU B 276 41.13 5.35 -14.20
C GLU B 276 40.90 6.86 -14.22
N THR B 277 39.90 7.33 -14.97
CA THR B 277 39.60 8.76 -14.97
C THR B 277 39.15 9.22 -13.60
N ILE B 278 38.30 8.44 -12.93
CA ILE B 278 37.83 8.79 -11.59
C ILE B 278 39.01 8.87 -10.63
N ALA B 279 39.89 7.88 -10.67
CA ALA B 279 41.05 7.88 -9.79
C ALA B 279 41.96 9.07 -10.06
N THR B 280 42.21 9.36 -11.33
CA THR B 280 43.08 10.48 -11.69
C THR B 280 42.50 11.79 -11.18
N LEU B 281 41.20 12.01 -11.41
CA LEU B 281 40.60 13.27 -11.01
C LEU B 281 40.49 13.39 -9.49
N LEU B 282 40.28 12.28 -8.79
CA LEU B 282 40.26 12.32 -7.34
C LEU B 282 41.65 12.61 -6.79
N ALA B 283 42.69 12.09 -7.45
CA ALA B 283 44.04 12.45 -7.07
C ALA B 283 44.31 13.93 -7.30
N GLU B 284 43.80 14.47 -8.41
CA GLU B 284 43.96 15.90 -8.68
C GLU B 284 43.23 16.75 -7.65
N ASP B 285 42.04 16.32 -7.25
CA ASP B 285 41.27 17.02 -6.22
C ASP B 285 40.32 16.03 -5.56
N GLU B 286 40.35 15.98 -4.22
CA GLU B 286 39.52 15.03 -3.49
C GLU B 286 38.07 15.50 -3.40
N THR B 287 37.83 16.82 -3.45
CA THR B 287 36.50 17.37 -3.20
C THR B 287 35.51 17.03 -4.31
N LEU B 288 35.98 16.66 -5.50
CA LEU B 288 35.07 16.39 -6.61
C LEU B 288 34.16 15.20 -6.29
N ASP B 289 32.89 15.36 -6.61
CA ASP B 289 31.90 14.34 -6.32
C ASP B 289 32.06 13.12 -7.22
N GLU B 290 31.72 11.95 -6.69
CA GLU B 290 31.83 10.71 -7.43
C GLU B 290 30.66 10.54 -8.41
N ASN B 291 29.43 10.77 -7.92
CA ASN B 291 28.27 10.63 -8.78
C ASN B 291 28.28 11.64 -9.91
N GLU B 292 28.78 12.85 -9.62
CA GLU B 292 28.91 13.85 -10.69
C GLU B 292 29.89 13.40 -11.76
N LEU B 293 31.02 12.81 -11.35
CA LEU B 293 31.96 12.29 -12.34
C LEU B 293 31.34 11.17 -13.15
N GLY B 294 30.60 10.29 -12.50
CA GLY B 294 29.94 9.21 -13.24
C GLY B 294 28.93 9.73 -14.25
N GLU B 295 28.14 10.73 -13.85
CA GLU B 295 27.17 11.30 -14.79
C GLU B 295 27.86 11.99 -15.95
N ILE B 296 28.97 12.70 -15.69
CA ILE B 296 29.69 13.34 -16.80
C ILE B 296 30.24 12.29 -17.76
N LEU B 297 30.80 11.20 -17.23
CA LEU B 297 31.26 10.11 -18.10
C LEU B 297 30.12 9.54 -18.92
N HIS B 298 28.96 9.33 -18.30
CA HIS B 298 27.82 8.78 -19.02
C HIS B 298 27.36 9.74 -20.11
N ALA B 299 27.38 11.04 -19.83
CA ALA B 299 27.01 12.02 -20.85
C ALA B 299 27.97 11.99 -22.04
N ILE B 300 29.27 11.88 -21.77
CA ILE B 300 30.23 11.78 -22.88
C ILE B 300 29.99 10.50 -23.67
N GLU B 301 29.70 9.40 -22.98
CA GLU B 301 29.42 8.15 -23.66
C GLU B 301 28.21 8.27 -24.57
N LYS B 302 27.14 8.91 -24.07
CA LYS B 302 25.95 9.11 -24.89
C LYS B 302 26.24 9.99 -26.09
N ASN B 303 27.01 11.06 -25.91
CA ASN B 303 27.35 11.90 -27.05
C ASN B 303 28.19 11.14 -28.06
N VAL B 304 28.95 10.15 -27.61
CA VAL B 304 29.80 9.39 -28.52
C VAL B 304 28.94 8.47 -29.36
N VAL B 305 28.02 7.76 -28.70
CA VAL B 305 27.13 6.88 -29.45
C VAL B 305 26.31 7.69 -30.44
N ARG B 306 25.78 8.84 -30.01
CA ARG B 306 24.96 9.64 -30.91
C ARG B 306 25.76 10.12 -32.11
N SER B 307 27.02 10.50 -31.88
CA SER B 307 27.86 10.98 -32.97
C SER B 307 28.13 9.85 -33.96
N ARG B 308 28.39 8.64 -33.44
CA ARG B 308 28.66 7.51 -34.33
C ARG B 308 27.43 7.16 -35.13
N VAL B 309 26.26 7.14 -34.48
CA VAL B 309 25.03 6.76 -35.19
C VAL B 309 24.70 7.77 -36.27
N LEU B 310 24.85 9.06 -35.98
CA LEU B 310 24.46 10.07 -36.97
C LEU B 310 25.46 10.17 -38.12
N ALA B 311 26.63 9.57 -37.99
CA ALA B 311 27.67 9.63 -39.01
C ALA B 311 27.72 8.40 -39.88
N GLY B 312 26.79 7.46 -39.70
CA GLY B 312 26.72 6.27 -40.53
C GLY B 312 27.46 5.08 -40.00
N GLU B 313 28.09 5.19 -38.85
CA GLU B 313 28.78 4.05 -38.25
C GLU B 313 27.78 3.04 -37.71
N PRO B 314 28.17 1.76 -37.65
CA PRO B 314 27.24 0.74 -37.14
C PRO B 314 26.88 0.99 -35.67
N ARG B 315 25.72 0.47 -35.29
CA ARG B 315 25.22 0.68 -33.94
C ARG B 315 26.06 -0.09 -32.93
N ILE B 316 25.71 0.05 -31.64
CA ILE B 316 26.52 -0.51 -30.57
C ILE B 316 26.58 -2.04 -30.66
N ASP B 317 25.56 -2.66 -31.26
CA ASP B 317 25.54 -4.11 -31.40
C ASP B 317 25.85 -4.56 -32.82
N GLY B 318 26.43 -3.68 -33.64
CA GLY B 318 26.88 -4.04 -34.97
C GLY B 318 25.82 -3.99 -36.04
N ARG B 319 24.58 -3.72 -35.68
CA ARG B 319 23.50 -3.63 -36.65
C ARG B 319 23.56 -2.33 -37.42
N GLU B 320 22.94 -2.33 -38.60
CA GLU B 320 22.80 -1.13 -39.38
C GLU B 320 21.46 -0.48 -39.04
N LYS B 321 21.14 0.62 -39.71
CA LYS B 321 19.96 1.39 -39.33
C LYS B 321 18.67 0.57 -39.48
N ASP B 322 18.57 -0.23 -40.53
CA ASP B 322 17.32 -0.94 -40.82
C ASP B 322 17.38 -2.43 -40.50
N MET B 323 18.36 -2.87 -39.73
CA MET B 323 18.52 -4.30 -39.47
C MET B 323 17.71 -4.71 -38.24
N ILE B 324 17.02 -5.84 -38.36
CA ILE B 324 16.22 -6.39 -37.28
C ILE B 324 16.97 -7.53 -36.62
N ARG B 325 16.77 -7.67 -35.31
CA ARG B 325 17.44 -8.70 -34.53
C ARG B 325 16.89 -10.08 -34.86
N GLY B 326 17.63 -11.10 -34.45
CA GLY B 326 17.24 -12.46 -34.75
C GLY B 326 15.91 -12.80 -34.09
N LEU B 327 15.12 -13.62 -34.77
CA LEU B 327 13.77 -13.93 -34.34
C LEU B 327 13.65 -15.41 -34.04
N ASP B 328 12.72 -15.74 -33.15
CA ASP B 328 12.47 -17.12 -32.76
C ASP B 328 11.03 -17.22 -32.31
N VAL B 329 10.27 -18.09 -32.96
CA VAL B 329 8.84 -18.25 -32.68
C VAL B 329 8.58 -19.70 -32.29
N ARG B 330 7.99 -19.90 -31.12
CA ARG B 330 7.62 -21.22 -30.65
C ARG B 330 6.14 -21.19 -30.31
N THR B 331 5.37 -22.18 -30.78
CA THR B 331 3.95 -22.20 -30.51
C THR B 331 3.61 -23.53 -29.84
N GLY B 332 2.77 -23.47 -28.82
CA GLY B 332 2.37 -24.68 -28.13
C GLY B 332 3.38 -25.07 -27.08
N VAL B 333 3.81 -24.12 -26.24
CA VAL B 333 4.89 -24.40 -25.30
C VAL B 333 4.41 -24.83 -23.92
N LEU B 334 3.18 -24.49 -23.55
CA LEU B 334 2.65 -24.94 -22.28
C LEU B 334 1.64 -26.05 -22.47
N PRO B 335 1.69 -27.10 -21.66
CA PRO B 335 0.86 -28.29 -21.94
C PRO B 335 -0.63 -28.09 -21.76
N ARG B 336 -1.06 -27.48 -20.65
CA ARG B 336 -2.47 -27.44 -20.30
C ARG B 336 -3.08 -26.05 -20.46
N THR B 337 -2.58 -25.28 -21.43
CA THR B 337 -3.11 -23.96 -21.72
C THR B 337 -3.83 -24.00 -23.06
N HIS B 338 -4.85 -23.15 -23.21
CA HIS B 338 -5.63 -23.18 -24.44
C HIS B 338 -4.79 -22.77 -25.63
N GLY B 339 -3.99 -21.71 -25.48
CA GLY B 339 -3.08 -21.31 -26.54
C GLY B 339 -1.85 -20.68 -25.94
N SER B 340 -0.67 -20.89 -26.54
CA SER B 340 0.54 -20.36 -25.94
C SER B 340 1.59 -20.14 -27.02
N ALA B 341 2.52 -19.25 -26.71
CA ALA B 341 3.58 -18.91 -27.65
C ALA B 341 4.74 -18.29 -26.89
N LEU B 342 5.95 -18.46 -27.45
CA LEU B 342 7.16 -17.81 -27.00
C LEU B 342 7.75 -17.07 -28.19
N PHE B 343 7.84 -15.75 -28.07
CA PHE B 343 8.38 -14.91 -29.13
C PHE B 343 9.65 -14.24 -28.65
N THR B 344 10.73 -14.39 -29.41
CA THR B 344 12.03 -13.80 -29.10
C THR B 344 12.56 -12.93 -30.23
N ARG B 345 12.81 -11.65 -29.94
CA ARG B 345 13.53 -10.74 -30.85
C ARG B 345 14.86 -10.43 -30.20
N GLY B 346 15.92 -11.10 -30.64
CA GLY B 346 17.20 -10.88 -29.99
C GLY B 346 17.11 -11.25 -28.54
N GLU B 347 17.28 -10.25 -27.67
CA GLU B 347 17.30 -10.44 -26.23
C GLU B 347 16.01 -9.99 -25.57
N THR B 348 14.96 -9.70 -26.35
CA THR B 348 13.64 -9.44 -25.80
C THR B 348 12.77 -10.66 -26.01
N GLN B 349 12.31 -11.27 -24.93
CA GLN B 349 11.48 -12.46 -25.02
C GLN B 349 10.17 -12.27 -24.26
N ALA B 350 9.12 -12.89 -24.79
CA ALA B 350 7.80 -12.84 -24.18
C ALA B 350 7.12 -14.19 -24.31
N LEU B 351 6.58 -14.68 -23.19
CA LEU B 351 5.74 -15.87 -23.17
C LEU B 351 4.29 -15.42 -23.02
N VAL B 352 3.47 -15.72 -24.02
CA VAL B 352 2.12 -15.20 -24.11
C VAL B 352 1.15 -16.38 -24.17
N THR B 353 0.09 -16.31 -23.38
CA THR B 353 -0.94 -17.34 -23.36
C THR B 353 -2.30 -16.73 -23.65
N ALA B 354 -3.19 -17.56 -24.20
CA ALA B 354 -4.56 -17.18 -24.52
C ALA B 354 -5.50 -18.21 -23.91
N THR B 355 -6.46 -17.72 -23.14
CA THR B 355 -7.46 -18.53 -22.45
C THR B 355 -8.85 -18.18 -22.98
N LEU B 356 -9.66 -19.20 -23.20
CA LEU B 356 -11.01 -19.05 -23.73
C LEU B 356 -12.01 -19.28 -22.60
N GLY B 357 -12.95 -18.35 -22.43
CA GLY B 357 -13.96 -18.45 -21.40
C GLY B 357 -15.35 -18.26 -21.98
N THR B 358 -16.34 -18.43 -21.11
CA THR B 358 -17.73 -18.24 -21.46
C THR B 358 -18.13 -16.77 -21.26
N ALA B 359 -19.34 -16.45 -21.72
CA ALA B 359 -19.81 -15.07 -21.68
C ALA B 359 -19.94 -14.55 -20.25
N ARG B 360 -19.98 -15.43 -19.25
CA ARG B 360 -20.06 -14.98 -17.87
C ARG B 360 -18.70 -14.52 -17.34
N ASP B 361 -17.61 -14.89 -18.00
CA ASP B 361 -16.29 -14.45 -17.60
C ASP B 361 -15.92 -13.08 -18.16
N ALA B 362 -16.78 -12.46 -18.94
CA ALA B 362 -16.49 -11.13 -19.45
C ALA B 362 -16.45 -10.12 -18.31
N GLN B 363 -15.58 -9.12 -18.45
CA GLN B 363 -15.38 -8.15 -17.39
C GLN B 363 -16.40 -7.03 -17.52
N VAL B 364 -17.06 -6.70 -16.41
CA VAL B 364 -18.03 -5.62 -16.38
C VAL B 364 -17.37 -4.42 -15.72
N LEU B 365 -17.30 -3.30 -16.44
CA LEU B 365 -16.69 -2.09 -15.93
C LEU B 365 -17.75 -1.01 -15.83
N ASP B 366 -17.86 -0.41 -14.65
CA ASP B 366 -18.82 0.67 -14.42
C ASP B 366 -18.04 1.97 -14.55
N GLU B 367 -17.73 2.32 -15.79
CA GLU B 367 -16.95 3.51 -16.04
C GLU B 367 -17.82 4.74 -15.92
N LEU B 368 -17.16 5.88 -15.68
CA LEU B 368 -17.90 7.12 -15.45
C LEU B 368 -18.79 7.48 -16.63
N MET B 369 -18.44 7.01 -17.82
CA MET B 369 -19.19 7.33 -19.03
C MET B 369 -20.21 6.25 -19.40
N GLY B 370 -20.36 5.23 -18.58
CA GLY B 370 -21.37 4.21 -18.80
C GLY B 370 -20.87 2.86 -18.33
N GLU B 371 -21.72 1.86 -18.51
CA GLU B 371 -21.36 0.48 -18.19
C GLU B 371 -20.93 -0.23 -19.45
N ARG B 372 -19.75 -0.84 -19.40
CA ARG B 372 -19.16 -1.48 -20.58
C ARG B 372 -18.80 -2.92 -20.25
N THR B 373 -19.17 -3.84 -21.12
CA THR B 373 -18.77 -5.24 -20.99
C THR B 373 -17.64 -5.52 -21.96
N ASP B 374 -16.48 -5.92 -21.42
CA ASP B 374 -15.32 -6.25 -22.22
C ASP B 374 -15.18 -7.77 -22.31
N THR B 375 -15.09 -8.27 -23.53
CA THR B 375 -14.97 -9.70 -23.81
C THR B 375 -13.60 -10.07 -24.35
N PHE B 376 -12.65 -9.14 -24.29
CA PHE B 376 -11.27 -9.39 -24.69
C PHE B 376 -10.41 -8.68 -23.66
N LEU B 377 -9.68 -9.45 -22.86
CA LEU B 377 -8.88 -8.93 -21.78
C LEU B 377 -7.41 -9.16 -22.09
N PHE B 378 -6.59 -8.14 -21.88
CA PHE B 378 -5.16 -8.24 -22.12
C PHE B 378 -4.43 -7.86 -20.83
N HIS B 379 -3.57 -8.75 -20.37
CA HIS B 379 -2.80 -8.50 -19.15
C HIS B 379 -1.33 -8.68 -19.46
N TYR B 380 -0.50 -7.85 -18.83
CA TYR B 380 0.91 -7.70 -19.21
C TYR B 380 1.72 -7.67 -17.93
N ASN B 381 2.55 -8.69 -17.71
CA ASN B 381 3.34 -8.83 -16.50
C ASN B 381 4.81 -8.63 -16.84
N PHE B 382 5.43 -7.64 -16.21
CA PHE B 382 6.83 -7.31 -16.40
C PHE B 382 7.63 -7.61 -15.14
N PRO B 383 8.06 -8.85 -14.94
CA PRO B 383 8.75 -9.22 -13.69
C PRO B 383 10.16 -8.64 -13.66
N PRO B 384 10.74 -8.48 -12.47
CA PRO B 384 12.09 -7.90 -12.40
C PRO B 384 13.16 -8.72 -13.09
N TYR B 385 13.03 -10.04 -13.12
CA TYR B 385 14.11 -10.84 -13.66
C TYR B 385 14.25 -10.68 -15.16
N SER B 386 13.29 -10.03 -15.81
CA SER B 386 13.41 -9.78 -17.23
C SER B 386 14.55 -8.82 -17.52
N VAL B 387 14.92 -8.00 -16.54
CA VAL B 387 16.08 -7.12 -16.69
C VAL B 387 17.24 -7.58 -15.81
N GLY B 388 17.15 -8.78 -15.24
CA GLY B 388 18.21 -9.31 -14.41
C GLY B 388 18.44 -8.57 -13.12
N GLU B 389 17.36 -8.18 -12.44
CA GLU B 389 17.46 -7.46 -11.18
C GLU B 389 16.38 -7.96 -10.23
N THR B 390 16.63 -7.76 -8.94
CA THR B 390 15.66 -8.12 -7.91
C THR B 390 14.80 -6.90 -7.57
N GLY B 391 13.53 -7.16 -7.30
CA GLY B 391 12.62 -6.08 -6.99
C GLY B 391 11.27 -6.60 -6.55
N MET B 392 10.33 -5.67 -6.38
CA MET B 392 8.99 -6.06 -5.99
C MET B 392 8.32 -6.81 -7.13
N VAL B 393 7.49 -7.79 -6.77
CA VAL B 393 6.91 -8.71 -7.74
C VAL B 393 5.39 -8.66 -7.62
N GLY B 394 4.72 -8.60 -8.77
CA GLY B 394 3.28 -8.58 -8.82
C GLY B 394 2.64 -7.21 -8.68
N SER B 395 3.44 -6.15 -8.62
CA SER B 395 2.90 -4.80 -8.53
C SER B 395 3.05 -4.14 -9.90
N PRO B 396 1.98 -3.97 -10.68
CA PRO B 396 2.12 -3.31 -11.99
C PRO B 396 2.12 -1.80 -11.82
N LYS B 397 3.24 -1.17 -12.17
CA LYS B 397 3.34 0.28 -12.14
C LYS B 397 2.65 0.89 -13.36
N ARG B 398 2.73 2.21 -13.50
CA ARG B 398 2.03 2.88 -14.60
C ARG B 398 2.58 2.50 -15.98
N ARG B 399 3.90 2.39 -16.13
CA ARG B 399 4.43 2.04 -17.46
C ARG B 399 3.98 0.65 -17.89
N GLU B 400 3.89 -0.28 -16.95
CA GLU B 400 3.46 -1.64 -17.30
C GLU B 400 2.02 -1.65 -17.77
N ILE B 401 1.15 -0.89 -17.10
CA ILE B 401 -0.25 -0.79 -17.52
C ILE B 401 -0.34 -0.12 -18.89
N GLY B 402 0.47 0.92 -19.11
CA GLY B 402 0.47 1.57 -20.41
C GLY B 402 0.92 0.65 -21.53
N HIS B 403 1.96 -0.14 -21.28
CA HIS B 403 2.42 -1.09 -22.29
C HIS B 403 1.40 -2.18 -22.54
N GLY B 404 0.68 -2.61 -21.50
CA GLY B 404 -0.39 -3.57 -21.72
C GLY B 404 -1.52 -3.00 -22.56
N ARG B 405 -1.89 -1.75 -22.30
CA ARG B 405 -2.92 -1.12 -23.09
C ARG B 405 -2.49 -0.92 -24.53
N LEU B 406 -1.22 -0.57 -24.74
CA LEU B 406 -0.71 -0.42 -26.10
C LEU B 406 -0.74 -1.74 -26.86
N ALA B 407 -0.35 -2.84 -26.21
CA ALA B 407 -0.41 -4.13 -26.88
C ALA B 407 -1.85 -4.53 -27.19
N LYS B 408 -2.77 -4.26 -26.26
CA LYS B 408 -4.18 -4.56 -26.51
C LYS B 408 -4.70 -3.74 -27.68
N ARG B 409 -4.31 -2.47 -27.76
CA ARG B 409 -4.67 -1.66 -28.92
C ARG B 409 -4.10 -2.27 -30.20
N GLY B 410 -2.89 -2.84 -30.11
CA GLY B 410 -2.26 -3.41 -31.29
C GLY B 410 -2.94 -4.66 -31.77
N VAL B 411 -3.64 -5.37 -30.88
CA VAL B 411 -4.27 -6.63 -31.25
C VAL B 411 -5.78 -6.50 -31.42
N LEU B 412 -6.39 -5.43 -30.89
CA LEU B 412 -7.84 -5.28 -30.89
C LEU B 412 -8.45 -5.19 -32.29
N ALA B 413 -7.66 -4.91 -33.33
CA ALA B 413 -8.24 -4.70 -34.64
C ALA B 413 -8.57 -5.99 -35.38
N VAL B 414 -7.92 -7.10 -35.02
CA VAL B 414 -8.11 -8.35 -35.73
C VAL B 414 -8.98 -9.33 -34.95
N MET B 415 -9.44 -8.95 -33.77
CA MET B 415 -10.21 -9.87 -32.96
C MET B 415 -11.57 -10.13 -33.59
N PRO B 416 -12.05 -11.37 -33.57
CA PRO B 416 -13.32 -11.71 -34.22
C PRO B 416 -14.51 -11.04 -33.55
N ASP B 417 -15.58 -10.90 -34.32
CA ASP B 417 -16.81 -10.30 -33.82
C ASP B 417 -17.59 -11.31 -32.97
N MET B 418 -18.42 -10.77 -32.08
CA MET B 418 -19.17 -11.61 -31.15
C MET B 418 -20.13 -12.56 -31.86
N ASP B 419 -20.46 -12.29 -33.12
CA ASP B 419 -21.25 -13.27 -33.88
C ASP B 419 -20.40 -14.46 -34.27
N LYS B 420 -19.22 -14.19 -34.84
CA LYS B 420 -18.35 -15.26 -35.29
C LYS B 420 -17.80 -16.05 -34.12
N PHE B 421 -17.22 -15.37 -33.13
CA PHE B 421 -16.69 -15.98 -31.93
C PHE B 421 -17.42 -15.44 -30.72
N PRO B 422 -18.35 -16.20 -30.12
CA PRO B 422 -19.12 -15.68 -28.99
C PRO B 422 -18.51 -15.94 -27.63
N TYR B 423 -17.20 -16.16 -27.58
CA TYR B 423 -16.51 -16.47 -26.34
C TYR B 423 -15.63 -15.32 -25.87
N THR B 424 -15.34 -15.33 -24.58
CA THR B 424 -14.42 -14.38 -23.98
C THR B 424 -13.00 -14.89 -24.13
N VAL B 425 -12.05 -13.97 -24.28
CA VAL B 425 -10.66 -14.31 -24.50
C VAL B 425 -9.79 -13.48 -23.57
N ARG B 426 -8.92 -14.14 -22.81
CA ARG B 426 -7.96 -13.47 -21.94
C ARG B 426 -6.56 -13.82 -22.42
N VAL B 427 -5.80 -12.79 -22.80
CA VAL B 427 -4.42 -12.95 -23.26
C VAL B 427 -3.50 -12.41 -22.18
N VAL B 428 -2.59 -13.24 -21.70
CA VAL B 428 -1.64 -12.86 -20.66
C VAL B 428 -0.23 -12.95 -21.25
N SER B 429 0.51 -11.85 -21.16
CA SER B 429 1.85 -11.75 -21.71
C SER B 429 2.85 -11.60 -20.58
N GLU B 430 3.72 -12.59 -20.41
CA GLU B 430 4.77 -12.56 -19.41
C GLU B 430 6.08 -12.18 -20.07
N ILE B 431 6.64 -11.03 -19.70
CA ILE B 431 7.89 -10.58 -20.31
C ILE B 431 9.02 -11.36 -19.62
N THR B 432 9.54 -12.37 -20.31
CA THR B 432 10.64 -13.15 -19.75
C THR B 432 11.98 -12.44 -19.91
N GLU B 433 12.18 -11.72 -21.02
CA GLU B 433 13.39 -10.92 -21.17
C GLU B 433 13.03 -9.58 -21.77
N SER B 434 13.73 -8.53 -21.36
CA SER B 434 13.46 -7.18 -21.84
C SER B 434 14.78 -6.50 -22.18
N ASN B 435 15.08 -6.38 -23.47
CA ASN B 435 16.19 -5.58 -23.96
C ASN B 435 15.75 -4.83 -25.21
N GLY B 436 14.57 -4.24 -25.14
CA GLY B 436 14.00 -3.56 -26.29
C GLY B 436 12.60 -3.07 -25.98
N SER B 437 11.67 -3.32 -26.89
CA SER B 437 10.25 -3.04 -26.64
C SER B 437 9.54 -4.35 -26.36
N SER B 438 9.28 -4.60 -25.08
CA SER B 438 8.54 -5.80 -24.71
C SER B 438 7.07 -5.68 -25.09
N SER B 439 6.54 -4.46 -25.15
CA SER B 439 5.13 -4.27 -25.49
C SER B 439 4.85 -4.63 -26.94
N MET B 440 5.85 -4.56 -27.81
CA MET B 440 5.67 -4.96 -29.20
C MET B 440 5.93 -6.44 -29.41
N ALA B 441 6.77 -7.06 -28.58
CA ALA B 441 6.85 -8.52 -28.58
C ALA B 441 5.57 -9.14 -28.03
N SER B 442 4.88 -8.43 -27.12
CA SER B 442 3.61 -8.92 -26.62
C SER B 442 2.57 -9.00 -27.73
N VAL B 443 2.59 -8.07 -28.67
CA VAL B 443 1.63 -8.10 -29.78
C VAL B 443 1.83 -9.35 -30.63
N CYS B 444 3.08 -9.64 -30.98
CA CYS B 444 3.37 -10.82 -31.79
C CYS B 444 3.05 -12.10 -31.03
N GLY B 445 3.42 -12.14 -29.74
CA GLY B 445 3.11 -13.31 -28.94
C GLY B 445 1.61 -13.51 -28.79
N ALA B 446 0.85 -12.42 -28.68
CA ALA B 446 -0.60 -12.53 -28.59
C ALA B 446 -1.18 -13.04 -29.90
N SER B 447 -0.67 -12.57 -31.03
CA SER B 447 -1.15 -13.08 -32.31
C SER B 447 -0.90 -14.58 -32.42
N LEU B 448 0.32 -15.01 -32.05
CA LEU B 448 0.65 -16.43 -32.12
C LEU B 448 -0.20 -17.25 -31.16
N ALA B 449 -0.43 -16.74 -29.95
CA ALA B 449 -1.21 -17.47 -28.96
C ALA B 449 -2.67 -17.55 -29.38
N LEU B 450 -3.20 -16.49 -29.98
CA LEU B 450 -4.59 -16.48 -30.41
C LEU B 450 -4.79 -17.39 -31.60
N MET B 451 -3.77 -17.57 -32.42
CA MET B 451 -3.89 -18.53 -33.51
C MET B 451 -3.68 -19.95 -33.00
N ASP B 452 -2.87 -20.12 -31.96
CA ASP B 452 -2.71 -21.42 -31.33
C ASP B 452 -3.96 -21.83 -30.55
N ALA B 453 -4.62 -20.88 -29.90
CA ALA B 453 -5.83 -21.20 -29.16
C ALA B 453 -7.00 -21.55 -30.07
N GLY B 454 -6.90 -21.20 -31.35
CA GLY B 454 -7.98 -21.41 -32.29
C GLY B 454 -8.91 -20.24 -32.48
N VAL B 455 -8.60 -19.09 -31.90
CA VAL B 455 -9.41 -17.89 -32.12
C VAL B 455 -9.33 -17.49 -33.58
N PRO B 456 -10.46 -17.30 -34.27
CA PRO B 456 -10.44 -16.98 -35.71
C PRO B 456 -10.12 -15.52 -36.00
N ILE B 457 -8.89 -15.11 -35.67
CA ILE B 457 -8.48 -13.72 -35.87
C ILE B 457 -8.38 -13.43 -37.36
N LYS B 458 -8.71 -12.19 -37.74
CA LYS B 458 -8.77 -11.83 -39.15
C LYS B 458 -7.42 -12.00 -39.83
N ALA B 459 -6.36 -11.48 -39.21
CA ALA B 459 -5.02 -11.64 -39.74
C ALA B 459 -4.02 -11.53 -38.60
N ALA B 460 -2.82 -12.05 -38.85
CA ALA B 460 -1.76 -11.92 -37.86
C ALA B 460 -1.27 -10.49 -37.78
N VAL B 461 -0.96 -10.05 -36.56
CA VAL B 461 -0.44 -8.71 -36.31
C VAL B 461 0.89 -8.81 -35.61
N ALA B 462 1.83 -7.97 -36.03
CA ALA B 462 3.12 -7.82 -35.37
C ALA B 462 3.39 -6.35 -35.20
N GLY B 463 4.31 -6.02 -34.29
CA GLY B 463 4.68 -4.64 -34.07
C GLY B 463 6.19 -4.47 -33.98
N ILE B 464 6.62 -3.25 -34.26
CA ILE B 464 8.03 -2.88 -34.19
C ILE B 464 8.14 -1.53 -33.48
N ALA B 465 9.12 -1.42 -32.59
CA ALA B 465 9.46 -0.16 -31.96
C ALA B 465 10.70 0.43 -32.60
N MET B 466 10.62 1.68 -32.99
CA MET B 466 11.68 2.35 -33.72
C MET B 466 11.98 3.70 -33.09
N GLY B 467 13.08 4.28 -33.54
CA GLY B 467 13.49 5.58 -33.06
C GLY B 467 14.11 6.39 -34.18
N LEU B 468 14.08 7.70 -34.00
CA LEU B 468 14.69 8.62 -34.96
C LEU B 468 15.61 9.56 -34.21
N VAL B 469 16.81 9.76 -34.77
CA VAL B 469 17.80 10.67 -34.22
C VAL B 469 18.06 11.76 -35.27
N LYS B 470 17.97 13.02 -34.84
CA LYS B 470 18.09 14.16 -35.73
C LYS B 470 19.11 15.16 -35.20
N GLU B 471 19.94 15.68 -36.10
CA GLU B 471 20.92 16.72 -35.79
C GLU B 471 20.97 17.69 -36.97
N GLY B 472 20.31 18.83 -36.82
CA GLY B 472 20.22 19.73 -37.96
C GLY B 472 19.23 19.14 -38.92
N ASP B 473 19.69 18.96 -40.15
CA ASP B 473 18.87 18.38 -41.20
C ASP B 473 19.23 16.93 -41.42
N ASN B 474 20.19 16.40 -40.66
CA ASN B 474 20.63 15.02 -40.83
C ASN B 474 19.85 14.14 -39.86
N TYR B 475 19.17 13.13 -40.36
CA TYR B 475 18.39 12.24 -39.51
C TYR B 475 18.66 10.79 -39.89
N VAL B 476 18.55 9.92 -38.89
CA VAL B 476 18.68 8.48 -39.06
C VAL B 476 17.54 7.80 -38.34
N VAL B 477 16.82 6.94 -39.05
CA VAL B 477 15.75 6.13 -38.50
C VAL B 477 16.32 4.76 -38.15
N LEU B 478 16.19 4.36 -36.89
CA LEU B 478 16.73 3.11 -36.37
C LEU B 478 15.58 2.14 -36.10
N SER B 479 15.68 0.94 -36.68
CA SER B 479 14.68 -0.10 -36.52
C SER B 479 15.06 -0.99 -35.35
N ASP B 480 14.05 -1.43 -34.60
CA ASP B 480 14.25 -2.32 -33.46
C ASP B 480 15.29 -1.78 -32.49
N ILE B 481 14.94 -0.66 -31.85
CA ILE B 481 15.85 -0.04 -30.91
C ILE B 481 15.98 -0.90 -29.65
N LEU B 482 17.14 -0.83 -29.02
CA LEU B 482 17.42 -1.58 -27.81
C LEU B 482 17.05 -0.76 -26.57
N GLY B 483 17.24 -1.37 -25.41
CA GLY B 483 17.05 -0.68 -24.14
C GLY B 483 18.16 0.28 -23.78
N ASP B 484 19.27 0.22 -24.52
CA ASP B 484 20.43 1.06 -24.29
C ASP B 484 20.55 2.15 -25.34
N GLU B 485 19.50 2.35 -26.13
CA GLU B 485 19.45 3.37 -27.16
C GLU B 485 18.31 4.36 -26.88
N ASP B 486 17.84 4.41 -25.63
CA ASP B 486 16.76 5.32 -25.27
C ASP B 486 17.20 6.77 -25.46
N HIS B 487 18.47 7.07 -25.16
CA HIS B 487 18.95 8.44 -25.32
C HIS B 487 18.90 8.87 -26.77
N LEU B 488 19.08 7.92 -27.70
CA LEU B 488 19.16 8.25 -29.11
C LEU B 488 17.80 8.59 -29.69
N GLY B 489 16.75 8.43 -28.91
CA GLY B 489 15.40 8.59 -29.41
C GLY B 489 14.86 10.00 -29.42
N ASP B 490 15.18 10.77 -30.46
CA ASP B 490 14.53 12.07 -30.61
C ASP B 490 13.06 11.87 -30.88
N MET B 491 12.74 10.84 -31.68
CA MET B 491 11.37 10.38 -31.85
C MET B 491 11.34 8.91 -31.48
N ASP B 492 10.42 8.53 -30.60
CA ASP B 492 10.24 7.12 -30.27
C ASP B 492 8.85 6.74 -30.73
N PHE B 493 8.76 5.83 -31.70
CA PHE B 493 7.45 5.44 -32.21
C PHE B 493 7.33 3.92 -32.17
N LYS B 494 6.12 3.45 -31.91
CA LYS B 494 5.81 2.03 -31.92
C LYS B 494 4.65 1.80 -32.87
N VAL B 495 4.88 1.01 -33.92
CA VAL B 495 3.86 0.75 -34.92
C VAL B 495 3.53 -0.73 -34.89
N ALA B 496 2.25 -1.04 -34.72
CA ALA B 496 1.75 -2.40 -34.74
C ALA B 496 0.71 -2.52 -35.85
N GLY B 497 0.58 -3.72 -36.40
CA GLY B 497 -0.42 -3.92 -37.42
C GLY B 497 -0.19 -5.22 -38.16
N SER B 498 -1.04 -5.45 -39.15
CA SER B 498 -0.99 -6.63 -39.97
C SER B 498 -0.25 -6.32 -41.26
N ARG B 499 -0.28 -7.26 -42.20
CA ARG B 499 0.33 -7.04 -43.50
C ARG B 499 -0.37 -5.95 -44.29
N ASP B 500 -1.63 -5.65 -43.96
CA ASP B 500 -2.45 -4.74 -44.75
C ASP B 500 -2.38 -3.31 -44.24
N GLY B 501 -2.50 -3.11 -42.92
CA GLY B 501 -2.52 -1.76 -42.39
C GLY B 501 -2.12 -1.71 -40.94
N ILE B 502 -2.05 -0.49 -40.42
CA ILE B 502 -1.64 -0.25 -39.04
C ILE B 502 -2.86 -0.39 -38.12
N SER B 503 -2.67 -1.12 -37.02
CA SER B 503 -3.73 -1.26 -36.03
C SER B 503 -3.48 -0.43 -34.77
N ALA B 504 -2.25 0.00 -34.52
CA ALA B 504 -1.96 0.85 -33.37
C ALA B 504 -0.71 1.65 -33.67
N LEU B 505 -0.69 2.92 -33.26
CA LEU B 505 0.51 3.74 -33.42
C LEU B 505 0.70 4.62 -32.19
N GLN B 506 1.93 4.63 -31.66
CA GLN B 506 2.30 5.49 -30.56
C GLN B 506 3.57 6.25 -30.87
N MET B 507 3.54 7.58 -30.67
CA MET B 507 4.70 8.44 -30.90
C MET B 507 4.92 9.33 -29.69
N ASP B 508 6.21 9.61 -29.41
CA ASP B 508 6.63 10.52 -28.32
C ASP B 508 7.81 11.35 -28.85
N ILE B 509 7.48 12.45 -29.54
CA ILE B 509 8.49 13.35 -30.08
C ILE B 509 9.02 14.26 -28.99
N LYS B 510 10.34 14.42 -28.91
CA LYS B 510 10.96 15.27 -27.91
C LYS B 510 11.77 16.41 -28.52
N ILE B 511 11.72 16.58 -29.84
CA ILE B 511 12.46 17.63 -30.53
C ILE B 511 11.49 18.33 -31.49
N GLU B 512 11.99 19.41 -32.09
CA GLU B 512 11.23 20.16 -33.09
C GLU B 512 11.95 20.06 -34.43
N GLY B 513 11.18 20.13 -35.51
CA GLY B 513 11.71 20.03 -36.86
C GLY B 513 11.32 18.77 -37.59
N ILE B 514 10.47 17.94 -37.00
CA ILE B 514 9.96 16.72 -37.63
C ILE B 514 8.80 17.08 -38.56
N THR B 515 9.07 17.16 -39.86
CA THR B 515 8.06 17.54 -40.82
C THR B 515 7.30 16.28 -41.23
N LYS B 516 6.48 16.38 -42.28
CA LYS B 516 5.66 15.25 -42.69
C LYS B 516 6.46 14.21 -43.46
N GLU B 517 7.46 14.64 -44.23
CA GLU B 517 8.23 13.70 -45.03
C GLU B 517 9.12 12.83 -44.14
N ILE B 518 9.52 13.35 -42.99
CA ILE B 518 10.30 12.55 -42.06
C ILE B 518 9.41 11.48 -41.45
N MET B 519 8.17 11.83 -41.13
CA MET B 519 7.30 10.84 -40.50
C MET B 519 6.89 9.79 -41.52
N GLN B 520 6.82 10.16 -42.80
CA GLN B 520 6.44 9.15 -43.79
C GLN B 520 7.59 8.19 -44.01
N VAL B 521 8.83 8.70 -44.08
CA VAL B 521 9.97 7.80 -44.23
C VAL B 521 10.07 6.88 -43.02
N ALA B 522 9.79 7.42 -41.82
CA ALA B 522 9.86 6.61 -40.61
C ALA B 522 8.83 5.50 -40.63
N LEU B 523 7.62 5.78 -41.09
CA LEU B 523 6.62 4.73 -41.02
C LEU B 523 6.66 3.82 -42.23
N ASN B 524 7.43 4.17 -43.26
CA ASN B 524 7.60 3.23 -44.35
C ASN B 524 8.71 2.25 -43.98
N GLN B 525 9.72 2.72 -43.26
CA GLN B 525 10.71 1.80 -42.74
C GLN B 525 10.07 0.86 -41.71
N ALA B 526 9.15 1.40 -40.91
CA ALA B 526 8.45 0.55 -39.95
C ALA B 526 7.55 -0.45 -40.66
N LYS B 527 7.01 -0.08 -41.83
CA LYS B 527 6.23 -1.02 -42.60
C LYS B 527 7.11 -2.18 -43.04
N GLY B 528 8.29 -1.88 -43.56
CA GLY B 528 9.19 -2.94 -44.00
C GLY B 528 9.57 -3.87 -42.87
N ALA B 529 9.90 -3.31 -41.71
CA ALA B 529 10.21 -4.14 -40.54
C ALA B 529 9.04 -5.02 -40.14
N ARG B 530 7.83 -4.45 -40.13
CA ARG B 530 6.65 -5.24 -39.79
C ARG B 530 6.47 -6.39 -40.76
N LEU B 531 6.67 -6.13 -42.06
CA LEU B 531 6.49 -7.18 -43.06
C LEU B 531 7.49 -8.31 -42.86
N HIS B 532 8.74 -7.97 -42.55
CA HIS B 532 9.74 -9.02 -42.30
C HIS B 532 9.32 -9.86 -41.10
N ILE B 533 8.92 -9.21 -40.01
CA ILE B 533 8.59 -9.96 -38.81
C ILE B 533 7.37 -10.83 -39.06
N LEU B 534 6.38 -10.28 -39.78
CA LEU B 534 5.16 -11.03 -40.05
C LEU B 534 5.44 -12.24 -40.92
N GLY B 535 6.38 -12.13 -41.86
CA GLY B 535 6.71 -13.28 -42.68
C GLY B 535 7.36 -14.38 -41.86
N VAL B 536 8.22 -13.99 -40.92
CA VAL B 536 8.85 -14.99 -40.06
C VAL B 536 7.79 -15.65 -39.19
N MET B 537 6.86 -14.86 -38.66
CA MET B 537 5.80 -15.42 -37.83
C MET B 537 4.91 -16.36 -38.66
N GLU B 538 4.67 -15.99 -39.92
CA GLU B 538 3.84 -16.79 -40.81
C GLU B 538 4.47 -18.16 -41.07
N GLN B 539 5.81 -18.23 -41.11
CA GLN B 539 6.43 -19.52 -41.35
C GLN B 539 6.14 -20.53 -40.26
N ALA B 540 5.81 -20.09 -39.05
CA ALA B 540 5.54 -21.00 -37.94
C ALA B 540 4.08 -21.48 -37.93
N ILE B 541 3.13 -20.55 -37.91
CA ILE B 541 1.71 -20.88 -37.95
C ILE B 541 1.00 -19.84 -38.81
N ASN B 542 0.29 -20.31 -39.84
CA ASN B 542 -0.31 -19.39 -40.79
C ASN B 542 -1.81 -19.20 -40.62
N ALA B 543 -2.47 -19.95 -39.73
CA ALA B 543 -3.91 -19.84 -39.60
C ALA B 543 -4.34 -20.49 -38.29
N PRO B 544 -5.46 -20.06 -37.71
CA PRO B 544 -5.93 -20.66 -36.47
C PRO B 544 -6.26 -22.15 -36.62
N ARG B 545 -5.95 -22.92 -35.59
CA ARG B 545 -6.25 -24.34 -35.60
C ARG B 545 -7.70 -24.55 -35.19
N GLY B 546 -8.12 -25.81 -35.12
CA GLY B 546 -9.48 -26.11 -34.69
C GLY B 546 -9.58 -26.46 -33.23
N ASP B 547 -10.11 -25.54 -32.42
CA ASP B 547 -10.30 -25.77 -31.00
C ASP B 547 -11.40 -24.85 -30.49
N ILE B 548 -12.04 -25.27 -29.40
CA ILE B 548 -13.15 -24.56 -28.78
C ILE B 548 -13.23 -25.01 -27.33
N SER B 549 -13.68 -24.11 -26.45
CA SER B 549 -13.73 -24.37 -25.01
C SER B 549 -14.56 -23.31 -24.30
N MET C 1 19.69 -19.92 -32.79
CA MET C 1 19.10 -18.86 -31.98
C MET C 1 19.04 -19.28 -30.51
N LEU C 2 18.17 -20.23 -30.21
CA LEU C 2 18.05 -20.79 -28.88
C LEU C 2 18.33 -22.29 -28.93
N ASN C 3 19.11 -22.78 -27.97
CA ASN C 3 19.43 -24.20 -27.85
C ASN C 3 19.08 -24.65 -26.45
N PRO C 4 17.84 -25.11 -26.23
CA PRO C 4 17.44 -25.55 -24.90
C PRO C 4 18.07 -26.88 -24.52
N ILE C 5 18.46 -26.99 -23.26
CA ILE C 5 18.97 -28.22 -22.67
C ILE C 5 17.84 -28.86 -21.87
N VAL C 6 17.54 -30.11 -22.17
CA VAL C 6 16.41 -30.83 -21.60
C VAL C 6 16.95 -32.07 -20.90
N ARG C 7 16.50 -32.29 -19.67
CA ARG C 7 16.86 -33.47 -18.90
C ARG C 7 15.58 -34.13 -18.42
N LYS C 8 15.34 -35.36 -18.83
CA LYS C 8 14.14 -36.09 -18.44
C LYS C 8 14.50 -37.28 -17.56
N PHE C 9 13.73 -37.47 -16.48
CA PHE C 9 13.91 -38.64 -15.65
C PHE C 9 12.56 -39.09 -15.11
N GLN C 10 12.55 -40.25 -14.47
CA GLN C 10 11.33 -40.84 -13.94
C GLN C 10 11.32 -40.73 -12.43
N TYR C 11 10.27 -40.09 -11.90
CA TYR C 11 10.09 -39.86 -10.48
C TYR C 11 8.81 -40.56 -10.03
N GLY C 12 8.97 -41.79 -9.55
CA GLY C 12 7.83 -42.58 -9.16
C GLY C 12 6.99 -42.90 -10.37
N GLN C 13 5.74 -42.42 -10.36
CA GLN C 13 4.80 -42.70 -11.42
C GLN C 13 4.69 -41.52 -12.37
N HIS C 14 5.62 -40.57 -12.31
CA HIS C 14 5.57 -39.38 -13.15
C HIS C 14 6.89 -39.20 -13.86
N THR C 15 6.87 -38.39 -14.92
CA THR C 15 8.07 -38.04 -15.66
C THR C 15 8.37 -36.58 -15.38
N VAL C 16 9.60 -36.30 -14.94
CA VAL C 16 10.03 -34.95 -14.67
C VAL C 16 10.95 -34.49 -15.78
N THR C 17 10.62 -33.35 -16.38
CA THR C 17 11.42 -32.70 -17.40
C THR C 17 11.95 -31.39 -16.84
N LEU C 18 13.26 -31.22 -16.89
CA LEU C 18 13.91 -29.96 -16.53
C LEU C 18 14.43 -29.34 -17.82
N GLU C 19 13.95 -28.16 -18.16
CA GLU C 19 14.36 -27.49 -19.38
C GLU C 19 14.99 -26.15 -19.01
N THR C 20 16.19 -25.90 -19.56
CA THR C 20 16.88 -24.66 -19.27
C THR C 20 17.55 -24.13 -20.53
N GLY C 21 17.89 -22.85 -20.50
CA GLY C 21 18.74 -22.26 -21.52
C GLY C 21 18.00 -21.51 -22.61
N MET C 22 16.67 -21.55 -22.64
CA MET C 22 15.90 -20.89 -23.69
C MET C 22 15.16 -19.67 -23.20
N MET C 23 14.61 -19.72 -21.98
CA MET C 23 13.80 -18.62 -21.45
C MET C 23 14.55 -17.90 -20.34
N ALA C 24 14.26 -16.61 -20.21
CA ALA C 24 14.83 -15.75 -19.17
C ALA C 24 16.35 -15.88 -19.10
N ARG C 25 17.01 -15.45 -20.18
CA ARG C 25 18.46 -15.56 -20.26
C ARG C 25 19.17 -14.37 -19.64
N GLN C 26 18.42 -13.46 -19.01
CA GLN C 26 18.98 -12.30 -18.34
C GLN C 26 18.99 -12.47 -16.83
N ALA C 27 18.30 -13.50 -16.33
CA ALA C 27 18.35 -13.90 -14.94
C ALA C 27 19.57 -14.78 -14.69
N THR C 28 19.99 -14.87 -13.43
CA THR C 28 21.17 -15.66 -13.12
C THR C 28 20.95 -17.14 -13.38
N ALA C 29 19.72 -17.63 -13.21
CA ALA C 29 19.37 -18.94 -13.72
C ALA C 29 17.86 -19.01 -13.89
N ALA C 30 17.42 -19.82 -14.84
CA ALA C 30 16.00 -20.01 -15.09
C ALA C 30 15.79 -21.44 -15.59
N VAL C 31 14.85 -22.13 -14.98
CA VAL C 31 14.52 -23.50 -15.35
C VAL C 31 13.00 -23.59 -15.47
N MET C 32 12.55 -24.56 -16.26
CA MET C 32 11.13 -24.87 -16.42
C MET C 32 10.98 -26.34 -16.07
N VAL C 33 10.33 -26.63 -14.95
CA VAL C 33 10.15 -28.00 -14.49
C VAL C 33 8.73 -28.44 -14.82
N SER C 34 8.59 -29.63 -15.38
CA SER C 34 7.28 -30.18 -15.70
C SER C 34 7.19 -31.60 -15.19
N MET C 35 6.16 -31.86 -14.40
CA MET C 35 5.84 -33.19 -13.87
C MET C 35 4.43 -33.54 -14.32
N ASP C 36 4.33 -34.37 -15.37
CA ASP C 36 3.06 -34.86 -15.89
C ASP C 36 2.07 -33.73 -16.13
N ASP C 37 2.48 -32.80 -16.99
CA ASP C 37 1.72 -31.66 -17.48
C ASP C 37 1.69 -30.51 -16.49
N THR C 38 2.14 -30.68 -15.24
CA THR C 38 2.23 -29.54 -14.33
C THR C 38 3.58 -28.88 -14.54
N ALA C 39 3.58 -27.61 -14.92
CA ALA C 39 4.79 -26.90 -15.27
C ALA C 39 4.91 -25.64 -14.44
N VAL C 40 6.12 -25.41 -13.93
CA VAL C 40 6.48 -24.31 -13.05
C VAL C 40 7.80 -23.71 -13.54
N PHE C 41 7.73 -22.50 -14.06
CA PHE C 41 8.91 -21.73 -14.47
C PHE C 41 9.53 -21.04 -13.26
N VAL C 42 10.75 -21.43 -12.88
CA VAL C 42 11.42 -20.92 -11.69
C VAL C 42 12.68 -20.17 -12.11
N THR C 43 12.81 -18.93 -11.62
CA THR C 43 13.98 -18.09 -11.90
C THR C 43 14.64 -17.65 -10.61
N VAL C 44 15.97 -17.59 -10.62
CA VAL C 44 16.76 -17.02 -9.53
C VAL C 44 17.65 -15.92 -10.09
N VAL C 45 17.66 -14.77 -9.42
CA VAL C 45 18.54 -13.66 -9.73
C VAL C 45 19.35 -13.32 -8.48
N GLY C 46 20.66 -13.28 -8.61
CA GLY C 46 21.54 -12.92 -7.51
C GLY C 46 22.40 -11.72 -7.86
N GLN C 47 22.53 -10.80 -6.92
CA GLN C 47 23.41 -9.64 -7.08
C GLN C 47 24.85 -10.00 -6.78
N LYS C 48 25.77 -9.52 -7.62
CA LYS C 48 27.18 -9.85 -7.50
C LYS C 48 27.90 -9.02 -6.46
N LYS C 49 27.32 -7.89 -6.04
CA LYS C 49 27.91 -7.05 -5.01
C LYS C 49 26.93 -6.88 -3.86
N ALA C 50 27.41 -7.11 -2.64
CA ALA C 50 26.60 -6.94 -1.44
C ALA C 50 26.68 -5.49 -0.99
N LYS C 51 25.54 -4.96 -0.56
CA LYS C 51 25.50 -3.60 -0.06
C LYS C 51 26.37 -3.51 1.20
N PRO C 52 27.23 -2.49 1.32
CA PRO C 52 28.06 -2.37 2.53
C PRO C 52 27.22 -2.11 3.77
N GLY C 53 27.51 -2.85 4.82
CA GLY C 53 26.74 -2.77 6.04
C GLY C 53 25.65 -3.81 6.18
N GLN C 54 25.58 -4.77 5.26
CA GLN C 54 24.58 -5.82 5.37
C GLN C 54 24.96 -6.81 6.45
N ASP C 55 24.03 -7.06 7.38
CA ASP C 55 24.27 -7.99 8.46
C ASP C 55 23.47 -9.28 8.36
N PHE C 56 22.35 -9.27 7.64
CA PHE C 56 21.52 -10.45 7.48
C PHE C 56 21.41 -10.79 6.01
N PHE C 57 21.14 -12.06 5.73
CA PHE C 57 21.01 -12.55 4.37
C PHE C 57 19.65 -12.16 3.79
N PRO C 58 19.61 -11.35 2.73
CA PRO C 58 18.34 -10.92 2.11
C PRO C 58 17.83 -11.89 1.04
N LEU C 59 17.21 -12.98 1.48
CA LEU C 59 16.65 -13.95 0.57
C LEU C 59 15.15 -13.75 0.45
N THR C 60 14.67 -13.64 -0.78
CA THR C 60 13.24 -13.50 -1.06
C THR C 60 12.79 -14.65 -1.94
N VAL C 61 11.67 -15.27 -1.58
CA VAL C 61 11.05 -16.32 -2.38
C VAL C 61 9.62 -15.91 -2.67
N ASN C 62 9.28 -15.80 -3.95
CA ASN C 62 7.94 -15.44 -4.38
C ASN C 62 7.37 -16.60 -5.18
N TYR C 63 6.19 -17.06 -4.77
CA TYR C 63 5.47 -18.13 -5.45
C TYR C 63 4.18 -17.56 -6.00
N GLN C 64 3.94 -17.80 -7.29
CA GLN C 64 2.76 -17.28 -7.96
C GLN C 64 2.05 -18.37 -8.73
N GLU C 65 0.73 -18.35 -8.69
CA GLU C 65 -0.11 -19.26 -9.45
C GLU C 65 -0.90 -18.44 -10.43
N ARG C 66 -0.91 -18.87 -11.69
CA ARG C 66 -1.59 -18.13 -12.76
C ARG C 66 -2.82 -18.92 -13.17
N THR C 67 -3.96 -18.25 -13.25
CA THR C 67 -5.18 -18.98 -13.53
C THR C 67 -5.19 -19.54 -14.93
N TYR C 68 -4.41 -18.96 -15.84
CA TYR C 68 -4.35 -19.46 -17.21
C TYR C 68 -3.78 -20.87 -17.23
N ALA C 69 -3.06 -21.25 -16.18
CA ALA C 69 -2.49 -22.58 -16.10
C ALA C 69 -3.60 -23.63 -16.09
N ALA C 70 -4.70 -23.32 -15.41
CA ALA C 70 -5.81 -24.26 -15.29
C ALA C 70 -6.84 -24.05 -16.39
N GLY C 71 -6.65 -23.06 -17.26
CA GLY C 71 -7.57 -22.81 -18.35
C GLY C 71 -8.79 -22.02 -17.93
N ARG C 72 -8.64 -21.16 -16.94
CA ARG C 72 -9.75 -20.41 -16.38
C ARG C 72 -9.43 -18.93 -16.36
N ILE C 73 -10.45 -18.11 -16.58
CA ILE C 73 -10.31 -16.65 -16.46
C ILE C 73 -10.59 -16.32 -15.00
N PRO C 74 -9.69 -15.61 -14.31
CA PRO C 74 -9.85 -15.41 -12.87
C PRO C 74 -11.18 -14.77 -12.52
N GLY C 75 -11.75 -15.21 -11.39
CA GLY C 75 -13.03 -14.74 -10.94
C GLY C 75 -13.03 -13.44 -10.17
N SER C 76 -11.86 -12.83 -9.97
CA SER C 76 -11.79 -11.55 -9.30
C SER C 76 -12.51 -10.49 -10.11
N PHE C 77 -12.91 -9.41 -9.42
CA PHE C 77 -13.64 -8.34 -10.09
C PHE C 77 -12.81 -7.72 -11.19
N PHE C 78 -11.51 -7.56 -10.96
CA PHE C 78 -10.60 -7.03 -11.97
C PHE C 78 -10.12 -8.08 -12.95
N ARG C 79 -10.47 -9.35 -12.73
CA ARG C 79 -10.05 -10.47 -13.58
C ARG C 79 -8.53 -10.57 -13.66
N ARG C 80 -7.83 -10.17 -12.60
CA ARG C 80 -6.40 -10.33 -12.48
C ARG C 80 -6.07 -10.85 -11.09
N GLU C 81 -5.02 -11.66 -11.01
CA GLU C 81 -4.58 -12.17 -9.72
C GLU C 81 -3.99 -11.03 -8.89
N GLY C 82 -4.45 -10.89 -7.66
CA GLY C 82 -4.05 -9.78 -6.82
C GLY C 82 -2.85 -10.14 -5.97
N ARG C 83 -2.90 -9.77 -4.69
CA ARG C 83 -1.82 -10.11 -3.77
C ARG C 83 -1.75 -11.62 -3.59
N PRO C 84 -0.60 -12.15 -3.19
CA PRO C 84 -0.50 -13.60 -2.98
C PRO C 84 -1.54 -14.07 -1.97
N SER C 85 -2.13 -15.23 -2.28
CA SER C 85 -3.12 -15.82 -1.39
C SER C 85 -2.44 -16.49 -0.21
N GLU C 86 -3.23 -17.05 0.69
CA GLU C 86 -2.66 -17.75 1.83
C GLU C 86 -1.87 -18.97 1.39
N GLY C 87 -2.41 -19.73 0.44
CA GLY C 87 -1.71 -20.90 -0.05
C GLY C 87 -0.41 -20.56 -0.75
N GLU C 88 -0.41 -19.47 -1.52
CA GLU C 88 0.80 -19.06 -2.22
C GLU C 88 1.89 -18.64 -1.24
N THR C 89 1.53 -17.90 -0.19
CA THR C 89 2.51 -17.53 0.82
C THR C 89 3.03 -18.75 1.56
N LEU C 90 2.15 -19.71 1.85
CA LEU C 90 2.58 -20.93 2.53
C LEU C 90 3.54 -21.72 1.67
N ILE C 91 3.27 -21.84 0.37
CA ILE C 91 4.16 -22.57 -0.52
C ILE C 91 5.49 -21.83 -0.68
N ALA C 92 5.44 -20.49 -0.72
CA ALA C 92 6.69 -19.73 -0.78
C ALA C 92 7.55 -19.96 0.46
N ARG C 93 6.92 -19.99 1.64
CA ARG C 93 7.67 -20.31 2.85
C ARG C 93 8.17 -21.76 2.84
N LEU C 94 7.38 -22.66 2.26
CA LEU C 94 7.79 -24.06 2.17
C LEU C 94 9.04 -24.19 1.30
N ILE C 95 9.12 -23.40 0.23
CA ILE C 95 10.33 -23.39 -0.60
C ILE C 95 11.47 -22.70 0.16
N ASP C 96 11.16 -21.64 0.89
CA ASP C 96 12.19 -20.87 1.60
C ASP C 96 12.90 -21.70 2.66
N ARG C 97 12.15 -22.49 3.43
CA ARG C 97 12.71 -23.11 4.62
C ARG C 97 13.92 -24.01 4.35
N PRO C 98 13.90 -24.93 3.39
CA PRO C 98 15.06 -25.82 3.23
C PRO C 98 16.26 -25.19 2.54
N ILE C 99 16.12 -24.02 1.94
CA ILE C 99 17.21 -23.45 1.16
C ILE C 99 17.97 -22.33 1.88
N ARG C 100 17.40 -21.76 2.94
CA ARG C 100 18.14 -20.77 3.72
C ARG C 100 19.38 -21.34 4.39
N PRO C 101 19.33 -22.46 5.11
CA PRO C 101 20.55 -22.97 5.77
C PRO C 101 21.63 -23.38 4.80
N LEU C 102 21.31 -23.59 3.53
CA LEU C 102 22.31 -24.09 2.58
C LEU C 102 23.17 -22.99 1.99
N PHE C 103 22.85 -21.74 2.19
CA PHE C 103 23.79 -20.72 1.76
C PHE C 103 24.91 -20.62 2.79
N PRO C 104 26.14 -20.34 2.36
CA PRO C 104 27.27 -20.36 3.28
C PRO C 104 27.18 -19.24 4.30
N GLU C 105 27.83 -19.47 5.43
CA GLU C 105 27.87 -18.47 6.48
C GLU C 105 28.59 -17.22 6.00
N GLY C 106 28.00 -16.06 6.27
CA GLY C 106 28.54 -14.80 5.82
C GLY C 106 28.13 -14.39 4.42
N PHE C 107 27.28 -15.16 3.76
CA PHE C 107 26.76 -14.77 2.44
C PHE C 107 25.61 -13.80 2.64
N VAL C 108 25.81 -12.54 2.27
CA VAL C 108 24.82 -11.50 2.46
C VAL C 108 24.37 -10.86 1.16
N ASN C 109 24.74 -11.44 0.03
CA ASN C 109 24.26 -10.92 -1.25
C ASN C 109 22.76 -11.19 -1.40
N GLU C 110 22.08 -10.26 -2.04
CA GLU C 110 20.64 -10.35 -2.18
C GLU C 110 20.28 -11.37 -3.24
N VAL C 111 19.39 -12.30 -2.90
CA VAL C 111 18.96 -13.36 -3.79
C VAL C 111 17.45 -13.39 -3.81
N GLN C 112 16.87 -13.48 -5.01
CA GLN C 112 15.43 -13.60 -5.17
C GLN C 112 15.11 -14.78 -6.07
N VAL C 113 14.18 -15.62 -5.62
CA VAL C 113 13.74 -16.78 -6.36
C VAL C 113 12.25 -16.61 -6.64
N ILE C 114 11.87 -16.61 -7.91
CA ILE C 114 10.49 -16.45 -8.32
C ILE C 114 10.05 -17.72 -9.03
N ALA C 115 8.99 -18.35 -8.52
CA ALA C 115 8.44 -19.57 -9.09
C ALA C 115 7.03 -19.25 -9.55
N THR C 116 6.78 -19.36 -10.85
CA THR C 116 5.47 -19.08 -11.42
C THR C 116 4.91 -20.35 -12.03
N VAL C 117 3.73 -20.74 -11.60
CA VAL C 117 3.06 -21.91 -12.15
C VAL C 117 2.46 -21.54 -13.50
N VAL C 118 2.79 -22.30 -14.53
CA VAL C 118 2.36 -21.98 -15.88
C VAL C 118 1.44 -23.04 -16.45
N SER C 119 1.40 -24.23 -15.85
CA SER C 119 0.47 -25.26 -16.30
C SER C 119 0.18 -26.14 -15.10
N VAL C 120 -1.06 -26.57 -14.95
CA VAL C 120 -1.41 -27.35 -13.76
C VAL C 120 -2.28 -28.55 -14.16
N ASN C 121 -1.75 -29.73 -13.98
CA ASN C 121 -2.55 -30.93 -14.05
C ASN C 121 -3.32 -31.06 -12.75
N PRO C 122 -4.65 -31.18 -12.77
CA PRO C 122 -5.40 -31.12 -11.52
C PRO C 122 -5.01 -32.20 -10.53
N GLN C 123 -4.30 -33.25 -10.96
CA GLN C 123 -3.95 -34.36 -10.10
C GLN C 123 -2.52 -34.29 -9.58
N VAL C 124 -1.67 -33.46 -10.19
CA VAL C 124 -0.28 -33.28 -9.77
C VAL C 124 -0.15 -31.93 -9.09
N ASN C 125 0.35 -31.94 -7.85
CA ASN C 125 0.46 -30.72 -7.05
C ASN C 125 1.66 -29.89 -7.49
N PRO C 126 1.49 -28.58 -7.64
CA PRO C 126 2.59 -27.75 -8.16
C PRO C 126 3.65 -27.40 -7.13
N ASP C 127 3.51 -27.85 -5.88
CA ASP C 127 4.44 -27.39 -4.85
C ASP C 127 5.73 -28.21 -4.84
N ILE C 128 5.65 -29.51 -5.13
CA ILE C 128 6.88 -30.27 -5.21
C ILE C 128 7.61 -29.91 -6.49
N VAL C 129 6.86 -29.53 -7.52
CA VAL C 129 7.48 -29.13 -8.77
C VAL C 129 8.13 -27.76 -8.61
N ALA C 130 7.56 -26.92 -7.76
CA ALA C 130 8.18 -25.62 -7.49
C ALA C 130 9.43 -25.78 -6.64
N MET C 131 9.41 -26.68 -5.66
CA MET C 131 10.61 -26.92 -4.86
C MET C 131 11.73 -27.50 -5.71
N ILE C 132 11.41 -28.45 -6.59
CA ILE C 132 12.41 -29.00 -7.49
C ILE C 132 12.96 -27.92 -8.41
N GLY C 133 12.08 -27.06 -8.92
CA GLY C 133 12.54 -25.97 -9.78
C GLY C 133 13.46 -25.00 -9.06
N ALA C 134 13.12 -24.66 -7.82
CA ALA C 134 13.98 -23.77 -7.05
C ALA C 134 15.35 -24.38 -6.81
N SER C 135 15.40 -25.67 -6.45
CA SER C 135 16.69 -26.30 -6.23
C SER C 135 17.50 -26.37 -7.52
N ALA C 136 16.85 -26.69 -8.64
CA ALA C 136 17.56 -26.78 -9.91
C ALA C 136 18.09 -25.42 -10.35
N ALA C 137 17.27 -24.37 -10.23
CA ALA C 137 17.71 -23.05 -10.63
C ALA C 137 18.86 -22.56 -9.75
N LEU C 138 18.78 -22.79 -8.44
CA LEU C 138 19.84 -22.35 -7.56
C LEU C 138 21.13 -23.12 -7.82
N SER C 139 21.03 -24.41 -8.17
CA SER C 139 22.23 -25.17 -8.49
C SER C 139 22.81 -24.77 -9.83
N LEU C 140 21.98 -24.39 -10.79
CA LEU C 140 22.48 -23.95 -12.10
C LEU C 140 23.05 -22.55 -12.06
N SER C 141 22.60 -21.72 -11.11
CA SER C 141 22.98 -20.30 -11.12
C SER C 141 24.48 -20.11 -10.88
N GLY C 142 25.08 -20.94 -10.04
CA GLY C 142 26.45 -20.75 -9.64
C GLY C 142 26.62 -19.95 -8.36
N ILE C 143 25.53 -19.40 -7.83
CA ILE C 143 25.56 -18.72 -6.53
C ILE C 143 26.02 -19.72 -5.47
N PRO C 144 26.85 -19.32 -4.50
CA PRO C 144 27.26 -20.26 -3.45
C PRO C 144 26.08 -20.95 -2.78
N PHE C 145 25.97 -22.26 -3.01
CA PHE C 145 24.82 -23.06 -2.59
C PHE C 145 25.32 -24.43 -2.22
N ASN C 146 25.19 -24.81 -0.94
CA ASN C 146 25.78 -26.05 -0.44
C ASN C 146 24.86 -27.22 -0.74
N GLY C 147 24.68 -27.50 -2.02
CA GLY C 147 24.07 -28.75 -2.44
C GLY C 147 22.69 -28.58 -3.01
N PRO C 148 22.38 -29.34 -4.06
CA PRO C 148 20.99 -29.44 -4.51
C PRO C 148 20.14 -30.15 -3.47
N ILE C 149 18.85 -29.79 -3.44
CA ILE C 149 17.91 -30.48 -2.58
C ILE C 149 16.89 -31.18 -3.45
N GLY C 150 16.29 -32.22 -2.89
CA GLY C 150 15.14 -32.83 -3.50
C GLY C 150 13.97 -32.72 -2.55
N ALA C 151 12.75 -32.80 -3.09
CA ALA C 151 11.55 -32.76 -2.29
C ALA C 151 10.65 -33.92 -2.67
N ALA C 152 9.84 -34.38 -1.72
CA ALA C 152 8.90 -35.43 -1.98
C ALA C 152 7.72 -35.29 -1.03
N ARG C 153 6.57 -35.79 -1.46
CA ARG C 153 5.39 -35.88 -0.62
C ARG C 153 5.05 -37.34 -0.43
N VAL C 154 4.88 -37.74 0.82
CA VAL C 154 4.57 -39.11 1.19
C VAL C 154 3.14 -39.18 1.70
N GLY C 155 2.48 -40.31 1.39
CA GLY C 155 1.14 -40.57 1.86
C GLY C 155 1.12 -41.97 2.45
N TYR C 156 0.06 -42.24 3.21
CA TYR C 156 -0.09 -43.53 3.89
C TYR C 156 -1.41 -44.15 3.44
N ILE C 157 -1.34 -45.09 2.51
CA ILE C 157 -2.52 -45.77 1.98
C ILE C 157 -2.36 -47.27 2.17
N ASN C 158 -3.36 -47.88 2.81
CA ASN C 158 -3.38 -49.33 3.04
C ASN C 158 -2.14 -49.78 3.81
N ASP C 159 -1.73 -48.97 4.79
CA ASP C 159 -0.55 -49.25 5.60
C ASP C 159 0.70 -49.35 4.75
N GLN C 160 0.76 -48.58 3.67
CA GLN C 160 1.92 -48.54 2.79
C GLN C 160 2.23 -47.10 2.42
N TYR C 161 3.52 -46.79 2.32
CA TYR C 161 3.94 -45.45 1.97
C TYR C 161 3.84 -45.28 0.46
N VAL C 162 3.35 -44.12 0.05
CA VAL C 162 3.13 -43.83 -1.37
C VAL C 162 3.80 -42.51 -1.71
N LEU C 163 4.63 -42.53 -2.75
CA LEU C 163 5.34 -41.33 -3.15
C LEU C 163 4.41 -40.45 -3.97
N ASN C 164 4.43 -39.15 -3.70
CA ASN C 164 3.68 -38.14 -4.45
C ASN C 164 2.25 -38.62 -4.70
N PRO C 165 1.44 -38.81 -3.67
CA PRO C 165 0.05 -39.20 -3.91
C PRO C 165 -0.70 -38.12 -4.68
N THR C 166 -1.54 -38.57 -5.61
CA THR C 166 -2.33 -37.66 -6.40
C THR C 166 -3.47 -37.09 -5.55
N GLN C 167 -4.14 -36.08 -6.08
CA GLN C 167 -5.22 -35.46 -5.33
C GLN C 167 -6.34 -36.46 -5.06
N ASP C 168 -6.56 -37.41 -5.96
CA ASP C 168 -7.55 -38.44 -5.69
C ASP C 168 -7.03 -39.44 -4.67
N GLU C 169 -5.74 -39.76 -4.74
CA GLU C 169 -5.15 -40.68 -3.76
C GLU C 169 -5.09 -40.06 -2.38
N LEU C 170 -4.91 -38.75 -2.29
CA LEU C 170 -4.74 -38.08 -1.01
C LEU C 170 -6.00 -38.08 -0.18
N LYS C 171 -7.10 -38.64 -0.68
CA LYS C 171 -8.35 -38.66 0.06
C LYS C 171 -8.39 -39.83 1.02
N GLU C 172 -7.96 -41.01 0.55
CA GLU C 172 -7.90 -42.19 1.39
C GLU C 172 -6.64 -42.26 2.25
N SER C 173 -5.68 -41.38 2.03
CA SER C 173 -4.41 -41.47 2.74
C SER C 173 -4.53 -40.90 4.14
N LYS C 174 -3.88 -41.55 5.09
CA LYS C 174 -3.85 -41.10 6.47
C LYS C 174 -2.70 -40.15 6.77
N LEU C 175 -1.89 -39.81 5.77
CA LEU C 175 -0.74 -38.94 5.97
C LEU C 175 -0.58 -38.01 4.78
N ASP C 176 0.03 -36.85 5.04
CA ASP C 176 0.38 -35.88 4.01
C ASP C 176 1.68 -35.22 4.48
N LEU C 177 2.82 -35.78 4.07
CA LEU C 177 4.13 -35.34 4.55
C LEU C 177 4.94 -34.78 3.40
N VAL C 178 5.58 -33.63 3.61
CA VAL C 178 6.50 -33.06 2.63
C VAL C 178 7.89 -33.09 3.25
N VAL C 179 8.76 -33.93 2.71
CA VAL C 179 10.15 -34.03 3.15
C VAL C 179 11.08 -33.47 2.07
N ALA C 180 11.85 -32.45 2.44
CA ALA C 180 12.88 -31.89 1.57
C ALA C 180 14.24 -32.13 2.22
N GLY C 181 15.24 -32.46 1.41
CA GLY C 181 16.54 -32.78 1.96
C GLY C 181 17.60 -32.86 0.89
N THR C 182 18.85 -32.79 1.33
CA THR C 182 19.99 -32.94 0.44
C THR C 182 20.31 -34.41 0.25
N GLU C 183 21.48 -34.70 -0.33
CA GLU C 183 21.92 -36.07 -0.49
C GLU C 183 22.28 -36.71 0.85
N ALA C 184 22.78 -35.93 1.80
CA ALA C 184 23.30 -36.49 3.04
C ALA C 184 22.39 -36.33 4.24
N ALA C 185 21.45 -35.39 4.21
CA ALA C 185 20.66 -35.09 5.40
C ALA C 185 19.28 -34.61 5.01
N VAL C 186 18.35 -34.76 5.96
CA VAL C 186 17.01 -34.22 5.84
C VAL C 186 17.02 -32.80 6.38
N LEU C 187 16.45 -31.86 5.63
CA LEU C 187 16.41 -30.47 6.08
C LEU C 187 15.04 -30.05 6.59
N MET C 188 13.97 -30.30 5.83
CA MET C 188 12.65 -29.80 6.18
C MET C 188 11.63 -30.91 6.13
N VAL C 189 10.78 -30.98 7.15
CA VAL C 189 9.64 -31.89 7.19
C VAL C 189 8.41 -31.10 7.59
N GLU C 190 7.35 -31.16 6.79
CA GLU C 190 6.08 -30.53 7.14
C GLU C 190 4.96 -31.52 6.84
N SER C 191 4.27 -31.99 7.87
CA SER C 191 3.39 -33.14 7.69
C SER C 191 2.14 -33.03 8.56
N GLU C 192 1.01 -33.45 7.99
CA GLU C 192 -0.22 -33.59 8.75
C GLU C 192 -0.66 -35.05 8.68
N ALA C 193 -1.11 -35.60 9.80
CA ALA C 193 -1.45 -37.01 9.87
C ALA C 193 -2.74 -37.20 10.66
N GLN C 194 -3.36 -38.35 10.45
CA GLN C 194 -4.58 -38.73 11.16
C GLN C 194 -4.24 -39.59 12.37
N LEU C 195 -3.61 -38.95 13.35
CA LEU C 195 -3.26 -39.57 14.63
C LEU C 195 -2.48 -40.87 14.45
N LEU C 196 -1.28 -40.73 13.88
CA LEU C 196 -0.40 -41.88 13.65
C LEU C 196 0.72 -41.90 14.69
N SER C 197 1.35 -43.07 14.82
CA SER C 197 2.40 -43.28 15.79
C SER C 197 3.67 -42.56 15.36
N GLU C 198 4.74 -42.73 16.15
CA GLU C 198 5.99 -42.03 15.89
C GLU C 198 6.84 -42.80 14.89
N ASP C 199 6.78 -44.14 14.96
CA ASP C 199 7.51 -44.95 13.99
C ASP C 199 6.91 -44.78 12.61
N GLN C 200 5.59 -44.62 12.56
CA GLN C 200 4.90 -44.46 11.29
C GLN C 200 5.19 -43.11 10.67
N MET C 201 5.61 -42.13 11.48
CA MET C 201 5.85 -40.79 10.98
C MET C 201 7.34 -40.57 10.73
N LEU C 202 8.20 -41.43 11.28
CA LEU C 202 9.62 -41.37 10.97
C LEU C 202 9.93 -42.23 9.75
N GLY C 203 9.27 -43.38 9.64
CA GLY C 203 9.41 -44.21 8.46
C GLY C 203 9.11 -43.42 7.21
N ALA C 204 8.10 -42.54 7.27
CA ALA C 204 7.73 -41.75 6.12
C ALA C 204 8.82 -40.75 5.77
N VAL C 205 9.44 -40.15 6.78
CA VAL C 205 10.52 -39.19 6.53
C VAL C 205 11.69 -39.90 5.88
N VAL C 206 12.01 -41.10 6.36
CA VAL C 206 13.11 -41.87 5.77
C VAL C 206 12.77 -42.28 4.35
N PHE C 207 11.52 -42.71 4.12
CA PHE C 207 11.10 -43.14 2.80
C PHE C 207 11.20 -41.99 1.80
N GLY C 208 10.65 -40.83 2.17
CA GLY C 208 10.66 -39.69 1.28
C GLY C 208 12.07 -39.22 1.02
N HIS C 209 12.94 -39.29 2.03
CA HIS C 209 14.33 -38.88 1.84
C HIS C 209 15.02 -39.85 0.88
N GLU C 210 14.70 -41.14 0.97
CA GLU C 210 15.39 -42.12 0.15
C GLU C 210 14.84 -42.17 -1.27
N GLN C 211 13.68 -41.58 -1.52
CA GLN C 211 13.04 -41.65 -2.82
C GLN C 211 13.27 -40.39 -3.64
N GLN C 212 13.72 -39.31 -3.00
CA GLN C 212 13.98 -38.03 -3.64
C GLN C 212 15.41 -37.90 -4.12
N GLN C 213 16.20 -38.96 -4.01
CA GLN C 213 17.62 -38.91 -4.36
C GLN C 213 17.83 -38.90 -5.87
N VAL C 214 16.87 -39.45 -6.62
CA VAL C 214 16.95 -39.41 -8.07
C VAL C 214 16.85 -37.97 -8.58
N VAL C 215 16.02 -37.15 -7.91
CA VAL C 215 15.96 -35.74 -8.28
C VAL C 215 17.31 -35.07 -8.06
N ILE C 216 17.95 -35.35 -6.93
CA ILE C 216 19.24 -34.75 -6.64
C ILE C 216 20.27 -35.17 -7.69
N GLN C 217 20.29 -36.46 -8.03
CA GLN C 217 21.27 -36.94 -9.00
C GLN C 217 21.03 -36.35 -10.39
N ASN C 218 19.76 -36.26 -10.81
CA ASN C 218 19.47 -35.70 -12.12
C ASN C 218 19.76 -34.20 -12.18
N ILE C 219 19.49 -33.48 -11.10
CA ILE C 219 19.86 -32.07 -11.03
C ILE C 219 21.38 -31.93 -11.09
N ASN C 220 22.11 -32.85 -10.45
CA ASN C 220 23.56 -32.81 -10.51
C ASN C 220 24.05 -33.00 -11.95
N GLU C 221 23.46 -33.95 -12.66
CA GLU C 221 23.84 -34.17 -14.06
C GLU C 221 23.49 -32.97 -14.92
N LEU C 222 22.32 -32.37 -14.71
CA LEU C 222 21.94 -31.18 -15.46
C LEU C 222 22.89 -30.03 -15.20
N VAL C 223 23.32 -29.86 -13.95
CA VAL C 223 24.26 -28.79 -13.62
C VAL C 223 25.61 -29.06 -14.27
N LYS C 224 26.05 -30.31 -14.28
CA LYS C 224 27.29 -30.65 -14.96
C LYS C 224 27.21 -30.33 -16.45
N GLU C 225 26.05 -30.59 -17.06
CA GLU C 225 25.90 -30.35 -18.50
C GLU C 225 25.76 -28.88 -18.84
N ALA C 226 24.99 -28.12 -18.06
CA ALA C 226 24.61 -26.77 -18.47
C ALA C 226 24.66 -25.77 -17.32
N GLY C 227 25.53 -25.96 -16.35
CA GLY C 227 25.62 -25.04 -15.23
C GLY C 227 26.57 -23.88 -15.49
N LYS C 228 26.29 -22.76 -14.84
CA LYS C 228 27.14 -21.59 -14.94
C LYS C 228 28.39 -21.77 -14.09
N PRO C 229 29.47 -21.06 -14.42
CA PRO C 229 30.68 -21.12 -13.58
C PRO C 229 30.38 -20.58 -12.18
N ARG C 230 31.00 -21.22 -11.19
CA ARG C 230 30.73 -20.90 -9.80
C ARG C 230 31.25 -19.51 -9.46
N TRP C 231 30.51 -18.82 -8.59
CA TRP C 231 30.91 -17.48 -8.17
C TRP C 231 32.22 -17.54 -7.41
N ASP C 232 33.08 -16.55 -7.67
CA ASP C 232 34.28 -16.35 -6.88
C ASP C 232 33.91 -15.50 -5.67
N TRP C 233 33.30 -16.15 -4.69
CA TRP C 233 32.87 -15.50 -3.46
C TRP C 233 33.68 -16.06 -2.29
N GLN C 234 34.22 -15.16 -1.47
CA GLN C 234 34.89 -15.52 -0.24
C GLN C 234 34.29 -14.76 0.93
N PRO C 235 34.10 -15.41 2.06
CA PRO C 235 33.58 -14.71 3.24
C PRO C 235 34.56 -13.68 3.75
N GLU C 236 34.03 -12.62 4.36
CA GLU C 236 34.88 -11.59 4.93
C GLU C 236 35.75 -12.19 6.01
N PRO C 237 37.06 -11.88 6.04
CA PRO C 237 37.96 -12.52 7.00
C PRO C 237 37.56 -12.21 8.44
N VAL C 238 37.72 -13.19 9.31
CA VAL C 238 37.40 -13.01 10.72
C VAL C 238 38.57 -12.30 11.39
N ASN C 239 38.26 -11.23 12.13
CA ASN C 239 39.27 -10.48 12.87
C ASN C 239 39.59 -11.32 14.11
N GLU C 240 40.52 -12.26 13.94
CA GLU C 240 40.82 -13.21 15.01
C GLU C 240 41.38 -12.50 16.24
N ALA C 241 42.19 -11.46 16.05
CA ALA C 241 42.77 -10.75 17.19
C ALA C 241 41.69 -10.10 18.05
N LEU C 242 40.70 -9.45 17.42
CA LEU C 242 39.63 -8.83 18.21
C LEU C 242 38.83 -9.89 18.96
N ASN C 243 38.53 -11.01 18.30
CA ASN C 243 37.79 -12.07 18.97
C ASN C 243 38.57 -12.61 20.16
N ALA C 244 39.88 -12.82 19.99
CA ALA C 244 40.70 -13.34 21.07
C ALA C 244 40.78 -12.36 22.24
N ARG C 245 40.93 -11.07 21.95
CA ARG C 245 40.99 -10.08 23.02
C ARG C 245 39.66 -10.00 23.77
N VAL C 246 38.54 -9.97 23.04
CA VAL C 246 37.23 -9.92 23.67
C VAL C 246 37.02 -11.16 24.53
N ALA C 247 37.44 -12.32 24.02
CA ALA C 247 37.31 -13.56 24.78
C ALA C 247 38.12 -13.48 26.07
N ALA C 248 39.40 -13.13 25.96
CA ALA C 248 40.25 -13.05 27.15
C ALA C 248 39.74 -12.02 28.15
N LEU C 249 38.99 -11.02 27.70
CA LEU C 249 38.46 -10.02 28.63
C LEU C 249 37.11 -10.39 29.23
N ALA C 250 36.28 -11.16 28.53
CA ALA C 250 34.89 -11.33 28.96
C ALA C 250 34.39 -12.76 29.05
N GLU C 251 35.12 -13.76 28.54
CA GLU C 251 34.57 -15.11 28.45
C GLU C 251 34.37 -15.72 29.82
N ALA C 252 35.39 -15.65 30.69
CA ALA C 252 35.25 -16.19 32.04
C ALA C 252 34.19 -15.44 32.83
N ARG C 253 34.14 -14.11 32.66
CA ARG C 253 33.14 -13.32 33.35
C ARG C 253 31.74 -13.73 32.94
N LEU C 254 31.51 -13.95 31.65
CA LEU C 254 30.18 -14.33 31.21
C LEU C 254 29.87 -15.76 31.62
N SER C 255 30.83 -16.66 31.50
CA SER C 255 30.61 -18.05 31.88
C SER C 255 30.24 -18.15 33.35
N ASP C 256 30.78 -17.26 34.18
CA ASP C 256 30.51 -17.31 35.61
C ASP C 256 29.29 -16.46 35.99
N ALA C 257 28.91 -15.50 35.16
CA ALA C 257 27.68 -14.76 35.39
C ALA C 257 26.46 -15.66 35.24
N TYR C 258 26.54 -16.64 34.34
CA TYR C 258 25.42 -17.52 34.06
C TYR C 258 25.18 -18.54 35.16
N ARG C 259 26.08 -18.64 36.14
CA ARG C 259 25.94 -19.62 37.20
C ARG C 259 24.97 -19.17 38.28
N ILE C 260 24.61 -17.89 38.30
CA ILE C 260 23.66 -17.35 39.27
C ILE C 260 22.24 -17.58 38.75
N THR C 261 21.30 -17.78 39.68
CA THR C 261 19.95 -18.19 39.31
C THR C 261 19.09 -17.01 38.83
N ASP C 262 18.79 -16.06 39.73
CA ASP C 262 17.88 -14.96 39.44
C ASP C 262 18.11 -14.38 38.05
N LYS C 263 17.02 -14.32 37.26
CA LYS C 263 17.11 -13.81 35.91
C LYS C 263 17.50 -12.33 35.87
N GLN C 264 16.87 -11.51 36.72
CA GLN C 264 17.13 -10.08 36.67
C GLN C 264 18.56 -9.74 37.08
N GLU C 265 19.04 -10.34 38.16
CA GLU C 265 20.42 -10.12 38.59
C GLU C 265 21.40 -10.63 37.55
N ARG C 266 21.10 -11.77 36.91
CA ARG C 266 21.96 -12.28 35.86
C ARG C 266 22.01 -11.32 34.67
N TYR C 267 20.86 -10.76 34.28
CA TYR C 267 20.84 -9.79 33.21
C TYR C 267 21.65 -8.55 33.57
N ALA C 268 21.52 -8.08 34.81
CA ALA C 268 22.27 -6.92 35.25
C ALA C 268 23.77 -7.20 35.20
N GLN C 269 24.19 -8.35 35.69
CA GLN C 269 25.60 -8.71 35.67
C GLN C 269 26.11 -8.81 34.23
N VAL C 270 25.29 -9.38 33.34
CA VAL C 270 25.72 -9.53 31.94
C VAL C 270 25.94 -8.15 31.34
N ASP C 271 24.95 -7.26 31.49
CA ASP C 271 25.07 -5.92 30.93
C ASP C 271 26.28 -5.19 31.51
N VAL C 272 26.51 -5.34 32.81
CA VAL C 272 27.70 -4.78 33.46
C VAL C 272 28.97 -5.25 32.76
N ILE C 273 29.14 -6.58 32.66
CA ILE C 273 30.34 -7.13 32.04
C ILE C 273 30.50 -6.59 30.62
N LYS C 274 29.38 -6.50 29.90
CA LYS C 274 29.42 -6.04 28.52
C LYS C 274 29.93 -4.61 28.48
N SER C 275 29.36 -3.76 29.33
CA SER C 275 29.71 -2.34 29.30
C SER C 275 31.18 -2.17 29.63
N GLU C 276 31.67 -2.85 30.67
CA GLU C 276 33.07 -2.66 31.03
C GLU C 276 33.99 -3.11 29.91
N THR C 277 33.74 -4.30 29.34
CA THR C 277 34.65 -4.79 28.31
C THR C 277 34.59 -3.89 27.08
N ILE C 278 33.39 -3.50 26.65
CA ILE C 278 33.23 -2.70 25.46
C ILE C 278 33.93 -1.36 25.66
N ALA C 279 33.71 -0.73 26.83
CA ALA C 279 34.31 0.58 27.09
C ALA C 279 35.82 0.47 27.11
N THR C 280 36.35 -0.55 27.79
CA THR C 280 37.79 -0.70 27.91
C THR C 280 38.44 -0.82 26.54
N LEU C 281 37.89 -1.69 25.69
CA LEU C 281 38.43 -1.83 24.35
C LEU C 281 38.26 -0.55 23.54
N LEU C 282 37.10 0.11 23.65
CA LEU C 282 36.86 1.32 22.88
C LEU C 282 37.86 2.41 23.27
N ALA C 283 38.14 2.54 24.56
CA ALA C 283 39.12 3.50 25.03
C ALA C 283 40.51 3.17 24.52
N GLU C 284 40.88 1.87 24.58
CA GLU C 284 42.23 1.50 24.17
C GLU C 284 42.47 1.84 22.71
N ASP C 285 41.51 1.50 21.84
CA ASP C 285 41.59 1.85 20.43
C ASP C 285 40.21 2.35 19.99
N GLU C 286 40.20 3.46 19.26
CA GLU C 286 38.93 4.06 18.86
C GLU C 286 38.38 3.49 17.56
N THR C 287 39.24 2.90 16.72
CA THR C 287 38.81 2.37 15.44
C THR C 287 37.83 1.21 15.58
N LEU C 288 37.80 0.57 16.74
CA LEU C 288 36.89 -0.56 16.95
C LEU C 288 35.43 -0.11 16.87
N ASP C 289 34.62 -0.90 16.17
CA ASP C 289 33.22 -0.59 15.94
C ASP C 289 32.37 -1.10 17.10
N GLU C 290 31.39 -0.27 17.51
CA GLU C 290 30.52 -0.64 18.61
C GLU C 290 29.71 -1.89 18.28
N ASN C 291 29.13 -1.92 17.08
CA ASN C 291 28.29 -3.05 16.68
C ASN C 291 29.10 -4.34 16.59
N GLU C 292 30.35 -4.25 16.12
CA GLU C 292 31.19 -5.44 16.03
C GLU C 292 31.47 -6.03 17.41
N LEU C 293 31.76 -5.16 18.40
CA LEU C 293 31.93 -5.63 19.77
C LEU C 293 30.64 -6.24 20.30
N GLY C 294 29.50 -5.61 20.04
CA GLY C 294 28.24 -6.16 20.50
C GLY C 294 27.95 -7.53 19.92
N GLU C 295 28.23 -7.72 18.63
CA GLU C 295 27.97 -9.02 18.02
C GLU C 295 28.95 -10.06 18.56
N ILE C 296 30.21 -9.67 18.79
CA ILE C 296 31.17 -10.65 19.29
C ILE C 296 30.80 -11.06 20.71
N LEU C 297 30.13 -10.16 21.43
CA LEU C 297 29.74 -10.46 22.80
C LEU C 297 28.53 -11.37 22.80
N HIS C 298 27.53 -11.04 21.97
CA HIS C 298 26.42 -11.96 21.75
C HIS C 298 26.93 -13.36 21.41
N ALA C 299 27.86 -13.45 20.46
CA ALA C 299 28.36 -14.77 20.05
C ALA C 299 29.03 -15.50 21.20
N ILE C 300 29.76 -14.77 22.06
CA ILE C 300 30.43 -15.44 23.17
C ILE C 300 29.40 -15.92 24.18
N GLU C 301 28.34 -15.14 24.38
CA GLU C 301 27.30 -15.53 25.32
C GLU C 301 26.57 -16.77 24.81
N LYS C 302 26.32 -16.81 23.51
CA LYS C 302 25.67 -17.98 22.91
C LYS C 302 26.55 -19.21 23.05
N ASN C 303 27.87 -19.05 22.84
CA ASN C 303 28.77 -20.19 23.05
C ASN C 303 28.76 -20.64 24.50
N VAL C 304 28.58 -19.70 25.43
CA VAL C 304 28.57 -20.04 26.86
C VAL C 304 27.35 -20.88 27.16
N VAL C 305 26.18 -20.41 26.71
CA VAL C 305 24.95 -21.16 26.94
C VAL C 305 25.06 -22.54 26.31
N ARG C 306 25.53 -22.61 25.06
CA ARG C 306 25.60 -23.89 24.36
C ARG C 306 26.49 -24.86 25.11
N SER C 307 27.65 -24.38 25.58
CA SER C 307 28.58 -25.25 26.29
C SER C 307 27.96 -25.74 27.60
N ARG C 308 27.18 -24.88 28.26
CA ARG C 308 26.59 -25.28 29.53
C ARG C 308 25.53 -26.35 29.30
N VAL C 309 24.66 -26.12 28.30
CA VAL C 309 23.61 -27.08 27.99
C VAL C 309 24.23 -28.43 27.65
N LEU C 310 25.20 -28.42 26.74
CA LEU C 310 25.82 -29.67 26.31
C LEU C 310 26.60 -30.33 27.43
N ALA C 311 27.00 -29.59 28.46
CA ALA C 311 27.78 -30.15 29.55
C ALA C 311 26.89 -30.68 30.67
N GLY C 312 25.57 -30.55 30.54
CA GLY C 312 24.63 -31.09 31.50
C GLY C 312 24.14 -30.10 32.53
N GLU C 313 24.54 -28.83 32.43
CA GLU C 313 24.15 -27.86 33.44
C GLU C 313 22.75 -27.33 33.17
N PRO C 314 22.05 -26.88 34.22
CA PRO C 314 20.69 -26.35 34.05
C PRO C 314 20.61 -25.29 32.97
N ARG C 315 19.42 -25.14 32.40
CA ARG C 315 19.18 -24.17 31.35
C ARG C 315 19.10 -22.75 31.91
N ILE C 316 18.92 -21.78 31.01
CA ILE C 316 18.89 -20.37 31.40
C ILE C 316 17.85 -20.11 32.49
N ASP C 317 16.70 -20.78 32.44
CA ASP C 317 15.65 -20.52 33.40
C ASP C 317 15.70 -21.46 34.59
N GLY C 318 16.69 -22.34 34.64
CA GLY C 318 16.85 -23.29 35.72
C GLY C 318 16.20 -24.64 35.48
N ARG C 319 15.62 -24.86 34.31
CA ARG C 319 14.94 -26.10 34.00
C ARG C 319 15.94 -27.12 33.49
N GLU C 320 15.55 -28.38 33.55
CA GLU C 320 16.38 -29.45 33.00
C GLU C 320 15.98 -29.72 31.55
N LYS C 321 16.56 -30.77 30.97
CA LYS C 321 16.30 -31.08 29.57
C LYS C 321 14.85 -31.47 29.33
N ASP C 322 14.27 -32.28 30.22
CA ASP C 322 12.95 -32.84 30.02
C ASP C 322 11.86 -32.13 30.82
N MET C 323 12.12 -30.93 31.32
CA MET C 323 11.14 -30.22 32.16
C MET C 323 10.30 -29.27 31.33
N ILE C 324 8.99 -29.30 31.56
CA ILE C 324 8.03 -28.46 30.85
C ILE C 324 7.64 -27.32 31.78
N ARG C 325 7.43 -26.13 31.21
CA ARG C 325 7.11 -24.95 31.99
C ARG C 325 5.73 -25.11 32.66
N GLY C 326 5.44 -24.21 33.59
CA GLY C 326 4.21 -24.32 34.35
C GLY C 326 2.99 -24.05 33.48
N LEU C 327 1.94 -24.82 33.72
CA LEU C 327 0.76 -24.83 32.88
C LEU C 327 -0.44 -24.25 33.63
N ASP C 328 -1.19 -23.39 32.94
CA ASP C 328 -2.44 -22.85 33.45
C ASP C 328 -3.49 -22.95 32.35
N VAL C 329 -4.65 -23.48 32.69
CA VAL C 329 -5.73 -23.69 31.73
C VAL C 329 -7.00 -23.08 32.30
N ARG C 330 -7.67 -22.25 31.50
CA ARG C 330 -8.96 -21.70 31.89
C ARG C 330 -9.91 -21.79 30.72
N THR C 331 -11.19 -22.07 31.01
CA THR C 331 -12.21 -22.19 29.98
C THR C 331 -13.36 -21.24 30.29
N GLY C 332 -14.03 -20.80 29.23
CA GLY C 332 -15.14 -19.88 29.39
C GLY C 332 -14.73 -18.50 29.88
N VAL C 333 -13.56 -18.02 29.48
CA VAL C 333 -13.07 -16.74 29.96
C VAL C 333 -13.87 -15.59 29.35
N LEU C 334 -14.37 -15.75 28.13
CA LEU C 334 -15.12 -14.66 27.52
C LEU C 334 -16.61 -14.90 27.62
N PRO C 335 -17.38 -13.85 27.91
CA PRO C 335 -18.80 -14.07 28.26
C PRO C 335 -19.69 -14.44 27.09
N ARG C 336 -19.57 -13.78 25.94
CA ARG C 336 -20.55 -13.93 24.87
C ARG C 336 -20.01 -14.62 23.64
N THR C 337 -18.83 -15.23 23.71
CA THR C 337 -18.36 -16.08 22.63
C THR C 337 -18.92 -17.49 22.79
N HIS C 338 -18.98 -18.21 21.66
CA HIS C 338 -19.50 -19.58 21.69
C HIS C 338 -18.61 -20.49 22.51
N GLY C 339 -17.30 -20.42 22.29
CA GLY C 339 -16.36 -21.14 23.13
C GLY C 339 -15.09 -20.34 23.30
N SER C 340 -14.50 -20.36 24.49
CA SER C 340 -13.29 -19.60 24.73
C SER C 340 -12.39 -20.33 25.70
N ALA C 341 -11.09 -20.06 25.61
CA ALA C 341 -10.12 -20.67 26.49
C ALA C 341 -8.89 -19.77 26.57
N LEU C 342 -8.23 -19.82 27.72
CA LEU C 342 -6.96 -19.16 27.94
C LEU C 342 -5.95 -20.21 28.36
N PHE C 343 -4.89 -20.36 27.59
CA PHE C 343 -3.88 -21.39 27.83
C PHE C 343 -2.53 -20.71 28.03
N THR C 344 -1.90 -20.98 29.17
CA THR C 344 -0.61 -20.41 29.51
C THR C 344 0.38 -21.53 29.78
N ARG C 345 1.54 -21.47 29.13
CA ARG C 345 2.67 -22.34 29.41
C ARG C 345 3.87 -21.44 29.68
N GLY C 346 4.28 -21.34 30.93
CA GLY C 346 5.36 -20.45 31.28
C GLY C 346 5.02 -19.01 30.97
N GLU C 347 5.68 -18.44 29.97
CA GLU C 347 5.43 -17.08 29.52
C GLU C 347 4.82 -17.03 28.13
N THR C 348 4.30 -18.14 27.64
CA THR C 348 3.58 -18.18 26.36
C THR C 348 2.10 -18.36 26.64
N GLN C 349 1.30 -17.37 26.26
CA GLN C 349 -0.11 -17.37 26.59
C GLN C 349 -0.94 -17.07 25.36
N ALA C 350 -1.97 -17.89 25.13
CA ALA C 350 -2.86 -17.75 23.99
C ALA C 350 -4.30 -17.72 24.46
N LEU C 351 -5.08 -16.79 23.89
CA LEU C 351 -6.52 -16.70 24.08
C LEU C 351 -7.18 -17.18 22.80
N VAL C 352 -7.93 -18.28 22.89
CA VAL C 352 -8.47 -18.95 21.72
C VAL C 352 -9.98 -18.99 21.82
N THR C 353 -10.66 -18.64 20.73
CA THR C 353 -12.11 -18.64 20.67
C THR C 353 -12.60 -19.50 19.51
N ALA C 354 -13.69 -20.22 19.74
CA ALA C 354 -14.33 -21.04 18.73
C ALA C 354 -15.73 -20.50 18.49
N THR C 355 -16.06 -20.28 17.21
CA THR C 355 -17.36 -19.77 16.79
C THR C 355 -18.02 -20.76 15.86
N LEU C 356 -19.32 -20.98 16.06
CA LEU C 356 -20.10 -21.92 15.25
C LEU C 356 -21.01 -21.16 14.31
N GLY C 357 -21.05 -21.61 13.05
CA GLY C 357 -21.93 -20.99 12.07
C GLY C 357 -22.68 -22.02 11.24
N THR C 358 -23.36 -21.56 10.21
CA THR C 358 -24.08 -22.45 9.29
C THR C 358 -23.25 -22.69 8.04
N ALA C 359 -23.76 -23.54 7.16
CA ALA C 359 -23.03 -23.90 5.95
C ALA C 359 -22.77 -22.73 5.02
N ARG C 360 -23.56 -21.65 5.11
CA ARG C 360 -23.29 -20.49 4.26
C ARG C 360 -22.01 -19.78 4.66
N ASP C 361 -21.55 -19.96 5.90
CA ASP C 361 -20.34 -19.30 6.37
C ASP C 361 -19.08 -20.06 5.97
N ALA C 362 -19.20 -21.20 5.32
CA ALA C 362 -18.02 -21.93 4.87
C ALA C 362 -17.30 -21.14 3.79
N GLN C 363 -15.97 -21.16 3.84
CA GLN C 363 -15.18 -20.37 2.91
C GLN C 363 -15.01 -21.13 1.60
N VAL C 364 -15.36 -20.48 0.49
CA VAL C 364 -15.21 -21.04 -0.85
C VAL C 364 -13.92 -20.50 -1.46
N LEU C 365 -12.96 -21.37 -1.72
CA LEU C 365 -11.68 -20.99 -2.31
C LEU C 365 -11.62 -21.46 -3.74
N ASP C 366 -11.28 -20.56 -4.65
CA ASP C 366 -11.10 -20.90 -6.06
C ASP C 366 -9.62 -21.14 -6.35
N GLU C 367 -9.17 -22.33 -5.98
CA GLU C 367 -7.79 -22.74 -6.18
C GLU C 367 -7.61 -23.32 -7.58
N LEU C 368 -6.35 -23.52 -7.97
CA LEU C 368 -6.07 -23.98 -9.32
C LEU C 368 -6.65 -25.37 -9.56
N MET C 369 -6.47 -26.26 -8.61
CA MET C 369 -6.89 -27.65 -8.81
C MET C 369 -8.40 -27.76 -8.91
N GLY C 370 -9.12 -27.06 -8.05
CA GLY C 370 -10.57 -27.05 -8.12
C GLY C 370 -11.10 -26.14 -7.04
N GLU C 371 -12.41 -25.91 -7.09
CA GLU C 371 -13.07 -25.13 -6.05
C GLU C 371 -13.17 -25.97 -4.79
N ARG C 372 -12.78 -25.39 -3.66
CA ARG C 372 -12.82 -26.10 -2.39
C ARG C 372 -13.72 -25.35 -1.42
N THR C 373 -14.41 -26.10 -0.56
CA THR C 373 -15.23 -25.54 0.51
C THR C 373 -14.62 -25.92 1.85
N ASP C 374 -14.18 -24.92 2.60
CA ASP C 374 -13.56 -25.10 3.89
C ASP C 374 -14.57 -24.80 4.98
N THR C 375 -14.83 -25.78 5.85
CA THR C 375 -15.77 -25.64 6.95
C THR C 375 -15.08 -25.48 8.29
N PHE C 376 -13.77 -25.65 8.34
CA PHE C 376 -12.97 -25.39 9.54
C PHE C 376 -12.00 -24.28 9.19
N LEU C 377 -12.15 -23.14 9.84
CA LEU C 377 -11.32 -21.97 9.59
C LEU C 377 -10.47 -21.71 10.82
N PHE C 378 -9.17 -21.50 10.61
CA PHE C 378 -8.24 -21.23 11.70
C PHE C 378 -7.54 -19.91 11.42
N HIS C 379 -7.63 -18.97 12.36
CA HIS C 379 -6.98 -17.68 12.22
C HIS C 379 -6.09 -17.43 13.42
N TYR C 380 -4.93 -16.84 13.16
CA TYR C 380 -3.85 -16.72 14.13
C TYR C 380 -3.39 -15.27 14.16
N ASN C 381 -3.54 -14.62 15.31
CA ASN C 381 -3.21 -13.21 15.47
C ASN C 381 -2.06 -13.07 16.45
N PHE C 382 -0.96 -12.49 15.98
CA PHE C 382 0.25 -12.29 16.78
C PHE C 382 0.48 -10.79 16.93
N PRO C 383 -0.09 -10.17 17.95
CA PRO C 383 0.03 -8.71 18.09
C PRO C 383 1.41 -8.32 18.60
N PRO C 384 1.78 -7.05 18.52
CA PRO C 384 3.14 -6.65 18.91
C PRO C 384 3.36 -6.64 20.40
N TYR C 385 2.30 -6.55 21.21
CA TYR C 385 2.47 -6.51 22.64
C TYR C 385 2.80 -7.86 23.24
N SER C 386 2.73 -8.93 22.43
CA SER C 386 3.00 -10.26 22.93
C SER C 386 4.45 -10.43 23.33
N VAL C 387 5.33 -9.59 22.78
CA VAL C 387 6.77 -9.65 23.02
C VAL C 387 7.28 -8.37 23.65
N GLY C 388 6.38 -7.46 24.00
CA GLY C 388 6.77 -6.21 24.64
C GLY C 388 7.26 -5.16 23.68
N GLU C 389 6.63 -5.05 22.50
CA GLU C 389 7.11 -4.16 21.46
C GLU C 389 5.93 -3.39 20.88
N THR C 390 6.26 -2.37 20.08
CA THR C 390 5.32 -1.55 19.36
C THR C 390 5.48 -1.80 17.87
N GLY C 391 4.37 -1.75 17.14
CA GLY C 391 4.44 -1.91 15.70
C GLY C 391 3.06 -1.96 15.08
N MET C 392 3.02 -2.46 13.84
CA MET C 392 1.78 -2.47 13.08
C MET C 392 0.86 -3.58 13.55
N VAL C 393 -0.42 -3.27 13.68
CA VAL C 393 -1.44 -4.21 14.12
C VAL C 393 -2.31 -4.57 12.94
N GLY C 394 -2.49 -5.87 12.70
CA GLY C 394 -3.34 -6.34 11.64
C GLY C 394 -2.63 -6.73 10.37
N SER C 395 -1.30 -6.75 10.37
CA SER C 395 -0.54 -7.19 9.22
C SER C 395 0.03 -8.57 9.49
N PRO C 396 -0.46 -9.62 8.85
CA PRO C 396 0.08 -10.96 9.12
C PRO C 396 1.32 -11.23 8.28
N LYS C 397 2.48 -11.35 8.92
CA LYS C 397 3.69 -11.68 8.19
C LYS C 397 3.64 -13.15 7.76
N ARG C 398 4.69 -13.60 7.07
CA ARG C 398 4.75 -14.99 6.62
C ARG C 398 4.78 -15.96 7.79
N ARG C 399 5.53 -15.66 8.85
CA ARG C 399 5.59 -16.54 10.00
C ARG C 399 4.24 -16.67 10.70
N GLU C 400 3.51 -15.56 10.83
CA GLU C 400 2.18 -15.61 11.43
C GLU C 400 1.19 -16.41 10.61
N ILE C 401 1.46 -16.62 9.33
CA ILE C 401 0.60 -17.47 8.51
C ILE C 401 1.04 -18.93 8.60
N GLY C 402 2.35 -19.17 8.57
CA GLY C 402 2.83 -20.54 8.70
C GLY C 402 2.48 -21.15 10.05
N HIS C 403 2.55 -20.35 11.12
CA HIS C 403 2.17 -20.84 12.44
C HIS C 403 0.70 -21.17 12.52
N GLY C 404 -0.16 -20.33 11.94
CA GLY C 404 -1.57 -20.63 11.90
C GLY C 404 -1.87 -21.90 11.12
N ARG C 405 -1.19 -22.09 9.98
CA ARG C 405 -1.37 -23.31 9.22
C ARG C 405 -0.92 -24.53 10.01
N LEU C 406 0.19 -24.43 10.73
CA LEU C 406 0.66 -25.55 11.53
C LEU C 406 -0.33 -25.88 12.63
N ALA C 407 -0.87 -24.88 13.31
CA ALA C 407 -1.88 -25.14 14.33
C ALA C 407 -3.12 -25.79 13.74
N LYS C 408 -3.55 -25.33 12.56
CA LYS C 408 -4.71 -25.93 11.93
C LYS C 408 -4.43 -27.38 11.55
N ARG C 409 -3.22 -27.66 11.06
CA ARG C 409 -2.82 -29.05 10.81
C ARG C 409 -2.85 -29.87 12.08
N GLY C 410 -2.52 -29.24 13.21
CA GLY C 410 -2.47 -29.97 14.47
C GLY C 410 -3.85 -30.33 14.97
N VAL C 411 -4.84 -29.47 14.70
CA VAL C 411 -6.19 -29.69 15.23
C VAL C 411 -7.11 -30.36 14.20
N LEU C 412 -6.72 -30.40 12.93
CA LEU C 412 -7.59 -30.93 11.87
C LEU C 412 -7.91 -32.40 12.04
N ALA C 413 -7.03 -33.17 12.68
CA ALA C 413 -7.22 -34.61 12.72
C ALA C 413 -8.35 -35.06 13.63
N VAL C 414 -8.74 -34.23 14.60
CA VAL C 414 -9.76 -34.62 15.57
C VAL C 414 -11.08 -33.91 15.34
N MET C 415 -11.18 -33.10 14.28
CA MET C 415 -12.41 -32.37 14.04
C MET C 415 -13.51 -33.33 13.62
N PRO C 416 -14.75 -33.09 14.05
CA PRO C 416 -15.85 -34.00 13.72
C PRO C 416 -16.20 -33.97 12.24
N ASP C 417 -16.66 -35.12 11.74
CA ASP C 417 -17.03 -35.21 10.34
C ASP C 417 -18.33 -34.46 10.09
N MET C 418 -18.53 -34.04 8.84
CA MET C 418 -19.69 -33.20 8.52
C MET C 418 -21.00 -33.90 8.86
N ASP C 419 -21.07 -35.22 8.74
CA ASP C 419 -22.32 -35.92 9.01
C ASP C 419 -22.71 -35.77 10.48
N LYS C 420 -21.75 -35.98 11.38
CA LYS C 420 -22.01 -35.88 12.81
C LYS C 420 -22.22 -34.43 13.23
N PHE C 421 -21.36 -33.54 12.76
CA PHE C 421 -21.48 -32.11 13.04
C PHE C 421 -21.60 -31.34 11.73
N PRO C 422 -22.78 -30.83 11.39
CA PRO C 422 -22.97 -30.18 10.09
C PRO C 422 -22.80 -28.67 10.10
N TYR C 423 -21.98 -28.15 11.00
CA TYR C 423 -21.82 -26.70 11.14
C TYR C 423 -20.40 -26.28 10.79
N THR C 424 -20.26 -24.99 10.50
CA THR C 424 -18.96 -24.39 10.22
C THR C 424 -18.35 -23.86 11.50
N VAL C 425 -17.07 -24.13 11.71
CA VAL C 425 -16.36 -23.74 12.92
C VAL C 425 -15.21 -22.83 12.56
N ARG C 426 -15.12 -21.69 13.24
CA ARG C 426 -14.02 -20.76 13.11
C ARG C 426 -13.31 -20.65 14.45
N VAL C 427 -12.01 -20.95 14.47
CA VAL C 427 -11.18 -20.85 15.66
C VAL C 427 -10.20 -19.70 15.45
N VAL C 428 -10.21 -18.75 16.36
CA VAL C 428 -9.31 -17.60 16.31
C VAL C 428 -8.43 -17.64 17.55
N SER C 429 -7.12 -17.51 17.34
CA SER C 429 -6.13 -17.60 18.42
C SER C 429 -5.33 -16.31 18.49
N GLU C 430 -5.55 -15.53 19.55
CA GLU C 430 -4.74 -14.36 19.83
C GLU C 430 -3.61 -14.75 20.76
N ILE C 431 -2.37 -14.52 20.33
CA ILE C 431 -1.19 -14.81 21.15
C ILE C 431 -0.95 -13.60 22.05
N THR C 432 -1.39 -13.71 23.30
CA THR C 432 -1.25 -12.61 24.25
C THR C 432 0.18 -12.49 24.77
N GLU C 433 0.86 -13.62 24.95
CA GLU C 433 2.28 -13.58 25.31
C GLU C 433 3.03 -14.62 24.49
N SER C 434 4.26 -14.30 24.14
CA SER C 434 5.08 -15.19 23.32
C SER C 434 6.50 -15.22 23.89
N ASN C 435 6.85 -16.32 24.55
CA ASN C 435 8.21 -16.62 24.94
C ASN C 435 8.50 -18.10 24.73
N GLY C 436 8.05 -18.63 23.61
CA GLY C 436 8.18 -20.05 23.33
C GLY C 436 7.52 -20.41 22.02
N SER C 437 6.77 -21.50 22.01
CA SER C 437 6.00 -21.90 20.84
C SER C 437 4.59 -21.34 20.96
N SER C 438 4.30 -20.29 20.20
CA SER C 438 2.96 -19.74 20.21
C SER C 438 1.98 -20.64 19.45
N SER C 439 2.48 -21.39 18.46
CA SER C 439 1.61 -22.26 17.67
C SER C 439 1.16 -23.48 18.45
N MET C 440 2.02 -24.02 19.32
CA MET C 440 1.61 -25.18 20.11
C MET C 440 0.63 -24.76 21.20
N ALA C 441 0.86 -23.60 21.83
CA ALA C 441 -0.15 -23.04 22.71
C ALA C 441 -1.45 -22.78 21.96
N SER C 442 -1.36 -22.39 20.69
CA SER C 442 -2.56 -22.22 19.88
C SER C 442 -3.29 -23.53 19.70
N VAL C 443 -2.56 -24.62 19.47
CA VAL C 443 -3.20 -25.93 19.32
C VAL C 443 -3.91 -26.32 20.61
N CYS C 444 -3.23 -26.15 21.74
CA CYS C 444 -3.83 -26.51 23.03
C CYS C 444 -5.08 -25.67 23.30
N GLY C 445 -4.98 -24.36 23.07
CA GLY C 445 -6.12 -23.49 23.27
C GLY C 445 -7.26 -23.79 22.32
N ALA C 446 -6.94 -24.18 21.09
CA ALA C 446 -7.97 -24.56 20.13
C ALA C 446 -8.73 -25.78 20.60
N SER C 447 -8.01 -26.78 21.13
CA SER C 447 -8.69 -27.95 21.67
C SER C 447 -9.61 -27.55 22.82
N LEU C 448 -9.10 -26.72 23.73
CA LEU C 448 -9.90 -26.31 24.89
C LEU C 448 -11.13 -25.52 24.45
N ALA C 449 -10.96 -24.58 23.53
CA ALA C 449 -12.08 -23.75 23.07
C ALA C 449 -13.10 -24.59 22.33
N LEU C 450 -12.63 -25.56 21.52
CA LEU C 450 -13.55 -26.39 20.77
C LEU C 450 -14.38 -27.24 21.70
N MET C 451 -13.78 -27.72 22.79
CA MET C 451 -14.54 -28.50 23.75
C MET C 451 -15.51 -27.62 24.54
N ASP C 452 -15.08 -26.40 24.90
CA ASP C 452 -15.98 -25.46 25.55
C ASP C 452 -17.18 -25.12 24.68
N ALA C 453 -16.95 -24.95 23.38
CA ALA C 453 -18.03 -24.58 22.46
C ALA C 453 -18.98 -25.74 22.18
N GLY C 454 -18.62 -26.95 22.58
CA GLY C 454 -19.49 -28.09 22.40
C GLY C 454 -19.26 -28.85 21.13
N VAL C 455 -18.14 -28.64 20.45
CA VAL C 455 -17.85 -29.37 19.22
C VAL C 455 -17.46 -30.80 19.57
N PRO C 456 -18.04 -31.81 18.94
CA PRO C 456 -17.78 -33.22 19.33
C PRO C 456 -16.47 -33.76 18.76
N ILE C 457 -15.36 -33.17 19.19
CA ILE C 457 -14.06 -33.53 18.64
C ILE C 457 -13.67 -34.93 19.14
N LYS C 458 -12.97 -35.67 18.28
CA LYS C 458 -12.66 -37.07 18.58
C LYS C 458 -11.80 -37.21 19.83
N ALA C 459 -10.87 -36.28 20.05
CA ALA C 459 -10.04 -36.31 21.25
C ALA C 459 -9.39 -34.95 21.43
N ALA C 460 -8.83 -34.73 22.61
CA ALA C 460 -8.09 -33.51 22.88
C ALA C 460 -6.69 -33.61 22.30
N VAL C 461 -6.21 -32.50 21.75
CA VAL C 461 -4.91 -32.43 21.10
C VAL C 461 -4.08 -31.35 21.76
N ALA C 462 -2.78 -31.61 21.88
CA ALA C 462 -1.82 -30.66 22.43
C ALA C 462 -0.55 -30.75 21.61
N GLY C 463 0.27 -29.72 21.70
CA GLY C 463 1.51 -29.68 20.96
C GLY C 463 2.68 -29.29 21.83
N ILE C 464 3.87 -29.67 21.38
CA ILE C 464 5.12 -29.38 22.07
C ILE C 464 6.17 -28.96 21.05
N ALA C 465 6.93 -27.93 21.40
CA ALA C 465 8.07 -27.48 20.60
C ALA C 465 9.33 -27.97 21.27
N MET C 466 10.20 -28.60 20.49
CA MET C 466 11.37 -29.26 21.01
C MET C 466 12.57 -28.82 20.19
N GLY C 467 13.76 -29.02 20.78
CA GLY C 467 14.99 -28.68 20.09
C GLY C 467 16.04 -29.72 20.41
N LEU C 468 17.05 -29.78 19.55
CA LEU C 468 18.16 -30.69 19.76
C LEU C 468 19.45 -29.92 19.52
N VAL C 469 20.40 -30.08 20.45
CA VAL C 469 21.74 -29.49 20.36
C VAL C 469 22.75 -30.61 20.20
N LYS C 470 23.58 -30.52 19.17
CA LYS C 470 24.55 -31.57 18.87
C LYS C 470 25.96 -31.01 18.70
N GLU C 471 26.93 -31.80 19.13
CA GLU C 471 28.34 -31.49 18.98
C GLU C 471 29.06 -32.83 18.92
N GLY C 472 29.71 -33.12 17.80
CA GLY C 472 30.30 -34.43 17.62
C GLY C 472 29.23 -35.50 17.73
N ASP C 473 29.48 -36.50 18.57
CA ASP C 473 28.51 -37.56 18.83
C ASP C 473 27.62 -37.30 20.04
N ASN C 474 27.77 -36.15 20.70
CA ASN C 474 27.02 -35.84 21.90
C ASN C 474 25.85 -34.92 21.56
N TYR C 475 24.65 -35.28 22.03
CA TYR C 475 23.46 -34.49 21.74
C TYR C 475 22.58 -34.42 22.98
N VAL C 476 21.86 -33.30 23.10
CA VAL C 476 20.90 -33.09 24.18
C VAL C 476 19.59 -32.61 23.59
N VAL C 477 18.51 -33.31 23.90
CA VAL C 477 17.17 -32.96 23.44
C VAL C 477 16.51 -32.09 24.51
N LEU C 478 16.10 -30.89 24.13
CA LEU C 478 15.55 -29.91 25.05
C LEU C 478 14.05 -29.76 24.82
N SER C 479 13.27 -29.91 25.88
CA SER C 479 11.82 -29.80 25.81
C SER C 479 11.33 -28.39 26.12
N ASP C 480 10.30 -27.95 25.42
CA ASP C 480 9.69 -26.63 25.61
C ASP C 480 10.72 -25.52 25.47
N ILE C 481 11.34 -25.45 24.29
CA ILE C 481 12.38 -24.47 24.06
C ILE C 481 11.81 -23.06 24.17
N LEU C 482 12.60 -22.15 24.74
CA LEU C 482 12.18 -20.79 24.96
C LEU C 482 12.46 -19.92 23.74
N GLY C 483 12.01 -18.67 23.80
CA GLY C 483 12.25 -17.73 22.73
C GLY C 483 13.69 -17.27 22.66
N ASP C 484 14.46 -17.49 23.72
CA ASP C 484 15.86 -17.10 23.79
C ASP C 484 16.79 -18.28 23.61
N GLU C 485 16.25 -19.44 23.25
CA GLU C 485 17.02 -20.66 23.03
C GLU C 485 17.00 -21.07 21.57
N ASP C 486 16.65 -20.13 20.67
CA ASP C 486 16.57 -20.44 19.25
C ASP C 486 17.94 -20.82 18.70
N HIS C 487 18.99 -20.14 19.16
CA HIS C 487 20.34 -20.48 18.73
C HIS C 487 20.66 -21.91 19.13
N LEU C 488 20.13 -22.36 20.26
CA LEU C 488 20.38 -23.71 20.78
C LEU C 488 19.51 -24.75 20.10
N GLY C 489 19.36 -24.67 18.79
CA GLY C 489 18.48 -25.59 18.12
C GLY C 489 19.07 -26.15 16.85
N ASP C 490 19.91 -27.18 16.96
CA ASP C 490 20.41 -27.82 15.75
C ASP C 490 19.27 -28.45 14.98
N MET C 491 18.36 -29.12 15.69
CA MET C 491 17.12 -29.59 15.09
C MET C 491 15.96 -28.98 15.87
N ASP C 492 15.06 -28.29 15.17
CA ASP C 492 13.88 -27.73 15.83
C ASP C 492 12.64 -28.44 15.29
N PHE C 493 11.90 -29.10 16.18
CA PHE C 493 10.73 -29.86 15.75
C PHE C 493 9.53 -29.48 16.60
N LYS C 494 8.35 -29.50 16.00
CA LYS C 494 7.11 -29.09 16.67
C LYS C 494 6.12 -30.22 16.42
N VAL C 495 5.89 -31.05 17.45
CA VAL C 495 4.98 -32.18 17.33
C VAL C 495 3.66 -31.89 18.02
N ALA C 496 2.56 -32.01 17.27
CA ALA C 496 1.23 -31.92 17.84
C ALA C 496 0.59 -33.31 17.82
N GLY C 497 -0.47 -33.48 18.59
CA GLY C 497 -1.15 -34.76 18.56
C GLY C 497 -2.04 -34.96 19.77
N SER C 498 -2.71 -36.10 19.77
CA SER C 498 -3.59 -36.51 20.85
C SER C 498 -2.85 -37.49 21.76
N ARG C 499 -3.59 -38.18 22.62
CA ARG C 499 -2.98 -39.18 23.48
C ARG C 499 -2.63 -40.47 22.76
N ASP C 500 -3.11 -40.65 21.52
CA ASP C 500 -2.89 -41.89 20.80
C ASP C 500 -2.19 -41.74 19.46
N GLY C 501 -1.81 -40.53 19.06
CA GLY C 501 -1.10 -40.39 17.81
C GLY C 501 -0.72 -38.95 17.54
N ILE C 502 0.17 -38.80 16.57
CA ILE C 502 0.65 -37.51 16.12
C ILE C 502 -0.30 -36.97 15.06
N SER C 503 -0.59 -35.67 15.14
CA SER C 503 -1.47 -35.04 14.15
C SER C 503 -0.74 -34.08 13.24
N ALA C 504 0.40 -33.54 13.67
CA ALA C 504 1.18 -32.62 12.85
C ALA C 504 2.64 -32.75 13.26
N LEU C 505 3.53 -32.65 12.29
CA LEU C 505 4.96 -32.67 12.58
C LEU C 505 5.70 -31.70 11.68
N GLN C 506 6.46 -30.80 12.29
CA GLN C 506 7.32 -29.87 11.56
C GLN C 506 8.73 -30.02 12.09
N MET C 507 9.69 -30.25 11.20
CA MET C 507 11.10 -30.34 11.58
C MET C 507 11.94 -29.47 10.66
N ASP C 508 12.91 -28.76 11.26
CA ASP C 508 13.86 -27.92 10.55
C ASP C 508 15.26 -28.25 11.08
N ILE C 509 16.03 -29.02 10.33
CA ILE C 509 17.35 -29.46 10.74
C ILE C 509 18.41 -28.63 10.04
N LYS C 510 19.33 -28.05 10.81
CA LYS C 510 20.34 -27.16 10.25
C LYS C 510 21.74 -27.76 10.29
N ILE C 511 21.87 -29.02 10.70
CA ILE C 511 23.15 -29.69 10.84
C ILE C 511 23.07 -31.04 10.15
N GLU C 512 24.22 -31.71 10.06
CA GLU C 512 24.30 -33.06 9.54
C GLU C 512 24.61 -34.04 10.66
N GLY C 513 24.22 -35.30 10.45
CA GLY C 513 24.46 -36.34 11.41
C GLY C 513 23.25 -36.80 12.21
N ILE C 514 22.06 -36.29 11.91
CA ILE C 514 20.85 -36.68 12.63
C ILE C 514 20.36 -38.03 12.10
N THR C 515 20.79 -39.10 12.73
CA THR C 515 20.40 -40.44 12.31
C THR C 515 18.97 -40.74 12.76
N LYS C 516 18.51 -41.97 12.48
CA LYS C 516 17.15 -42.34 12.85
C LYS C 516 17.01 -42.58 14.34
N GLU C 517 18.05 -43.07 15.01
CA GLU C 517 17.98 -43.28 16.45
C GLU C 517 17.81 -41.95 17.18
N ILE C 518 18.48 -40.92 16.68
CA ILE C 518 18.36 -39.60 17.29
C ILE C 518 16.93 -39.10 17.19
N MET C 519 16.31 -39.27 16.02
CA MET C 519 14.91 -38.87 15.86
C MET C 519 13.99 -39.73 16.73
N GLN C 520 14.32 -41.00 16.94
CA GLN C 520 13.49 -41.82 17.82
C GLN C 520 13.51 -41.26 19.23
N VAL C 521 14.71 -40.94 19.73
CA VAL C 521 14.84 -40.40 21.07
C VAL C 521 14.11 -39.07 21.18
N ALA C 522 14.29 -38.20 20.18
CA ALA C 522 13.71 -36.88 20.25
C ALA C 522 12.18 -36.94 20.22
N LEU C 523 11.60 -37.90 19.49
CA LEU C 523 10.16 -37.90 19.38
C LEU C 523 9.54 -38.71 20.49
N ASN C 524 10.35 -39.49 21.21
CA ASN C 524 9.80 -40.16 22.38
C ASN C 524 9.76 -39.18 23.53
N GLN C 525 10.84 -38.39 23.69
CA GLN C 525 10.80 -37.33 24.68
C GLN C 525 9.67 -36.34 24.38
N ALA C 526 9.40 -36.10 23.09
CA ALA C 526 8.30 -35.20 22.73
C ALA C 526 6.95 -35.84 23.06
N LYS C 527 6.84 -37.16 22.90
CA LYS C 527 5.61 -37.83 23.28
C LYS C 527 5.36 -37.68 24.78
N GLY C 528 6.41 -37.87 25.58
CA GLY C 528 6.24 -37.74 27.02
C GLY C 528 5.82 -36.33 27.41
N ALA C 529 6.36 -35.33 26.70
CA ALA C 529 5.99 -33.94 26.98
C ALA C 529 4.52 -33.71 26.64
N ARG C 530 4.12 -34.16 25.45
CA ARG C 530 2.75 -33.95 25.00
C ARG C 530 1.78 -34.64 25.96
N LEU C 531 2.10 -35.85 26.41
CA LEU C 531 1.19 -36.57 27.29
C LEU C 531 1.09 -35.90 28.65
N HIS C 532 2.18 -35.28 29.12
CA HIS C 532 2.11 -34.48 30.34
C HIS C 532 1.17 -33.30 30.16
N ILE C 533 1.31 -32.57 29.05
CA ILE C 533 0.45 -31.41 28.83
C ILE C 533 -1.00 -31.85 28.73
N LEU C 534 -1.24 -32.95 28.02
CA LEU C 534 -2.61 -33.42 27.81
C LEU C 534 -3.25 -33.85 29.12
N GLY C 535 -2.47 -34.47 30.01
CA GLY C 535 -3.01 -34.85 31.30
C GLY C 535 -3.32 -33.66 32.18
N VAL C 536 -2.42 -32.68 32.21
CA VAL C 536 -2.73 -31.44 32.93
C VAL C 536 -4.00 -30.80 32.37
N MET C 537 -4.14 -30.81 31.04
CA MET C 537 -5.28 -30.20 30.37
C MET C 537 -6.59 -30.94 30.64
N GLU C 538 -6.52 -32.25 30.81
CA GLU C 538 -7.73 -33.05 31.00
C GLU C 538 -8.48 -32.67 32.27
N GLN C 539 -7.78 -32.21 33.29
CA GLN C 539 -8.43 -31.86 34.55
C GLN C 539 -9.43 -30.71 34.38
N ALA C 540 -9.07 -29.70 33.59
CA ALA C 540 -9.97 -28.57 33.39
C ALA C 540 -11.23 -28.97 32.65
N ILE C 541 -11.07 -29.64 31.51
CA ILE C 541 -12.20 -30.12 30.72
C ILE C 541 -11.84 -31.48 30.14
N ASN C 542 -12.81 -32.39 30.12
CA ASN C 542 -12.59 -33.75 29.65
C ASN C 542 -13.49 -34.17 28.51
N ALA C 543 -14.62 -33.49 28.29
CA ALA C 543 -15.53 -33.87 27.22
C ALA C 543 -16.22 -32.60 26.70
N PRO C 544 -16.72 -32.63 25.47
CA PRO C 544 -17.44 -31.47 24.94
C PRO C 544 -18.78 -31.29 25.64
N ARG C 545 -19.11 -30.02 25.92
CA ARG C 545 -20.39 -29.69 26.50
C ARG C 545 -21.50 -29.83 25.47
N GLY C 546 -22.72 -30.03 25.94
CA GLY C 546 -23.85 -30.09 25.03
C GLY C 546 -24.41 -28.73 24.68
N ASP C 547 -23.68 -27.96 23.87
CA ASP C 547 -24.05 -26.59 23.50
C ASP C 547 -23.90 -26.42 22.00
N ILE C 548 -24.83 -26.98 21.23
CA ILE C 548 -24.80 -26.88 19.78
C ILE C 548 -25.38 -25.54 19.36
N SER C 549 -25.19 -25.16 18.10
CA SER C 549 -25.76 -23.93 17.57
C SER C 549 -26.33 -24.14 16.17
N ASN D 1 5.55 -25.97 -36.25
CA ASN D 1 5.26 -25.26 -35.00
C ASN D 1 6.45 -24.43 -34.52
N HIS D 2 7.48 -24.33 -35.35
CA HIS D 2 8.68 -23.58 -35.03
C HIS D 2 9.18 -22.86 -36.27
N ALA D 3 9.75 -21.67 -36.06
CA ALA D 3 10.33 -20.90 -37.15
C ALA D 3 11.35 -19.94 -36.56
N THR D 4 12.55 -19.92 -37.14
CA THR D 4 13.61 -19.02 -36.70
C THR D 4 13.95 -18.08 -37.86
N ALA D 5 14.79 -17.09 -37.59
CA ALA D 5 15.26 -16.17 -38.61
C ALA D 5 16.56 -15.53 -38.17
N PRO D 6 17.57 -15.48 -39.03
CA PRO D 6 18.85 -14.85 -38.64
C PRO D 6 18.72 -13.34 -38.51
N MET D 7 19.86 -12.68 -38.24
CA MET D 7 19.92 -11.22 -38.19
C MET D 7 19.90 -10.71 -39.63
N THR D 8 18.74 -10.27 -40.09
CA THR D 8 18.56 -9.89 -41.48
C THR D 8 18.12 -8.43 -41.59
N ARG D 9 18.40 -7.87 -42.77
CA ARG D 9 18.02 -6.50 -43.10
C ARG D 9 16.61 -6.45 -43.64
N ALA D 10 15.82 -5.50 -43.13
CA ALA D 10 14.46 -5.30 -43.58
C ALA D 10 14.34 -3.97 -44.32
N PRO D 11 14.79 -3.90 -45.57
CA PRO D 11 14.77 -2.63 -46.29
C PRO D 11 13.35 -2.07 -46.41
N ALA D 12 13.26 -0.75 -46.36
CA ALA D 12 11.96 -0.10 -46.49
C ALA D 12 11.40 -0.35 -47.87
N PRO D 13 10.10 -0.64 -47.99
CA PRO D 13 9.51 -0.92 -49.30
C PRO D 13 9.43 0.35 -50.13
N GLU D 14 9.17 0.17 -51.43
CA GLU D 14 9.01 1.30 -52.32
C GLU D 14 7.71 2.03 -51.99
N TYR D 15 7.80 3.35 -51.89
CA TYR D 15 6.66 4.17 -51.49
C TYR D 15 5.83 4.55 -52.71
N VAL D 16 4.52 4.51 -52.55
CA VAL D 16 3.59 4.91 -53.61
C VAL D 16 2.55 5.88 -53.06
N PRO D 17 2.68 7.17 -53.36
CA PRO D 17 1.74 8.16 -52.81
C PRO D 17 0.29 7.77 -53.06
N GLU D 18 -0.55 7.98 -52.05
CA GLU D 18 -1.95 7.60 -52.16
C GLU D 18 -2.71 8.62 -53.00
N ALA D 19 -3.76 8.14 -53.66
CA ALA D 19 -4.62 9.03 -54.44
C ALA D 19 -5.61 9.72 -53.52
N PRO D 20 -5.72 11.05 -53.59
CA PRO D 20 -6.60 11.75 -52.65
C PRO D 20 -8.03 11.24 -52.73
N ARG D 21 -8.58 10.90 -51.57
CA ARG D 21 -9.91 10.33 -51.47
C ARG D 21 -10.97 11.41 -51.33
N HIS D 22 -12.14 11.16 -51.93
CA HIS D 22 -13.24 12.11 -51.93
C HIS D 22 -14.44 11.49 -51.22
N SER D 23 -15.09 12.29 -50.37
CA SER D 23 -16.30 11.87 -49.68
C SER D 23 -17.34 12.98 -49.77
N ASP D 24 -18.60 12.60 -49.63
CA ASP D 24 -19.70 13.54 -49.61
C ASP D 24 -20.38 13.64 -48.25
N TRP D 25 -20.09 12.72 -47.34
CA TRP D 25 -20.74 12.69 -46.04
C TRP D 25 -20.57 14.02 -45.31
N GLN D 26 -21.63 14.48 -44.68
CA GLN D 26 -21.61 15.67 -43.84
C GLN D 26 -21.91 15.26 -42.41
N ARG D 27 -21.01 15.59 -41.49
CA ARG D 27 -21.16 15.15 -40.12
C ARG D 27 -22.39 15.79 -39.50
N PRO D 28 -23.28 15.02 -38.88
CA PRO D 28 -24.43 15.62 -38.21
C PRO D 28 -24.00 16.53 -37.07
N THR D 29 -24.71 17.65 -36.94
CA THR D 29 -24.37 18.61 -35.89
C THR D 29 -24.78 18.07 -34.53
N PHE D 30 -24.01 18.42 -33.51
CA PHE D 30 -24.27 17.95 -32.16
C PHE D 30 -25.35 18.81 -31.52
N ALA D 31 -26.39 18.15 -30.98
CA ALA D 31 -27.47 18.86 -30.30
C ALA D 31 -27.17 18.88 -28.81
N PHE D 32 -26.75 20.05 -28.31
CA PHE D 32 -26.50 20.25 -26.88
C PHE D 32 -27.24 21.51 -26.43
N GLU D 33 -28.24 21.34 -25.56
CA GLU D 33 -28.93 22.46 -24.95
C GLU D 33 -28.72 22.38 -23.44
N GLY D 34 -27.81 23.20 -22.93
CA GLY D 34 -27.49 23.18 -21.51
C GLY D 34 -26.68 24.40 -21.14
N LYS D 35 -26.37 24.52 -19.85
CA LYS D 35 -25.50 25.60 -19.40
C LYS D 35 -24.12 25.50 -20.04
N GLY D 36 -23.58 24.28 -20.09
CA GLY D 36 -22.24 24.04 -20.60
C GLY D 36 -21.15 24.35 -19.59
N ALA D 37 -21.14 25.57 -19.07
CA ALA D 37 -20.05 25.95 -18.17
C ALA D 37 -20.30 25.32 -16.80
N ALA D 38 -19.22 25.20 -16.02
CA ALA D 38 -19.33 24.54 -14.72
C ALA D 38 -18.66 25.29 -13.58
N GLY D 39 -18.17 26.49 -13.79
CA GLY D 39 -17.56 27.25 -12.72
C GLY D 39 -18.61 27.97 -11.90
N GLY D 40 -18.12 28.92 -11.10
CA GLY D 40 -19.02 29.68 -10.26
C GLY D 40 -19.69 30.85 -10.93
N HIS D 41 -19.26 31.24 -12.13
CA HIS D 41 -19.99 32.26 -12.86
C HIS D 41 -21.34 31.75 -13.33
N THR D 42 -21.61 30.46 -13.18
CA THR D 42 -22.83 29.82 -13.64
C THR D 42 -23.85 29.65 -12.54
N ALA D 43 -23.52 30.05 -11.31
CA ALA D 43 -24.42 29.84 -10.18
C ALA D 43 -25.78 30.44 -10.44
N THR D 44 -26.83 29.71 -10.05
CA THR D 44 -28.17 30.24 -10.15
C THR D 44 -28.49 31.19 -9.00
N HIS D 45 -27.92 30.94 -7.83
CA HIS D 45 -28.12 31.78 -6.66
C HIS D 45 -26.77 32.17 -6.10
N HIS D 46 -26.60 33.44 -5.76
CA HIS D 46 -25.32 33.93 -5.27
C HIS D 46 -25.56 34.97 -4.17
N ALA D 47 -24.87 34.80 -3.04
CA ALA D 47 -24.88 35.78 -1.99
C ALA D 47 -23.47 35.95 -1.45
N SER D 48 -23.18 37.13 -0.90
CA SER D 48 -21.86 37.41 -0.38
C SER D 48 -21.96 38.40 0.76
N ALA D 49 -20.92 38.44 1.60
CA ALA D 49 -20.89 39.35 2.72
C ALA D 49 -19.45 39.72 3.02
N ALA D 50 -19.25 40.97 3.44
CA ALA D 50 -17.91 41.45 3.77
C ALA D 50 -17.57 41.04 5.20
N PRO D 51 -16.27 40.97 5.55
CA PRO D 51 -15.90 40.68 6.94
C PRO D 51 -16.71 41.54 7.91
N ALA D 52 -17.45 40.91 8.81
CA ALA D 52 -18.35 41.65 9.68
C ALA D 52 -18.52 40.93 11.00
N ARG D 53 -19.09 41.65 11.95
CA ARG D 53 -19.41 41.24 13.30
C ARG D 53 -20.91 41.01 13.43
N PRO D 54 -21.33 39.94 14.10
CA PRO D 54 -22.77 39.65 14.22
C PRO D 54 -23.56 40.83 14.75
N GLN D 55 -24.72 41.05 14.16
CA GLN D 55 -25.62 42.13 14.59
C GLN D 55 -25.96 42.04 16.07
#